data_1PZH
#
_entry.id   1PZH
#
_cell.length_a   68.068
_cell.length_b   125.121
_cell.length_c   86.597
_cell.angle_alpha   90.00
_cell.angle_beta   106.08
_cell.angle_gamma   90.00
#
_symmetry.space_group_name_H-M   'P 1 21 1'
#
loop_
_entity.id
_entity.type
_entity.pdbx_description
1 polymer 'lactate dehydrogenase'
2 non-polymer 'OXALATE ION'
3 non-polymer NICOTINAMIDE-ADENINE-DINUCLEOTIDE
4 water water
#
_entity_poly.entity_id   1
_entity_poly.type   'polypeptide(L)'
_entity_poly.pdbx_seq_one_letter_code
;MAPALVQRRKKVAMIGSGMIGGTMGYLCALRELADVVLYDVVKGMPEGKALDLSHVTSVVDTNVSVRAEYSYEAALTGAD
CVIVTAGLTKVPGKPDSEWSRNDLLPFNSKIIREIGQNIKKYCPKTFIIVVTNPLDCMVKVMCEASGVPTNMICGMACML
DSGRFRRYVADALSVSPRDVQATVIGTHGDCMVPLVRYITVNGYPIQKFIKDGVVTEKQLEEIAEHTKVSGGEIVRFLGQ
GSAYYAPAASAVAMATSFLNDEKRVIPCSVYCNGEYGLKDMFIGLPAVIGGAGIERVIELELNEEEKKQFQKSVDDVMAL
NKAVAALQAPG
;
_entity_poly.pdbx_strand_id   A,B,C,D
#
# COMPACT_ATOMS: atom_id res chain seq x y z
N PRO A 3 26.57 -5.46 15.96
CA PRO A 3 25.77 -4.22 15.82
C PRO A 3 26.07 -3.47 14.51
N ALA A 4 26.85 -4.06 13.60
CA ALA A 4 27.16 -3.42 12.32
C ALA A 4 25.94 -3.36 11.37
N LEU A 5 25.66 -2.17 10.86
CA LEU A 5 24.52 -2.00 9.95
C LEU A 5 24.77 -2.70 8.63
N VAL A 6 23.82 -3.53 8.22
CA VAL A 6 23.96 -4.27 6.99
C VAL A 6 23.03 -3.73 5.90
N GLN A 7 21.81 -3.35 6.27
CA GLN A 7 20.85 -2.81 5.33
C GLN A 7 20.53 -1.37 5.75
N ARG A 8 21.07 -0.42 5.02
CA ARG A 8 20.86 1.00 5.34
C ARG A 8 19.64 1.52 4.56
N ARG A 9 18.80 2.33 5.18
CA ARG A 9 17.66 2.88 4.44
C ARG A 9 18.15 3.79 3.33
N LYS A 10 17.34 3.96 2.29
CA LYS A 10 17.72 4.88 1.22
C LYS A 10 17.57 6.28 1.82
N LYS A 11 18.27 7.25 1.25
CA LYS A 11 18.20 8.64 1.72
C LYS A 11 17.91 9.57 0.54
N VAL A 12 16.87 10.39 0.67
CA VAL A 12 16.51 11.33 -0.38
C VAL A 12 16.64 12.74 0.19
N ALA A 13 17.39 13.60 -0.50
CA ALA A 13 17.54 14.98 -0.03
C ALA A 13 16.64 15.92 -0.84
N MET A 14 15.82 16.70 -0.12
CA MET A 14 14.94 17.69 -0.75
C MET A 14 15.67 19.04 -0.64
N ILE A 15 16.28 19.49 -1.74
CA ILE A 15 17.00 20.79 -1.74
C ILE A 15 15.91 21.75 -2.22
N GLY A 16 15.35 22.45 -1.24
CA GLY A 16 14.21 23.32 -1.47
C GLY A 16 13.15 22.64 -0.58
N SER A 17 12.67 23.33 0.44
CA SER A 17 11.70 22.75 1.34
C SER A 17 10.42 23.55 1.36
N GLY A 18 10.05 24.10 0.20
CA GLY A 18 8.82 24.86 0.10
C GLY A 18 7.66 23.90 -0.09
N MET A 19 6.68 24.29 -0.90
CA MET A 19 5.51 23.44 -1.07
C MET A 19 5.84 22.06 -1.63
N ILE A 20 6.53 22.02 -2.75
CA ILE A 20 6.82 20.70 -3.35
C ILE A 20 7.80 19.88 -2.51
N GLY A 21 8.82 20.53 -1.96
CA GLY A 21 9.80 19.81 -1.16
C GLY A 21 9.14 19.16 0.07
N GLY A 22 8.34 19.93 0.77
CA GLY A 22 7.65 19.36 1.93
C GLY A 22 6.70 18.23 1.55
N THR A 23 5.98 18.42 0.44
CA THR A 23 5.03 17.40 -0.02
C THR A 23 5.75 16.10 -0.40
N MET A 24 6.94 16.21 -1.00
CA MET A 24 7.69 15.00 -1.33
C MET A 24 8.14 14.32 -0.04
N GLY A 25 8.50 15.12 0.96
CA GLY A 25 8.92 14.55 2.25
C GLY A 25 7.75 13.75 2.82
N TYR A 26 6.55 14.30 2.67
CA TYR A 26 5.33 13.65 3.16
C TYR A 26 5.15 12.28 2.46
N LEU A 27 5.31 12.21 1.14
CA LEU A 27 5.14 10.92 0.46
C LEU A 27 6.16 9.91 0.97
N CYS A 28 7.40 10.37 1.21
CA CYS A 28 8.43 9.44 1.68
C CYS A 28 8.06 8.88 3.06
N ALA A 29 7.55 9.75 3.93
CA ALA A 29 7.16 9.29 5.26
C ALA A 29 5.94 8.37 5.21
N LEU A 30 4.98 8.72 4.37
CA LEU A 30 3.73 7.92 4.27
C LEU A 30 3.99 6.52 3.78
N ARG A 31 4.94 6.40 2.85
CA ARG A 31 5.26 5.11 2.23
C ARG A 31 6.51 4.43 2.81
N GLU A 32 7.16 5.04 3.78
CA GLU A 32 8.39 4.50 4.37
C GLU A 32 9.41 4.25 3.24
N LEU A 33 9.43 5.16 2.29
CA LEU A 33 10.32 5.03 1.15
C LEU A 33 11.79 5.30 1.44
N ALA A 34 12.05 6.21 2.37
CA ALA A 34 13.43 6.59 2.61
C ALA A 34 13.53 7.61 3.71
N ASP A 35 14.73 7.72 4.26
CA ASP A 35 15.00 8.80 5.22
C ASP A 35 14.97 10.09 4.37
N VAL A 36 14.55 11.18 4.99
CA VAL A 36 14.40 12.45 4.30
C VAL A 36 15.18 13.58 4.98
N VAL A 37 15.84 14.42 4.18
CA VAL A 37 16.49 15.60 4.70
C VAL A 37 15.82 16.78 3.98
N LEU A 38 15.44 17.81 4.73
CA LEU A 38 14.84 19.03 4.18
C LEU A 38 15.89 20.14 4.34
N TYR A 39 16.27 20.74 3.22
CA TYR A 39 17.26 21.80 3.23
C TYR A 39 16.64 23.02 2.57
N ASP A 40 16.85 24.21 3.14
CA ASP A 40 16.33 25.42 2.50
C ASP A 40 17.22 26.58 3.00
N VAL A 41 17.19 27.71 2.31
CA VAL A 41 17.94 28.85 2.78
C VAL A 41 17.11 29.59 3.85
N VAL A 42 15.81 29.34 3.88
CA VAL A 42 14.97 29.99 4.87
C VAL A 42 15.16 29.22 6.18
N LYS A 43 15.48 29.93 7.25
CA LYS A 43 15.70 29.28 8.53
C LYS A 43 14.40 29.06 9.28
N GLY A 44 14.42 28.01 10.08
CA GLY A 44 13.27 27.67 10.89
C GLY A 44 12.20 26.86 10.18
N MET A 45 11.74 27.32 9.01
CA MET A 45 10.65 26.60 8.36
C MET A 45 10.93 25.10 8.08
N PRO A 46 12.12 24.76 7.59
CA PRO A 46 12.40 23.32 7.33
C PRO A 46 12.31 22.48 8.62
N GLU A 47 12.74 23.07 9.72
CA GLU A 47 12.70 22.37 10.99
C GLU A 47 11.25 22.11 11.42
N GLY A 48 10.38 23.09 11.21
CA GLY A 48 8.99 22.92 11.57
C GLY A 48 8.36 21.83 10.72
N LYS A 49 8.65 21.83 9.40
CA LYS A 49 8.09 20.80 8.54
C LYS A 49 8.67 19.41 8.86
N ALA A 50 9.96 19.36 9.21
CA ALA A 50 10.58 18.09 9.53
C ALA A 50 9.96 17.51 10.80
N LEU A 51 9.62 18.38 11.75
CA LEU A 51 8.97 17.92 12.98
C LEU A 51 7.60 17.32 12.64
N ASP A 52 6.84 18.07 11.85
CA ASP A 52 5.48 17.69 11.44
C ASP A 52 5.53 16.32 10.71
N LEU A 53 6.46 16.16 9.79
CA LEU A 53 6.61 14.92 9.03
C LEU A 53 7.06 13.77 9.95
N SER A 54 7.93 14.07 10.93
CA SER A 54 8.36 13.01 11.81
C SER A 54 7.15 12.48 12.59
N HIS A 55 6.21 13.37 12.92
CA HIS A 55 5.01 12.99 13.64
C HIS A 55 4.12 12.11 12.74
N VAL A 56 4.13 12.36 11.44
CA VAL A 56 3.34 11.54 10.53
C VAL A 56 3.75 10.06 10.63
N THR A 57 5.04 9.79 10.80
CA THR A 57 5.49 8.41 10.84
C THR A 57 4.79 7.61 11.93
N SER A 58 4.57 8.23 13.08
CA SER A 58 3.85 7.51 14.13
C SER A 58 2.41 7.30 13.69
N VAL A 59 1.79 8.38 13.25
CA VAL A 59 0.37 8.29 12.85
C VAL A 59 0.11 7.19 11.85
N VAL A 60 0.97 7.04 10.85
CA VAL A 60 0.75 5.99 9.83
C VAL A 60 1.62 4.77 10.04
N ASP A 61 2.23 4.67 11.21
CA ASP A 61 3.00 3.50 11.54
C ASP A 61 4.16 3.16 10.63
N THR A 62 4.99 4.14 10.31
CA THR A 62 6.17 3.83 9.49
C THR A 62 7.35 4.30 10.28
N ASN A 63 8.56 3.93 9.84
CA ASN A 63 9.72 4.46 10.51
C ASN A 63 10.82 4.96 9.56
N VAL A 64 10.86 6.27 9.31
CA VAL A 64 11.97 6.84 8.55
C VAL A 64 12.35 8.08 9.35
N SER A 65 13.55 8.59 9.11
CA SER A 65 14.04 9.77 9.79
C SER A 65 13.79 10.98 8.89
N VAL A 66 13.16 12.04 9.43
CA VAL A 66 12.94 13.26 8.66
C VAL A 66 13.66 14.33 9.47
N ARG A 67 14.64 14.96 8.83
CA ARG A 67 15.44 15.97 9.49
C ARG A 67 15.67 17.18 8.63
N ALA A 68 15.79 18.34 9.25
CA ALA A 68 16.11 19.54 8.49
C ALA A 68 17.64 19.66 8.63
N GLU A 69 18.32 20.15 7.60
CA GLU A 69 19.77 20.34 7.68
C GLU A 69 20.02 21.74 7.12
N TYR A 70 20.91 22.51 7.75
CA TYR A 70 21.12 23.85 7.22
C TYR A 70 22.36 24.06 6.37
N SER A 71 23.19 23.03 6.26
CA SER A 71 24.36 23.14 5.38
C SER A 71 24.22 22.19 4.17
N TYR A 72 24.84 22.53 3.05
CA TYR A 72 24.80 21.67 1.88
C TYR A 72 25.46 20.32 2.22
N GLU A 73 26.58 20.35 2.94
CA GLU A 73 27.26 19.09 3.27
C GLU A 73 26.36 18.15 4.06
N ALA A 74 25.70 18.64 5.11
CA ALA A 74 24.87 17.77 5.91
C ALA A 74 23.65 17.28 5.11
N ALA A 75 23.12 18.12 4.25
CA ALA A 75 21.94 17.71 3.49
C ALA A 75 22.28 16.72 2.37
N LEU A 76 23.42 16.92 1.72
CA LEU A 76 23.76 16.10 0.57
C LEU A 76 24.56 14.83 0.78
N THR A 77 25.42 14.80 1.79
CA THR A 77 26.23 13.60 1.99
C THR A 77 25.38 12.35 2.10
N GLY A 78 25.77 11.28 1.40
CA GLY A 78 25.00 10.05 1.49
C GLY A 78 23.64 9.98 0.79
N ALA A 79 23.26 11.02 0.07
CA ALA A 79 21.97 11.04 -0.62
C ALA A 79 21.96 10.12 -1.84
N ASP A 80 21.06 9.15 -1.82
CA ASP A 80 20.87 8.23 -2.96
C ASP A 80 20.23 8.99 -4.11
N CYS A 81 19.39 9.96 -3.75
CA CYS A 81 18.68 10.74 -4.76
C CYS A 81 18.52 12.16 -4.22
N VAL A 82 18.67 13.14 -5.09
CA VAL A 82 18.52 14.55 -4.68
C VAL A 82 17.42 15.14 -5.57
N ILE A 83 16.37 15.68 -4.96
CA ILE A 83 15.29 16.26 -5.76
C ILE A 83 15.33 17.77 -5.49
N VAL A 84 15.56 18.55 -6.54
CA VAL A 84 15.75 20.00 -6.42
C VAL A 84 14.56 20.86 -6.82
N THR A 85 13.99 21.54 -5.84
CA THR A 85 12.86 22.43 -6.06
C THR A 85 13.19 23.87 -5.66
N ALA A 86 14.43 24.13 -5.26
CA ALA A 86 14.80 25.48 -4.80
C ALA A 86 14.61 26.49 -5.91
N GLY A 87 14.00 27.62 -5.57
CA GLY A 87 13.83 28.66 -6.57
C GLY A 87 12.50 29.37 -6.46
N LEU A 88 12.32 30.41 -7.27
CA LEU A 88 11.09 31.20 -7.31
C LEU A 88 10.03 30.53 -8.16
N THR A 89 8.76 30.81 -7.85
CA THR A 89 7.63 30.27 -8.61
C THR A 89 6.99 31.35 -9.48
N LYS A 90 7.06 32.59 -9.01
CA LYS A 90 6.45 33.73 -9.72
C LYS A 90 7.40 34.94 -9.64
N VAL A 91 7.39 35.78 -10.67
CA VAL A 91 8.22 36.97 -10.61
C VAL A 91 7.40 37.96 -9.80
N PRO A 92 8.00 38.51 -8.73
CA PRO A 92 7.30 39.47 -7.87
C PRO A 92 6.79 40.65 -8.69
N GLY A 93 5.59 41.10 -8.35
CA GLY A 93 5.01 42.24 -9.04
C GLY A 93 4.30 41.98 -10.37
N LYS A 94 4.54 40.84 -11.01
CA LYS A 94 3.89 40.59 -12.30
C LYS A 94 2.47 40.06 -12.04
N PRO A 95 1.53 40.35 -12.94
CA PRO A 95 0.15 39.87 -12.73
C PRO A 95 0.05 38.39 -13.08
N ASP A 96 -0.80 37.68 -12.34
CA ASP A 96 -0.99 36.25 -12.57
C ASP A 96 -1.36 35.97 -14.01
N SER A 97 -2.06 36.92 -14.63
CA SER A 97 -2.48 36.77 -16.03
C SER A 97 -1.30 36.63 -16.97
N GLU A 98 -0.16 37.20 -16.59
CA GLU A 98 1.05 37.15 -17.42
C GLU A 98 2.10 36.16 -16.92
N TRP A 99 1.72 35.27 -16.01
CA TRP A 99 2.70 34.30 -15.48
C TRP A 99 3.35 33.47 -16.60
N SER A 100 4.67 33.40 -16.54
CA SER A 100 5.47 32.67 -17.52
C SER A 100 6.66 31.99 -16.82
N ARG A 101 6.84 30.69 -17.04
CA ARG A 101 7.93 30.02 -16.39
C ARG A 101 9.27 30.56 -16.85
N ASN A 102 9.35 30.93 -18.12
CA ASN A 102 10.64 31.43 -18.64
C ASN A 102 11.08 32.70 -17.94
N ASP A 103 10.13 33.47 -17.43
CA ASP A 103 10.50 34.69 -16.73
C ASP A 103 11.35 34.36 -15.51
N LEU A 104 11.32 33.12 -15.06
CA LEU A 104 12.07 32.73 -13.84
C LEU A 104 13.55 32.49 -14.08
N LEU A 105 13.93 32.40 -15.34
CA LEU A 105 15.29 32.13 -15.75
C LEU A 105 16.38 32.93 -15.05
N PRO A 106 16.29 34.29 -15.06
CA PRO A 106 17.36 35.04 -14.37
C PRO A 106 17.34 34.91 -12.85
N PHE A 107 16.21 34.51 -12.27
CA PHE A 107 16.15 34.35 -10.83
C PHE A 107 16.65 32.96 -10.32
N ASN A 108 16.47 31.93 -11.14
CA ASN A 108 16.79 30.58 -10.68
C ASN A 108 18.04 29.93 -11.22
N SER A 109 18.59 30.47 -12.31
CA SER A 109 19.75 29.81 -12.87
C SER A 109 20.95 29.79 -11.91
N LYS A 110 21.17 30.84 -11.15
CA LYS A 110 22.36 30.82 -10.26
C LYS A 110 22.20 29.83 -9.10
N ILE A 111 20.96 29.73 -8.61
CA ILE A 111 20.60 28.85 -7.49
C ILE A 111 20.87 27.41 -7.90
N ILE A 112 20.36 27.07 -9.08
CA ILE A 112 20.55 25.72 -9.58
C ILE A 112 22.02 25.41 -9.82
N ARG A 113 22.76 26.37 -10.38
CA ARG A 113 24.20 26.12 -10.61
C ARG A 113 24.91 25.86 -9.26
N GLU A 114 24.58 26.64 -8.25
CA GLU A 114 25.24 26.48 -6.96
C GLU A 114 24.96 25.10 -6.35
N ILE A 115 23.70 24.68 -6.42
CA ILE A 115 23.35 23.38 -5.87
C ILE A 115 24.16 22.30 -6.60
N GLY A 116 24.24 22.41 -7.94
CA GLY A 116 25.01 21.45 -8.72
C GLY A 116 26.45 21.36 -8.23
N GLN A 117 27.11 22.50 -8.04
CA GLN A 117 28.51 22.52 -7.55
C GLN A 117 28.67 21.79 -6.17
N ASN A 118 27.65 21.88 -5.33
CA ASN A 118 27.70 21.20 -4.06
C ASN A 118 27.49 19.69 -4.21
N ILE A 119 26.61 19.29 -5.12
CA ILE A 119 26.39 17.86 -5.36
C ILE A 119 27.70 17.23 -5.86
N LYS A 120 28.40 17.94 -6.71
CA LYS A 120 29.66 17.45 -7.30
C LYS A 120 30.67 17.06 -6.20
N LYS A 121 30.65 17.84 -5.14
CA LYS A 121 31.52 17.68 -4.00
C LYS A 121 31.00 16.66 -2.99
N TYR A 122 29.72 16.76 -2.62
CA TYR A 122 29.16 15.88 -1.58
C TYR A 122 28.49 14.56 -1.95
N CYS A 123 27.92 14.44 -3.15
CA CYS A 123 27.28 13.16 -3.49
C CYS A 123 27.31 13.01 -4.99
N PRO A 124 28.52 12.87 -5.55
CA PRO A 124 28.64 12.73 -7.00
C PRO A 124 28.00 11.48 -7.62
N LYS A 125 27.70 10.48 -6.78
CA LYS A 125 27.11 9.24 -7.26
C LYS A 125 25.58 9.24 -7.12
N THR A 126 25.01 10.39 -6.78
CA THR A 126 23.57 10.48 -6.63
C THR A 126 22.80 10.56 -7.97
N PHE A 127 21.48 10.32 -7.89
CA PHE A 127 20.60 10.46 -9.04
C PHE A 127 19.90 11.80 -8.77
N ILE A 128 20.02 12.73 -9.72
CA ILE A 128 19.42 14.05 -9.55
C ILE A 128 18.12 14.24 -10.34
N ILE A 129 17.07 14.70 -9.66
CA ILE A 129 15.80 14.97 -10.32
C ILE A 129 15.55 16.47 -10.13
N VAL A 130 15.62 17.23 -11.21
CA VAL A 130 15.40 18.67 -11.09
C VAL A 130 13.91 18.94 -11.27
N VAL A 131 13.39 19.87 -10.47
CA VAL A 131 11.97 20.27 -10.57
C VAL A 131 11.86 21.77 -10.89
N THR A 132 12.78 22.56 -10.34
CA THR A 132 12.80 24.01 -10.54
C THR A 132 12.60 24.47 -11.99
N ASN A 133 11.75 25.49 -12.18
CA ASN A 133 11.50 26.08 -13.50
C ASN A 133 12.48 27.20 -13.84
N PRO A 134 12.74 27.45 -15.14
CA PRO A 134 12.19 26.78 -16.33
C PRO A 134 12.91 25.44 -16.45
N LEU A 135 12.12 24.40 -16.32
CA LEU A 135 12.64 23.06 -16.21
C LEU A 135 13.76 22.56 -17.11
N ASP A 136 13.50 22.51 -18.41
CA ASP A 136 14.54 21.95 -19.30
C ASP A 136 15.86 22.74 -19.29
N CYS A 137 15.78 24.05 -19.13
CA CYS A 137 17.01 24.85 -19.07
C CYS A 137 17.72 24.55 -17.74
N MET A 138 16.96 24.43 -16.65
CA MET A 138 17.58 24.17 -15.35
C MET A 138 18.25 22.79 -15.28
N VAL A 139 17.68 21.79 -15.96
CA VAL A 139 18.30 20.45 -15.93
C VAL A 139 19.68 20.52 -16.57
N LYS A 140 19.81 21.29 -17.66
CA LYS A 140 21.12 21.42 -18.32
C LYS A 140 22.11 22.14 -17.41
N VAL A 141 21.67 23.20 -16.73
CA VAL A 141 22.57 23.94 -15.83
C VAL A 141 23.04 22.96 -14.72
N MET A 142 22.09 22.21 -14.18
CA MET A 142 22.43 21.26 -13.10
C MET A 142 23.44 20.22 -13.58
N CYS A 143 23.23 19.71 -14.78
CA CYS A 143 24.12 18.70 -15.33
C CYS A 143 25.54 19.25 -15.44
N GLU A 144 25.67 20.44 -16.04
CA GLU A 144 26.98 21.07 -16.21
C GLU A 144 27.69 21.36 -14.90
N ALA A 145 26.93 21.90 -13.94
CA ALA A 145 27.48 22.27 -12.65
C ALA A 145 27.82 21.07 -11.79
N SER A 146 26.96 20.05 -11.84
CA SER A 146 27.19 18.88 -10.97
C SER A 146 28.19 17.90 -11.53
N GLY A 147 28.37 17.88 -12.85
CA GLY A 147 29.30 16.94 -13.47
C GLY A 147 28.93 15.44 -13.43
N VAL A 148 27.71 15.10 -13.02
CA VAL A 148 27.35 13.67 -12.95
C VAL A 148 27.18 13.07 -14.36
N PRO A 149 27.25 11.74 -14.48
CA PRO A 149 27.08 11.14 -15.82
C PRO A 149 25.67 11.55 -16.33
N THR A 150 25.51 11.72 -17.65
CA THR A 150 24.21 12.16 -18.19
C THR A 150 23.04 11.24 -17.91
N ASN A 151 23.30 9.97 -17.58
CA ASN A 151 22.18 9.08 -17.27
C ASN A 151 21.74 9.23 -15.82
N MET A 152 22.46 10.05 -15.04
CA MET A 152 22.14 10.20 -13.61
C MET A 152 21.49 11.53 -13.26
N ILE A 153 20.96 12.18 -14.29
CA ILE A 153 20.28 13.45 -14.06
C ILE A 153 19.09 13.54 -15.02
N CYS A 154 17.96 14.06 -14.54
CA CYS A 154 16.82 14.25 -15.42
C CYS A 154 15.95 15.34 -14.79
N GLY A 155 14.90 15.75 -15.50
CA GLY A 155 14.04 16.76 -14.94
C GLY A 155 12.63 16.25 -14.91
N MET A 156 11.93 16.51 -13.81
CA MET A 156 10.54 16.09 -13.73
C MET A 156 9.67 17.16 -14.39
N ALA A 157 8.85 16.76 -15.37
CA ALA A 157 7.85 17.66 -15.93
C ALA A 157 6.84 16.89 -16.75
N CYS A 158 7.33 16.11 -17.71
CA CYS A 158 6.41 15.46 -18.59
C CYS A 158 5.50 14.46 -17.91
N MET A 159 5.90 13.92 -16.76
CA MET A 159 5.01 12.97 -16.11
C MET A 159 3.85 13.77 -15.55
N LEU A 160 4.13 15.02 -15.16
CA LEU A 160 3.07 15.88 -14.62
C LEU A 160 2.15 16.32 -15.74
N ASP A 161 2.73 16.83 -16.83
CA ASP A 161 1.92 17.25 -17.97
C ASP A 161 1.12 16.07 -18.51
N SER A 162 1.76 14.91 -18.61
CA SER A 162 1.07 13.70 -19.07
C SER A 162 -0.03 13.28 -18.09
N GLY A 163 0.22 13.47 -16.80
CA GLY A 163 -0.78 13.10 -15.81
C GLY A 163 -2.04 13.93 -15.96
N ARG A 164 -1.85 15.22 -16.23
CA ARG A 164 -2.99 16.12 -16.44
C ARG A 164 -3.77 15.66 -17.68
N PHE A 165 -3.04 15.47 -18.78
CA PHE A 165 -3.54 14.99 -20.06
C PHE A 165 -4.38 13.72 -19.80
N ARG A 166 -3.80 12.77 -19.04
CA ARG A 166 -4.47 11.48 -18.72
C ARG A 166 -5.74 11.65 -17.91
N ARG A 167 -5.72 12.53 -16.93
CA ARG A 167 -6.92 12.74 -16.11
C ARG A 167 -8.09 13.27 -16.96
N TYR A 168 -7.79 14.21 -17.85
CA TYR A 168 -8.82 14.82 -18.70
C TYR A 168 -9.39 13.77 -19.65
N VAL A 169 -8.52 12.94 -20.21
CA VAL A 169 -9.00 11.89 -21.13
C VAL A 169 -9.80 10.85 -20.33
N ALA A 170 -9.31 10.50 -19.13
CA ALA A 170 -9.99 9.51 -18.30
C ALA A 170 -11.40 9.97 -18.01
N ASP A 171 -11.54 11.26 -17.71
CA ASP A 171 -12.88 11.80 -17.41
C ASP A 171 -13.78 11.76 -18.65
N ALA A 172 -13.21 12.06 -19.80
CA ALA A 172 -14.01 12.06 -21.04
C ALA A 172 -14.51 10.66 -21.38
N LEU A 173 -13.69 9.66 -21.06
CA LEU A 173 -14.00 8.29 -21.40
C LEU A 173 -14.66 7.47 -20.29
N SER A 174 -14.67 8.04 -19.10
CA SER A 174 -15.18 7.37 -17.91
C SER A 174 -14.42 6.09 -17.62
N VAL A 175 -13.09 6.19 -17.62
CA VAL A 175 -12.27 5.03 -17.26
C VAL A 175 -11.22 5.52 -16.26
N SER A 176 -10.54 4.59 -15.58
CA SER A 176 -9.49 4.97 -14.64
C SER A 176 -8.26 5.51 -15.39
N PRO A 177 -7.63 6.56 -14.84
CA PRO A 177 -6.44 7.11 -15.50
C PRO A 177 -5.35 6.08 -15.59
N ARG A 178 -5.42 5.07 -14.73
CA ARG A 178 -4.44 3.97 -14.81
C ARG A 178 -4.46 3.42 -16.22
N ASP A 179 -5.63 3.37 -16.84
CA ASP A 179 -5.75 2.81 -18.16
C ASP A 179 -5.74 3.77 -19.34
N VAL A 180 -5.33 5.02 -19.07
CA VAL A 180 -5.14 5.98 -20.15
C VAL A 180 -3.62 6.21 -20.31
N GLN A 181 -3.09 6.02 -21.51
CA GLN A 181 -1.68 6.27 -21.73
C GLN A 181 -1.72 7.48 -22.65
N ALA A 182 -1.30 8.64 -22.15
CA ALA A 182 -1.30 9.85 -22.97
C ALA A 182 -0.01 10.49 -22.58
N THR A 183 0.72 11.01 -23.55
CA THR A 183 2.03 11.60 -23.28
C THR A 183 2.23 12.99 -23.86
N VAL A 184 2.96 13.81 -23.11
CA VAL A 184 3.34 15.14 -23.55
C VAL A 184 4.88 15.09 -23.69
N ILE A 185 5.43 15.54 -24.82
CA ILE A 185 6.90 15.58 -24.97
C ILE A 185 7.25 17.04 -25.22
N GLY A 186 8.55 17.35 -25.31
CA GLY A 186 8.95 18.73 -25.55
C GLY A 186 9.35 19.46 -24.28
N THR A 187 9.28 20.79 -24.28
CA THR A 187 9.67 21.54 -23.09
C THR A 187 8.46 21.80 -22.22
N HIS A 188 8.71 22.02 -20.93
CA HIS A 188 7.64 22.25 -19.97
C HIS A 188 7.19 23.68 -20.06
N GLY A 189 6.26 23.97 -20.96
CA GLY A 189 5.78 25.34 -21.12
C GLY A 189 4.78 25.41 -22.26
N ASP A 190 4.56 26.62 -22.77
CA ASP A 190 3.58 26.80 -23.84
C ASP A 190 3.87 26.04 -25.13
N CYS A 191 5.11 25.61 -25.32
CA CYS A 191 5.44 24.83 -26.50
C CYS A 191 5.42 23.32 -26.30
N MET A 192 4.98 22.84 -25.13
CA MET A 192 4.90 21.40 -24.87
C MET A 192 3.98 20.76 -25.92
N VAL A 193 4.18 19.48 -26.19
CA VAL A 193 3.43 18.81 -27.20
C VAL A 193 2.59 17.62 -26.75
N PRO A 194 1.30 17.85 -26.52
CA PRO A 194 0.47 16.71 -26.11
C PRO A 194 0.22 15.87 -27.38
N LEU A 195 0.67 14.62 -27.37
CA LEU A 195 0.52 13.72 -28.53
C LEU A 195 -0.87 13.09 -28.57
N VAL A 196 -1.84 13.84 -29.07
CA VAL A 196 -3.21 13.35 -29.17
C VAL A 196 -3.26 12.08 -30.05
N ARG A 197 -2.47 12.05 -31.10
CA ARG A 197 -2.47 10.93 -32.01
C ARG A 197 -2.09 9.63 -31.33
N TYR A 198 -1.24 9.72 -30.32
CA TYR A 198 -0.73 8.56 -29.57
C TYR A 198 -1.57 8.10 -28.36
N ILE A 199 -2.64 8.80 -28.02
CA ILE A 199 -3.44 8.40 -26.86
C ILE A 199 -3.98 6.99 -27.02
N THR A 200 -3.82 6.16 -25.98
CA THR A 200 -4.39 4.83 -26.01
C THR A 200 -5.13 4.58 -24.71
N VAL A 201 -6.08 3.64 -24.78
CA VAL A 201 -6.88 3.21 -23.64
C VAL A 201 -6.48 1.74 -23.55
N ASN A 202 -5.68 1.42 -22.53
CA ASN A 202 -5.10 0.08 -22.37
C ASN A 202 -4.52 -0.40 -23.70
N GLY A 203 -3.87 0.50 -24.42
CA GLY A 203 -3.25 0.11 -25.69
C GLY A 203 -4.14 0.23 -26.92
N TYR A 204 -5.45 0.47 -26.73
CA TYR A 204 -6.37 0.62 -27.88
C TYR A 204 -6.32 2.08 -28.29
N PRO A 205 -6.12 2.35 -29.60
CA PRO A 205 -6.03 3.73 -30.14
C PRO A 205 -7.26 4.60 -29.92
N ILE A 206 -7.04 5.84 -29.51
CA ILE A 206 -8.14 6.75 -29.25
C ILE A 206 -9.04 6.94 -30.50
N GLN A 207 -8.47 6.79 -31.69
CA GLN A 207 -9.27 7.01 -32.90
C GLN A 207 -10.51 6.12 -32.99
N LYS A 208 -10.45 4.95 -32.36
CA LYS A 208 -11.57 4.02 -32.33
C LYS A 208 -12.71 4.58 -31.50
N PHE A 209 -12.37 5.27 -30.42
CA PHE A 209 -13.39 5.87 -29.55
C PHE A 209 -14.06 7.06 -30.21
N ILE A 210 -13.33 7.69 -31.11
CA ILE A 210 -13.88 8.80 -31.85
C ILE A 210 -14.87 8.21 -32.83
N LYS A 211 -14.37 7.31 -33.67
CA LYS A 211 -15.20 6.66 -34.68
C LYS A 211 -16.46 6.10 -34.06
N ASP A 212 -16.34 5.53 -32.86
CA ASP A 212 -17.49 4.96 -32.17
C ASP A 212 -18.37 5.97 -31.42
N GLY A 213 -18.14 7.26 -31.63
CA GLY A 213 -18.95 8.28 -30.96
C GLY A 213 -18.77 8.54 -29.47
N VAL A 214 -17.67 8.10 -28.87
CA VAL A 214 -17.48 8.33 -27.44
C VAL A 214 -16.91 9.71 -27.17
N VAL A 215 -15.98 10.13 -28.02
CA VAL A 215 -15.35 11.44 -27.94
C VAL A 215 -15.30 12.01 -29.34
N THR A 216 -15.11 13.33 -29.41
CA THR A 216 -15.05 14.00 -30.70
C THR A 216 -13.66 14.56 -30.87
N GLU A 217 -13.33 14.97 -32.09
CA GLU A 217 -12.02 15.52 -32.35
C GLU A 217 -11.81 16.85 -31.57
N LYS A 218 -12.83 17.70 -31.55
CA LYS A 218 -12.71 18.99 -30.85
C LYS A 218 -12.45 18.78 -29.36
N GLN A 219 -13.16 17.82 -28.80
CA GLN A 219 -13.05 17.49 -27.41
C GLN A 219 -11.58 17.16 -27.08
N LEU A 220 -10.94 16.37 -27.92
CA LEU A 220 -9.53 16.00 -27.67
C LEU A 220 -8.63 17.22 -27.86
N GLU A 221 -8.98 18.07 -28.83
CA GLU A 221 -8.19 19.27 -29.07
C GLU A 221 -8.27 20.16 -27.84
N GLU A 222 -9.48 20.28 -27.24
CA GLU A 222 -9.64 21.12 -26.05
C GLU A 222 -8.88 20.52 -24.86
N ILE A 223 -8.82 19.19 -24.82
CA ILE A 223 -8.11 18.51 -23.74
C ILE A 223 -6.60 18.80 -23.90
N ALA A 224 -6.11 18.77 -25.13
CA ALA A 224 -4.68 19.07 -25.33
C ALA A 224 -4.40 20.53 -24.92
N GLU A 225 -5.29 21.43 -25.30
CA GLU A 225 -5.08 22.81 -24.94
C GLU A 225 -5.17 22.97 -23.42
N HIS A 226 -6.10 22.26 -22.78
CA HIS A 226 -6.24 22.40 -21.33
C HIS A 226 -4.94 21.90 -20.68
N THR A 227 -4.38 20.85 -21.24
CA THR A 227 -3.14 20.29 -20.70
C THR A 227 -2.05 21.34 -20.76
N LYS A 228 -1.95 22.04 -21.87
CA LYS A 228 -0.92 23.05 -22.00
C LYS A 228 -1.01 24.19 -20.99
N VAL A 229 -2.22 24.63 -20.68
CA VAL A 229 -2.38 25.77 -19.78
C VAL A 229 -2.72 25.38 -18.34
N SER A 230 -2.65 24.09 -18.03
CA SER A 230 -2.98 23.65 -16.68
C SER A 230 -2.15 24.30 -15.58
N GLY A 231 -0.84 24.46 -15.82
CA GLY A 231 -0.01 25.06 -14.79
C GLY A 231 -0.47 26.47 -14.45
N GLY A 232 -0.68 27.28 -15.47
CA GLY A 232 -1.12 28.66 -15.27
C GLY A 232 -2.53 28.74 -14.71
N GLU A 233 -3.34 27.75 -15.05
CA GLU A 233 -4.72 27.69 -14.56
C GLU A 233 -4.68 27.59 -13.04
N ILE A 234 -3.85 26.69 -12.52
CA ILE A 234 -3.73 26.53 -11.09
C ILE A 234 -3.10 27.80 -10.46
N VAL A 235 -2.07 28.37 -11.08
CA VAL A 235 -1.46 29.59 -10.55
C VAL A 235 -2.55 30.67 -10.36
N ARG A 236 -3.39 30.86 -11.38
CA ARG A 236 -4.47 31.86 -11.26
C ARG A 236 -5.49 31.52 -10.18
N PHE A 237 -5.89 30.25 -10.04
CA PHE A 237 -6.87 29.90 -8.99
C PHE A 237 -6.31 30.05 -7.58
N LEU A 238 -5.08 29.58 -7.38
CA LEU A 238 -4.45 29.66 -6.07
C LEU A 238 -4.16 31.05 -5.59
N GLY A 239 -3.76 31.95 -6.48
CA GLY A 239 -3.46 33.31 -6.07
C GLY A 239 -2.02 33.49 -5.59
N GLN A 240 -1.56 32.52 -4.80
CA GLN A 240 -0.17 32.53 -4.31
C GLN A 240 0.44 31.16 -4.65
N GLY A 241 1.66 31.16 -5.17
CA GLY A 241 2.33 29.90 -5.50
C GLY A 241 1.73 29.18 -6.70
N SER A 242 2.20 27.97 -6.94
CA SER A 242 1.75 27.15 -8.06
C SER A 242 1.49 25.68 -7.60
N ALA A 243 1.19 24.77 -8.54
CA ALA A 243 0.85 23.39 -8.19
C ALA A 243 1.93 22.66 -7.42
N TYR A 244 1.51 21.79 -6.50
CA TYR A 244 2.54 21.04 -5.75
C TYR A 244 2.21 19.59 -5.47
N TYR A 245 0.92 19.27 -5.37
CA TYR A 245 0.56 17.89 -5.05
C TYR A 245 0.95 16.93 -6.14
N ALA A 246 0.57 17.22 -7.39
CA ALA A 246 0.95 16.30 -8.45
C ALA A 246 2.44 16.42 -8.83
N PRO A 247 3.01 17.63 -8.78
CA PRO A 247 4.45 17.71 -9.10
C PRO A 247 5.24 16.81 -8.12
N ALA A 248 4.87 16.87 -6.85
CA ALA A 248 5.57 16.05 -5.84
C ALA A 248 5.39 14.55 -6.09
N ALA A 249 4.14 14.13 -6.34
CA ALA A 249 3.88 12.73 -6.60
C ALA A 249 4.65 12.28 -7.84
N SER A 250 4.79 13.14 -8.86
CA SER A 250 5.51 12.77 -10.07
C SER A 250 6.99 12.59 -9.80
N ALA A 251 7.58 13.55 -9.08
CA ALA A 251 9.00 13.46 -8.76
C ALA A 251 9.32 12.25 -7.91
N VAL A 252 8.47 11.96 -6.92
CA VAL A 252 8.71 10.81 -6.07
C VAL A 252 8.49 9.49 -6.86
N ALA A 253 7.53 9.49 -7.81
CA ALA A 253 7.32 8.28 -8.61
C ALA A 253 8.60 7.99 -9.42
N MET A 254 9.23 9.05 -9.93
CA MET A 254 10.47 8.87 -10.70
C MET A 254 11.57 8.43 -9.73
N ALA A 255 11.64 9.02 -8.55
CA ALA A 255 12.70 8.62 -7.64
C ALA A 255 12.55 7.15 -7.21
N THR A 256 11.31 6.72 -7.04
CA THR A 256 11.04 5.33 -6.64
C THR A 256 11.43 4.35 -7.76
N SER A 257 11.22 4.74 -9.04
CA SER A 257 11.58 3.85 -10.18
C SER A 257 13.08 3.65 -10.18
N PHE A 258 13.79 4.69 -9.80
CA PHE A 258 15.26 4.61 -9.70
C PHE A 258 15.68 3.75 -8.47
N LEU A 259 15.18 4.11 -7.29
CA LEU A 259 15.58 3.43 -6.05
C LEU A 259 15.25 1.95 -5.99
N ASN A 260 14.14 1.55 -6.62
CA ASN A 260 13.71 0.16 -6.65
C ASN A 260 13.98 -0.52 -8.00
N ASP A 261 14.73 0.16 -8.88
CA ASP A 261 15.09 -0.37 -10.23
C ASP A 261 13.84 -0.96 -10.89
N GLU A 262 12.77 -0.17 -10.93
CA GLU A 262 11.48 -0.62 -11.51
C GLU A 262 11.44 -0.65 -13.04
N LYS A 263 12.21 0.23 -13.66
CA LYS A 263 12.26 0.32 -15.12
C LYS A 263 10.94 0.81 -15.69
N ARG A 264 10.29 1.72 -14.98
CA ARG A 264 9.05 2.29 -15.52
C ARG A 264 9.36 3.20 -16.70
N VAL A 265 8.38 3.37 -17.58
CA VAL A 265 8.54 4.22 -18.75
C VAL A 265 7.82 5.50 -18.37
N ILE A 266 8.62 6.53 -18.10
CA ILE A 266 8.12 7.82 -17.66
C ILE A 266 8.74 8.94 -18.48
N PRO A 267 7.92 9.72 -19.17
CA PRO A 267 8.54 10.80 -19.94
C PRO A 267 9.13 11.85 -18.97
N CYS A 268 10.33 12.30 -19.24
CA CYS A 268 10.97 13.30 -18.39
C CYS A 268 12.04 13.98 -19.21
N SER A 269 12.61 15.06 -18.66
CA SER A 269 13.63 15.84 -19.39
C SER A 269 14.94 15.08 -19.28
N VAL A 270 15.39 14.54 -20.41
CA VAL A 270 16.57 13.72 -20.43
C VAL A 270 17.63 14.15 -21.45
N TYR A 271 18.87 13.76 -21.20
CA TYR A 271 19.97 14.11 -22.09
C TYR A 271 19.78 13.39 -23.45
N CYS A 272 19.98 14.15 -24.53
CA CYS A 272 19.85 13.71 -25.92
C CYS A 272 21.22 13.53 -26.56
N ASN A 273 21.43 12.39 -27.19
CA ASN A 273 22.70 12.11 -27.85
C ASN A 273 22.38 11.52 -29.23
N GLY A 274 21.64 12.28 -30.01
CA GLY A 274 21.29 11.82 -31.34
C GLY A 274 19.81 11.61 -31.55
N GLU A 275 19.10 11.30 -30.46
CA GLU A 275 17.67 11.05 -30.55
C GLU A 275 16.96 12.24 -31.15
N TYR A 276 15.99 11.95 -32.00
CA TYR A 276 15.21 12.99 -32.67
C TYR A 276 16.14 14.01 -33.31
N GLY A 277 17.41 13.65 -33.48
CA GLY A 277 18.40 14.55 -34.09
C GLY A 277 18.96 15.66 -33.20
N LEU A 278 18.95 15.46 -31.88
CA LEU A 278 19.42 16.47 -30.94
C LEU A 278 20.71 16.08 -30.20
N LYS A 279 21.54 17.07 -29.90
CA LYS A 279 22.78 16.82 -29.17
C LYS A 279 22.97 17.81 -28.05
N ASP A 280 23.68 17.38 -27.02
CA ASP A 280 24.04 18.17 -25.87
C ASP A 280 22.94 19.07 -25.33
N MET A 281 21.81 18.46 -25.01
CA MET A 281 20.71 19.22 -24.46
C MET A 281 19.75 18.23 -23.84
N PHE A 282 18.90 18.75 -22.99
CA PHE A 282 17.88 17.98 -22.28
C PHE A 282 16.52 18.43 -22.76
N ILE A 283 15.59 17.50 -23.00
CA ILE A 283 14.25 17.91 -23.39
C ILE A 283 13.31 16.77 -22.97
N GLY A 284 12.02 17.07 -22.77
CA GLY A 284 11.08 16.03 -22.33
C GLY A 284 10.82 14.94 -23.38
N LEU A 285 11.09 13.69 -23.02
CA LEU A 285 10.92 12.56 -23.93
C LEU A 285 10.61 11.30 -23.10
N PRO A 286 10.00 10.27 -23.71
CA PRO A 286 9.71 9.03 -22.97
C PRO A 286 11.08 8.42 -22.67
N ALA A 287 11.24 7.89 -21.47
CA ALA A 287 12.50 7.27 -21.07
C ALA A 287 12.21 6.18 -20.07
N VAL A 288 13.17 5.28 -19.89
CA VAL A 288 13.01 4.18 -18.93
C VAL A 288 13.91 4.53 -17.75
N ILE A 289 13.34 4.51 -16.54
CA ILE A 289 14.06 4.89 -15.31
C ILE A 289 14.25 3.63 -14.46
N GLY A 290 15.50 3.29 -14.21
CA GLY A 290 15.84 2.12 -13.44
C GLY A 290 17.02 2.37 -12.51
N GLY A 291 17.58 1.30 -11.96
CA GLY A 291 18.68 1.42 -11.00
C GLY A 291 19.98 1.97 -11.55
N ALA A 292 20.02 2.11 -12.88
CA ALA A 292 21.18 2.67 -13.55
C ALA A 292 20.76 4.05 -14.07
N GLY A 293 19.71 4.61 -13.49
CA GLY A 293 19.25 5.92 -13.89
C GLY A 293 18.41 5.90 -15.16
N ILE A 294 18.67 6.83 -16.09
CA ILE A 294 17.94 6.85 -17.36
C ILE A 294 18.60 5.75 -18.18
N GLU A 295 17.90 4.64 -18.35
CA GLU A 295 18.45 3.46 -19.06
C GLU A 295 18.15 3.40 -20.57
N ARG A 296 17.19 4.20 -21.00
CA ARG A 296 16.80 4.25 -22.42
C ARG A 296 16.01 5.51 -22.69
N VAL A 297 16.21 6.10 -23.86
CA VAL A 297 15.44 7.28 -24.22
C VAL A 297 14.69 6.77 -25.46
N ILE A 298 13.38 6.89 -25.42
CA ILE A 298 12.55 6.37 -26.50
C ILE A 298 12.31 7.39 -27.60
N GLU A 299 12.60 6.97 -28.83
CA GLU A 299 12.40 7.85 -29.95
C GLU A 299 11.10 7.43 -30.63
N LEU A 300 10.11 8.32 -30.62
CA LEU A 300 8.83 8.05 -31.24
C LEU A 300 8.83 8.55 -32.66
N GLU A 301 8.02 7.95 -33.52
CA GLU A 301 7.91 8.45 -34.90
C GLU A 301 6.94 9.62 -34.87
N LEU A 302 7.40 10.78 -35.28
CA LEU A 302 6.54 11.95 -35.27
C LEU A 302 6.10 12.24 -36.69
N ASN A 303 4.84 12.63 -36.86
CA ASN A 303 4.38 12.94 -38.19
C ASN A 303 4.70 14.39 -38.47
N GLU A 304 4.29 14.89 -39.62
CA GLU A 304 4.59 16.25 -40.01
C GLU A 304 4.30 17.32 -38.96
N GLU A 305 3.06 17.41 -38.52
CA GLU A 305 2.66 18.43 -37.56
C GLU A 305 3.31 18.27 -36.18
N GLU A 306 3.53 17.04 -35.76
CA GLU A 306 4.16 16.81 -34.44
C GLU A 306 5.60 17.30 -34.49
N LYS A 307 6.32 16.91 -35.53
CA LYS A 307 7.70 17.34 -35.66
C LYS A 307 7.77 18.85 -35.65
N LYS A 308 6.80 19.48 -36.29
CA LYS A 308 6.79 20.93 -36.35
C LYS A 308 6.59 21.54 -34.96
N GLN A 309 5.68 21.00 -34.18
CA GLN A 309 5.47 21.52 -32.83
C GLN A 309 6.69 21.18 -31.96
N PHE A 310 7.21 19.98 -32.10
CA PHE A 310 8.37 19.58 -31.29
C PHE A 310 9.58 20.44 -31.64
N GLN A 311 9.77 20.69 -32.94
CA GLN A 311 10.91 21.52 -33.40
C GLN A 311 10.88 22.94 -32.87
N LYS A 312 9.68 23.44 -32.67
CA LYS A 312 9.47 24.78 -32.13
C LYS A 312 10.01 24.77 -30.69
N SER A 313 9.62 23.76 -29.91
CA SER A 313 10.06 23.66 -28.53
C SER A 313 11.57 23.49 -28.46
N VAL A 314 12.13 22.73 -29.39
CA VAL A 314 13.58 22.54 -29.43
C VAL A 314 14.26 23.87 -29.68
N ASP A 315 13.85 24.54 -30.76
CA ASP A 315 14.45 25.81 -31.15
C ASP A 315 14.45 26.85 -30.04
N ASP A 316 13.37 26.88 -29.27
CA ASP A 316 13.25 27.83 -28.18
C ASP A 316 14.23 27.52 -27.05
N VAL A 317 14.19 26.28 -26.56
CA VAL A 317 15.06 25.89 -25.47
C VAL A 317 16.55 25.99 -25.83
N MET A 318 16.89 25.77 -27.09
CA MET A 318 18.30 25.88 -27.46
C MET A 318 18.69 27.34 -27.35
N ALA A 319 17.76 28.22 -27.68
CA ALA A 319 18.05 29.66 -27.60
C ALA A 319 18.24 30.06 -26.15
N LEU A 320 17.35 29.58 -25.28
CA LEU A 320 17.47 29.91 -23.88
C LEU A 320 18.74 29.33 -23.28
N ASN A 321 19.06 28.08 -23.64
CA ASN A 321 20.27 27.47 -23.13
C ASN A 321 21.51 28.26 -23.53
N LYS A 322 21.49 28.84 -24.74
CA LYS A 322 22.64 29.65 -25.19
C LYS A 322 22.73 30.91 -24.34
N ALA A 323 21.59 31.53 -24.11
CA ALA A 323 21.56 32.78 -23.32
C ALA A 323 22.07 32.52 -21.91
N VAL A 324 21.55 31.46 -21.29
CA VAL A 324 21.97 31.11 -19.93
C VAL A 324 23.48 30.92 -19.85
N ALA A 325 24.02 30.20 -20.83
CA ALA A 325 25.46 29.97 -20.86
C ALA A 325 26.20 31.30 -21.03
N ALA A 326 25.70 32.16 -21.91
CA ALA A 326 26.39 33.41 -22.15
C ALA A 326 26.44 34.25 -20.87
N LEU A 327 25.40 34.16 -20.05
CA LEU A 327 25.32 34.95 -18.82
C LEU A 327 25.81 34.27 -17.52
N GLN A 328 26.23 33.02 -17.60
CA GLN A 328 26.68 32.32 -16.40
C GLN A 328 27.84 33.02 -15.71
N ALA A 329 27.80 33.12 -14.38
CA ALA A 329 28.88 33.78 -13.63
C ALA A 329 30.19 32.99 -13.82
N PRO A 330 31.34 33.70 -13.93
CA PRO A 330 32.60 32.96 -14.12
C PRO A 330 32.84 32.14 -12.88
N GLY A 331 32.11 32.50 -11.83
CA GLY A 331 32.19 31.84 -10.55
C GLY A 331 31.39 32.71 -9.60
N PRO B 3 24.06 1.78 -18.59
CA PRO B 3 25.15 2.29 -17.71
C PRO B 3 25.21 1.35 -16.51
N ALA B 4 26.15 1.56 -15.59
CA ALA B 4 26.26 0.67 -14.43
C ALA B 4 25.07 0.81 -13.44
N LEU B 5 24.65 -0.32 -12.90
CA LEU B 5 23.55 -0.37 -11.96
C LEU B 5 24.00 0.26 -10.67
N VAL B 6 23.30 1.29 -10.22
CA VAL B 6 23.65 1.97 -8.99
C VAL B 6 22.75 1.53 -7.82
N GLN B 7 21.46 1.32 -8.09
CA GLN B 7 20.52 0.88 -7.06
C GLN B 7 20.03 -0.54 -7.44
N ARG B 8 20.45 -1.55 -6.70
CA ARG B 8 20.06 -2.93 -7.01
C ARG B 8 18.90 -3.35 -6.13
N ARG B 9 18.00 -4.16 -6.66
CA ARG B 9 16.87 -4.62 -5.86
C ARG B 9 17.38 -5.56 -4.77
N LYS B 10 16.64 -5.63 -3.67
CA LYS B 10 17.03 -6.56 -2.59
C LYS B 10 16.73 -7.93 -3.20
N LYS B 11 17.36 -8.98 -2.67
CA LYS B 11 17.12 -10.33 -3.15
C LYS B 11 16.82 -11.25 -1.94
N VAL B 12 15.72 -11.99 -2.02
CA VAL B 12 15.39 -12.90 -0.95
C VAL B 12 15.31 -14.31 -1.52
N ALA B 13 16.04 -15.24 -0.91
CA ALA B 13 16.04 -16.63 -1.38
C ALA B 13 15.14 -17.47 -0.49
N MET B 14 14.20 -18.17 -1.10
CA MET B 14 13.29 -19.02 -0.35
C MET B 14 13.87 -20.44 -0.53
N ILE B 15 14.54 -20.96 0.51
CA ILE B 15 15.15 -22.31 0.42
C ILE B 15 14.00 -23.20 0.96
N GLY B 16 13.30 -23.83 0.02
CA GLY B 16 12.11 -24.63 0.29
C GLY B 16 11.01 -23.84 -0.45
N SER B 17 10.35 -24.46 -1.43
CA SER B 17 9.33 -23.78 -2.23
C SER B 17 7.99 -24.43 -2.15
N GLY B 18 7.68 -24.94 -0.95
CA GLY B 18 6.40 -25.57 -0.69
C GLY B 18 5.37 -24.49 -0.37
N MET B 19 4.39 -24.81 0.45
CA MET B 19 3.35 -23.86 0.77
C MET B 19 3.85 -22.51 1.29
N ILE B 20 4.69 -22.56 2.31
CA ILE B 20 5.16 -21.29 2.87
C ILE B 20 6.14 -20.57 1.93
N GLY B 21 7.07 -21.29 1.31
CA GLY B 21 8.01 -20.65 0.41
C GLY B 21 7.34 -19.95 -0.77
N GLY B 22 6.38 -20.61 -1.41
CA GLY B 22 5.70 -19.98 -2.53
C GLY B 22 4.87 -18.79 -2.03
N THR B 23 4.26 -18.92 -0.87
CA THR B 23 3.43 -17.82 -0.35
C THR B 23 4.26 -16.58 -0.01
N MET B 24 5.50 -16.77 0.46
CA MET B 24 6.35 -15.62 0.78
C MET B 24 6.77 -15.02 -0.54
N GLY B 25 7.02 -15.86 -1.54
CA GLY B 25 7.38 -15.33 -2.87
C GLY B 25 6.22 -14.45 -3.34
N TYR B 26 4.98 -14.91 -3.10
CA TYR B 26 3.81 -14.12 -3.49
C TYR B 26 3.82 -12.73 -2.82
N LEU B 27 4.07 -12.68 -1.50
CA LEU B 27 4.06 -11.37 -0.81
C LEU B 27 5.14 -10.42 -1.38
N CYS B 28 6.31 -10.97 -1.74
CA CYS B 28 7.39 -10.16 -2.31
C CYS B 28 6.96 -9.57 -3.67
N ALA B 29 6.33 -10.41 -4.50
CA ALA B 29 5.86 -9.94 -5.80
C ALA B 29 4.75 -8.91 -5.66
N LEU B 30 3.83 -9.16 -4.75
CA LEU B 30 2.69 -8.26 -4.56
C LEU B 30 3.07 -6.87 -4.08
N ARG B 31 4.08 -6.78 -3.26
CA ARG B 31 4.53 -5.51 -2.68
C ARG B 31 5.81 -4.98 -3.33
N GLU B 32 6.31 -5.66 -4.34
CA GLU B 32 7.56 -5.24 -5.00
C GLU B 32 8.66 -5.11 -3.95
N LEU B 33 8.72 -6.08 -3.04
CA LEU B 33 9.69 -6.03 -1.96
C LEU B 33 11.10 -6.43 -2.36
N ALA B 34 11.22 -7.42 -3.24
CA ALA B 34 12.56 -7.87 -3.60
C ALA B 34 12.48 -8.89 -4.74
N ASP B 35 13.60 -9.10 -5.42
CA ASP B 35 13.66 -10.17 -6.41
C ASP B 35 13.57 -11.44 -5.56
N VAL B 36 12.96 -12.49 -6.13
CA VAL B 36 12.75 -13.73 -5.39
C VAL B 36 13.42 -14.90 -6.10
N VAL B 37 14.02 -15.80 -5.34
CA VAL B 37 14.58 -17.02 -5.90
C VAL B 37 13.88 -18.15 -5.18
N LEU B 38 13.37 -19.14 -5.91
CA LEU B 38 12.71 -20.27 -5.25
C LEU B 38 13.65 -21.46 -5.47
N TYR B 39 13.96 -22.20 -4.41
CA TYR B 39 14.84 -23.36 -4.52
C TYR B 39 14.17 -24.53 -3.80
N ASP B 40 14.24 -25.72 -4.37
CA ASP B 40 13.66 -26.89 -3.71
C ASP B 40 14.35 -28.16 -4.22
N VAL B 41 14.26 -29.28 -3.49
CA VAL B 41 14.88 -30.50 -4.02
C VAL B 41 13.94 -31.10 -5.08
N VAL B 42 12.66 -30.76 -5.00
CA VAL B 42 11.72 -31.23 -5.97
C VAL B 42 11.91 -30.36 -7.21
N LYS B 43 12.09 -31.01 -8.34
CA LYS B 43 12.29 -30.28 -9.58
C LYS B 43 10.97 -30.12 -10.29
N GLY B 44 10.92 -29.12 -11.14
CA GLY B 44 9.69 -28.83 -11.87
C GLY B 44 8.78 -27.90 -11.07
N MET B 45 8.42 -28.29 -9.86
CA MET B 45 7.48 -27.44 -9.09
C MET B 45 7.92 -25.99 -8.88
N PRO B 46 9.18 -25.77 -8.45
CA PRO B 46 9.60 -24.37 -8.26
C PRO B 46 9.49 -23.55 -9.54
N GLU B 47 9.76 -24.16 -10.68
CA GLU B 47 9.69 -23.42 -11.93
C GLU B 47 8.21 -23.07 -12.24
N GLY B 48 7.28 -23.96 -11.90
CA GLY B 48 5.89 -23.66 -12.14
C GLY B 48 5.44 -22.47 -11.29
N LYS B 49 5.80 -22.48 -10.01
CA LYS B 49 5.44 -21.37 -9.10
C LYS B 49 6.15 -20.08 -9.48
N ALA B 50 7.39 -20.16 -9.94
CA ALA B 50 8.12 -18.96 -10.35
C ALA B 50 7.40 -18.31 -11.55
N LEU B 51 6.90 -19.11 -12.49
CA LEU B 51 6.19 -18.55 -13.64
C LEU B 51 4.91 -17.88 -13.18
N ASP B 52 4.15 -18.59 -12.34
CA ASP B 52 2.87 -18.10 -11.80
C ASP B 52 3.12 -16.76 -11.09
N LEU B 53 4.14 -16.74 -10.21
CA LEU B 53 4.50 -15.51 -9.50
C LEU B 53 4.98 -14.40 -10.46
N SER B 54 5.73 -14.77 -11.51
CA SER B 54 6.19 -13.74 -12.45
C SER B 54 4.93 -13.09 -13.11
N HIS B 55 3.90 -13.89 -13.33
CA HIS B 55 2.68 -13.36 -13.96
C HIS B 55 1.96 -12.39 -13.02
N VAL B 56 2.03 -12.65 -11.72
CA VAL B 56 1.42 -11.77 -10.73
C VAL B 56 1.97 -10.35 -10.88
N THR B 57 3.28 -10.22 -11.09
CA THR B 57 3.83 -8.88 -11.17
C THR B 57 3.12 -8.00 -12.22
N SER B 58 2.76 -8.60 -13.36
CA SER B 58 2.04 -7.82 -14.36
C SER B 58 0.66 -7.45 -13.85
N VAL B 59 -0.06 -8.44 -13.32
CA VAL B 59 -1.42 -8.22 -12.84
C VAL B 59 -1.50 -7.11 -11.80
N VAL B 60 -0.52 -7.04 -10.90
CA VAL B 60 -0.50 -6.00 -9.88
C VAL B 60 0.47 -4.84 -10.11
N ASP B 61 0.97 -4.74 -11.34
CA ASP B 61 1.79 -3.61 -11.72
C ASP B 61 3.04 -3.38 -10.90
N THR B 62 3.79 -4.44 -10.66
CA THR B 62 5.05 -4.30 -9.92
C THR B 62 6.13 -4.89 -10.78
N ASN B 63 7.38 -4.68 -10.41
CA ASN B 63 8.41 -5.30 -11.20
C ASN B 63 9.54 -5.89 -10.35
N VAL B 64 9.48 -7.19 -10.11
CA VAL B 64 10.58 -7.89 -9.45
C VAL B 64 10.74 -9.17 -10.29
N SER B 65 11.91 -9.78 -10.23
CA SER B 65 12.20 -11.01 -10.98
C SER B 65 11.93 -12.18 -10.03
N VAL B 66 11.18 -13.19 -10.47
CA VAL B 66 10.96 -14.38 -9.64
C VAL B 66 11.50 -15.52 -10.48
N ARG B 67 12.47 -16.25 -9.92
CA ARG B 67 13.11 -17.33 -10.67
C ARG B 67 13.33 -18.56 -9.83
N ALA B 68 13.28 -19.71 -10.46
CA ALA B 68 13.59 -20.95 -9.76
C ALA B 68 15.11 -21.15 -9.99
N GLU B 69 15.82 -21.67 -8.99
CA GLU B 69 17.25 -21.97 -9.15
C GLU B 69 17.42 -23.40 -8.67
N TYR B 70 18.21 -24.17 -9.41
CA TYR B 70 18.35 -25.56 -9.06
C TYR B 70 19.50 -25.92 -8.13
N SER B 71 20.53 -25.09 -8.09
CA SER B 71 21.67 -25.35 -7.20
C SER B 71 21.71 -24.42 -5.99
N TYR B 72 22.37 -24.86 -4.93
CA TYR B 72 22.53 -24.04 -3.74
C TYR B 72 23.29 -22.76 -4.14
N GLU B 73 24.34 -22.89 -4.94
CA GLU B 73 25.13 -21.74 -5.35
C GLU B 73 24.29 -20.67 -6.06
N ALA B 74 23.50 -21.07 -7.06
CA ALA B 74 22.66 -20.15 -7.81
C ALA B 74 21.51 -19.56 -6.94
N ALA B 75 21.02 -20.35 -6.00
CA ALA B 75 19.94 -19.86 -5.17
C ALA B 75 20.42 -18.89 -4.07
N LEU B 76 21.56 -19.20 -3.48
CA LEU B 76 22.07 -18.42 -2.36
C LEU B 76 22.95 -17.23 -2.65
N THR B 77 23.68 -17.26 -3.77
CA THR B 77 24.59 -16.17 -4.06
C THR B 77 23.85 -14.83 -4.20
N GLY B 78 24.34 -13.82 -3.49
CA GLY B 78 23.76 -12.49 -3.54
C GLY B 78 22.48 -12.27 -2.74
N ALA B 79 22.11 -13.23 -1.91
CA ALA B 79 20.87 -13.11 -1.14
C ALA B 79 21.03 -12.21 0.08
N ASP B 80 20.24 -11.14 0.12
CA ASP B 80 20.26 -10.24 1.27
C ASP B 80 19.66 -10.92 2.49
N CYS B 81 18.67 -11.79 2.25
CA CYS B 81 17.99 -12.52 3.32
C CYS B 81 17.61 -13.89 2.76
N VAL B 82 17.75 -14.92 3.58
CA VAL B 82 17.43 -16.30 3.18
C VAL B 82 16.39 -16.80 4.17
N ILE B 83 15.24 -17.24 3.66
CA ILE B 83 14.16 -17.73 4.49
C ILE B 83 14.03 -19.22 4.25
N VAL B 84 14.27 -20.00 5.31
CA VAL B 84 14.28 -21.45 5.17
C VAL B 84 13.05 -22.18 5.68
N THR B 85 12.33 -22.83 4.77
CA THR B 85 11.15 -23.61 5.09
C THR B 85 11.32 -25.07 4.67
N ALA B 86 12.49 -25.39 4.11
CA ALA B 86 12.73 -26.77 3.65
C ALA B 86 12.56 -27.79 4.77
N GLY B 87 11.83 -28.86 4.47
CA GLY B 87 11.64 -29.94 5.45
C GLY B 87 10.22 -30.54 5.47
N LEU B 88 9.98 -31.49 6.38
CA LEU B 88 8.65 -32.10 6.51
C LEU B 88 7.77 -31.32 7.46
N THR B 89 6.47 -31.42 7.23
CA THR B 89 5.46 -30.80 8.07
C THR B 89 4.79 -31.87 8.96
N LYS B 90 4.75 -33.11 8.48
CA LYS B 90 4.10 -34.18 9.23
C LYS B 90 4.86 -35.47 9.03
N VAL B 91 4.83 -36.36 10.03
CA VAL B 91 5.52 -37.62 9.89
C VAL B 91 4.57 -38.59 9.17
N PRO B 92 5.08 -39.29 8.16
CA PRO B 92 4.29 -40.27 7.39
C PRO B 92 3.48 -41.22 8.25
N GLY B 93 2.38 -41.72 7.69
CA GLY B 93 1.52 -42.65 8.40
C GLY B 93 1.22 -42.38 9.87
N LYS B 94 1.07 -41.11 10.26
CA LYS B 94 0.76 -40.81 11.65
C LYS B 94 -0.52 -39.99 11.73
N PRO B 95 -1.46 -40.39 12.61
CA PRO B 95 -2.77 -39.76 12.85
C PRO B 95 -2.63 -38.27 13.15
N ASP B 96 -3.53 -37.46 12.63
CA ASP B 96 -3.47 -36.02 12.86
C ASP B 96 -3.64 -35.69 14.34
N SER B 97 -4.41 -36.52 15.02
CA SER B 97 -4.66 -36.32 16.45
C SER B 97 -3.35 -36.38 17.24
N GLU B 98 -2.32 -36.97 16.66
CA GLU B 98 -1.02 -37.11 17.32
C GLU B 98 0.05 -36.23 16.73
N TRP B 99 -0.34 -35.30 15.88
CA TRP B 99 0.64 -34.42 15.26
C TRP B 99 1.50 -33.70 16.29
N SER B 100 2.80 -33.75 16.09
CA SER B 100 3.75 -33.09 16.98
C SER B 100 4.96 -32.55 16.22
N ARG B 101 5.29 -31.28 16.48
CA ARG B 101 6.43 -30.67 15.82
C ARG B 101 7.73 -31.38 16.21
N ASN B 102 7.84 -31.86 17.46
CA ASN B 102 9.09 -32.55 17.84
C ASN B 102 9.38 -33.85 17.06
N ASP B 103 8.32 -34.50 16.56
CA ASP B 103 8.51 -35.74 15.81
C ASP B 103 9.28 -35.46 14.53
N LEU B 104 9.30 -34.20 14.09
CA LEU B 104 10.00 -33.86 12.85
C LEU B 104 11.49 -33.75 13.03
N LEU B 105 11.92 -33.69 14.28
CA LEU B 105 13.33 -33.52 14.59
C LEU B 105 14.31 -34.38 13.81
N PRO B 106 14.08 -35.70 13.75
CA PRO B 106 14.97 -36.63 13.02
C PRO B 106 15.01 -36.46 11.51
N PHE B 107 13.97 -35.88 10.96
CA PHE B 107 13.91 -35.69 9.52
C PHE B 107 14.51 -34.33 9.09
N ASN B 108 14.19 -33.30 9.87
CA ASN B 108 14.63 -31.95 9.50
C ASN B 108 15.99 -31.49 9.97
N SER B 109 16.55 -32.12 11.01
CA SER B 109 17.88 -31.70 11.48
C SER B 109 18.93 -31.69 10.38
N LYS B 110 19.00 -32.80 9.64
CA LYS B 110 19.99 -32.93 8.58
C LYS B 110 19.81 -31.94 7.42
N ILE B 111 18.56 -31.70 7.05
CA ILE B 111 18.24 -30.79 5.97
C ILE B 111 18.69 -29.40 6.39
N ILE B 112 18.31 -28.99 7.60
CA ILE B 112 18.70 -27.65 8.07
C ILE B 112 20.23 -27.54 8.16
N ARG B 113 20.89 -28.58 8.65
CA ARG B 113 22.36 -28.51 8.76
C ARG B 113 23.00 -28.32 7.40
N GLU B 114 22.51 -29.05 6.41
CA GLU B 114 23.07 -28.94 5.06
C GLU B 114 22.87 -27.54 4.46
N ILE B 115 21.70 -26.97 4.65
CA ILE B 115 21.45 -25.65 4.11
C ILE B 115 22.41 -24.65 4.76
N GLY B 116 22.61 -24.79 6.07
CA GLY B 116 23.49 -23.90 6.80
C GLY B 116 24.91 -23.99 6.26
N GLN B 117 25.37 -25.21 5.96
CA GLN B 117 26.72 -25.35 5.40
C GLN B 117 26.81 -24.64 4.06
N ASN B 118 25.72 -24.63 3.31
CA ASN B 118 25.73 -23.95 2.02
C ASN B 118 25.62 -22.43 2.16
N ILE B 119 24.90 -21.96 3.18
CA ILE B 119 24.85 -20.52 3.42
C ILE B 119 26.30 -20.05 3.75
N LYS B 120 26.97 -20.86 4.55
CA LYS B 120 28.33 -20.53 4.91
C LYS B 120 29.19 -20.34 3.66
N LYS B 121 29.01 -21.22 2.67
CA LYS B 121 29.78 -21.15 1.43
C LYS B 121 29.41 -20.02 0.51
N TYR B 122 28.10 -19.83 0.34
CA TYR B 122 27.63 -18.86 -0.63
C TYR B 122 27.13 -17.47 -0.23
N CYS B 123 26.62 -17.29 0.99
CA CYS B 123 26.18 -15.94 1.40
C CYS B 123 26.34 -15.79 2.91
N PRO B 124 27.59 -15.93 3.39
CA PRO B 124 27.85 -15.81 4.83
C PRO B 124 27.45 -14.45 5.43
N LYS B 125 27.15 -13.48 4.59
CA LYS B 125 26.76 -12.15 5.12
C LYS B 125 25.25 -11.94 5.12
N THR B 126 24.51 -12.99 4.81
CA THR B 126 23.07 -12.86 4.73
C THR B 126 22.38 -12.81 6.09
N PHE B 127 21.11 -12.44 6.08
CA PHE B 127 20.31 -12.47 7.31
C PHE B 127 19.46 -13.72 7.13
N ILE B 128 19.52 -14.64 8.08
CA ILE B 128 18.78 -15.90 7.96
C ILE B 128 17.52 -15.94 8.81
N ILE B 129 16.39 -16.31 8.21
CA ILE B 129 15.17 -16.45 8.99
C ILE B 129 14.76 -17.89 8.80
N VAL B 130 14.77 -18.65 9.91
CA VAL B 130 14.38 -20.05 9.86
C VAL B 130 12.91 -20.16 10.17
N VAL B 131 12.23 -21.08 9.50
CA VAL B 131 10.80 -21.33 9.71
C VAL B 131 10.57 -22.82 10.03
N THR B 132 11.36 -23.67 9.39
CA THR B 132 11.27 -25.13 9.55
C THR B 132 11.15 -25.62 11.01
N ASN B 133 10.22 -26.54 11.26
CA ASN B 133 10.01 -27.08 12.61
C ASN B 133 10.90 -28.31 12.91
N PRO B 134 11.19 -28.58 14.20
CA PRO B 134 10.77 -27.83 15.40
C PRO B 134 11.65 -26.58 15.46
N LEU B 135 10.99 -25.43 15.30
CA LEU B 135 11.65 -24.15 15.17
C LEU B 135 12.83 -23.78 16.06
N ASP B 136 12.66 -23.74 17.38
CA ASP B 136 13.80 -23.31 18.17
C ASP B 136 15.03 -24.21 18.07
N CYS B 137 14.81 -25.52 17.88
CA CYS B 137 15.94 -26.45 17.74
C CYS B 137 16.65 -26.21 16.40
N MET B 138 15.87 -26.03 15.35
CA MET B 138 16.40 -25.82 14.01
C MET B 138 17.18 -24.51 13.90
N VAL B 139 16.76 -23.48 14.61
CA VAL B 139 17.50 -22.22 14.52
C VAL B 139 18.93 -22.46 15.06
N LYS B 140 19.04 -23.22 16.14
CA LYS B 140 20.36 -23.50 16.67
C LYS B 140 21.18 -24.35 15.69
N VAL B 141 20.56 -25.37 15.11
CA VAL B 141 21.30 -26.19 14.13
C VAL B 141 21.77 -25.28 12.98
N MET B 142 20.89 -24.40 12.54
CA MET B 142 21.24 -23.50 11.44
C MET B 142 22.37 -22.55 11.83
N CYS B 143 22.33 -22.04 13.06
CA CYS B 143 23.37 -21.12 13.52
C CYS B 143 24.76 -21.80 13.48
N GLU B 144 24.83 -22.98 14.09
CA GLU B 144 26.06 -23.77 14.14
C GLU B 144 26.60 -24.10 12.77
N ALA B 145 25.73 -24.57 11.89
CA ALA B 145 26.14 -24.94 10.55
C ALA B 145 26.57 -23.79 9.64
N SER B 146 25.84 -22.67 9.69
CA SER B 146 26.10 -21.54 8.82
C SER B 146 27.23 -20.65 9.32
N GLY B 147 27.47 -20.63 10.63
CA GLY B 147 28.56 -19.82 11.16
C GLY B 147 28.33 -18.32 11.17
N VAL B 148 27.14 -17.85 10.76
CA VAL B 148 26.89 -16.39 10.77
C VAL B 148 26.86 -15.79 12.19
N PRO B 149 27.11 -14.47 12.32
CA PRO B 149 27.08 -13.81 13.64
C PRO B 149 25.69 -14.05 14.26
N THR B 150 25.62 -14.21 15.58
CA THR B 150 24.36 -14.51 16.22
C THR B 150 23.28 -13.46 16.03
N ASN B 151 23.65 -12.23 15.69
CA ASN B 151 22.61 -11.21 15.47
C ASN B 151 22.05 -11.33 14.04
N MET B 152 22.61 -12.23 13.22
CA MET B 152 22.14 -12.32 11.83
C MET B 152 21.32 -13.57 11.51
N ILE B 153 20.72 -14.12 12.57
CA ILE B 153 19.90 -15.30 12.40
C ILE B 153 18.84 -15.30 13.47
N CYS B 154 17.63 -15.69 13.09
CA CYS B 154 16.53 -15.78 14.04
C CYS B 154 15.53 -16.79 13.46
N GLY B 155 14.57 -17.17 14.29
CA GLY B 155 13.56 -18.10 13.84
C GLY B 155 12.20 -17.43 13.95
N MET B 156 11.42 -17.56 12.89
CA MET B 156 10.05 -17.03 12.89
C MET B 156 9.13 -18.04 13.59
N ALA B 157 8.45 -17.59 14.64
CA ALA B 157 7.41 -18.41 15.30
C ALA B 157 6.56 -17.55 16.19
N CYS B 158 7.16 -16.85 17.14
CA CYS B 158 6.37 -16.06 18.06
C CYS B 158 5.53 -14.98 17.43
N MET B 159 5.93 -14.44 16.28
CA MET B 159 5.05 -13.42 15.69
C MET B 159 3.74 -14.08 15.25
N LEU B 160 3.86 -15.32 14.79
CA LEU B 160 2.66 -16.10 14.36
C LEU B 160 1.80 -16.51 15.56
N ASP B 161 2.44 -17.01 16.60
CA ASP B 161 1.72 -17.40 17.83
C ASP B 161 1.10 -16.16 18.43
N SER B 162 1.85 -15.07 18.46
CA SER B 162 1.30 -13.81 18.99
C SER B 162 0.18 -13.30 18.09
N GLY B 163 0.32 -13.54 16.78
CA GLY B 163 -0.72 -13.09 15.86
C GLY B 163 -2.03 -13.81 16.10
N ARG B 164 -1.92 -15.10 16.39
CA ARG B 164 -3.12 -15.89 16.67
C ARG B 164 -3.78 -15.34 17.97
N PHE B 165 -2.94 -15.18 18.99
CA PHE B 165 -3.31 -14.67 20.33
C PHE B 165 -4.03 -13.33 20.12
N ARG B 166 -3.43 -12.46 19.33
CA ARG B 166 -4.03 -11.13 19.07
C ARG B 166 -5.36 -11.19 18.32
N ARG B 167 -5.48 -12.10 17.36
CA ARG B 167 -6.76 -12.19 16.63
C ARG B 167 -7.88 -12.62 17.61
N TYR B 168 -7.58 -13.59 18.47
CA TYR B 168 -8.63 -14.04 19.40
C TYR B 168 -9.04 -12.95 20.39
N VAL B 169 -8.05 -12.25 20.93
CA VAL B 169 -8.35 -11.15 21.84
C VAL B 169 -9.14 -10.02 21.11
N ALA B 170 -8.70 -9.69 19.88
CA ALA B 170 -9.36 -8.65 19.08
C ALA B 170 -10.85 -9.00 18.89
N ASP B 171 -11.11 -10.26 18.60
CA ASP B 171 -12.48 -10.73 18.44
C ASP B 171 -13.27 -10.63 19.74
N ALA B 172 -12.64 -10.93 20.87
CA ALA B 172 -13.37 -10.83 22.14
C ALA B 172 -13.66 -9.38 22.54
N LEU B 173 -12.78 -8.46 22.13
CA LEU B 173 -12.91 -7.07 22.53
C LEU B 173 -13.55 -6.18 21.46
N SER B 174 -13.77 -6.74 20.28
CA SER B 174 -14.30 -6.01 19.11
C SER B 174 -13.44 -4.80 18.76
N VAL B 175 -12.13 -5.03 18.64
CA VAL B 175 -11.24 -3.96 18.21
C VAL B 175 -10.37 -4.56 17.11
N SER B 176 -9.70 -3.70 16.37
CA SER B 176 -8.80 -4.18 15.32
C SER B 176 -7.56 -4.84 15.97
N PRO B 177 -7.05 -5.95 15.41
CA PRO B 177 -5.87 -6.56 16.04
C PRO B 177 -4.64 -5.67 15.96
N ARG B 178 -4.68 -4.62 15.15
CA ARG B 178 -3.58 -3.68 15.08
C ARG B 178 -3.37 -3.11 16.49
N ASP B 179 -4.48 -2.95 17.22
CA ASP B 179 -4.45 -2.37 18.54
C ASP B 179 -4.39 -3.32 19.74
N VAL B 180 -4.18 -4.61 19.46
CA VAL B 180 -4.00 -5.57 20.54
C VAL B 180 -2.54 -5.94 20.52
N GLN B 181 -1.88 -5.74 21.66
CA GLN B 181 -0.48 -6.14 21.84
C GLN B 181 -0.57 -7.36 22.79
N ALA B 182 -0.40 -8.57 22.25
CA ALA B 182 -0.46 -9.79 23.06
C ALA B 182 0.76 -10.54 22.53
N THR B 183 1.54 -11.10 23.45
CA THR B 183 2.79 -11.77 23.07
C THR B 183 2.89 -13.18 23.61
N VAL B 184 3.49 -14.04 22.82
CA VAL B 184 3.77 -15.42 23.22
C VAL B 184 5.31 -15.51 23.22
N ILE B 185 5.90 -16.04 24.29
CA ILE B 185 7.35 -16.21 24.35
C ILE B 185 7.56 -17.69 24.65
N GLY B 186 8.82 -18.14 24.54
CA GLY B 186 9.13 -19.54 24.81
C GLY B 186 9.40 -20.31 23.51
N THR B 187 9.24 -21.64 23.54
CA THR B 187 9.48 -22.40 22.33
C THR B 187 8.17 -22.60 21.54
N HIS B 188 8.31 -22.75 20.22
CA HIS B 188 7.13 -22.91 19.39
C HIS B 188 6.58 -24.32 19.50
N GLY B 189 5.66 -24.53 20.45
CA GLY B 189 5.09 -25.84 20.66
C GLY B 189 4.20 -25.84 21.89
N ASP B 190 3.93 -27.03 22.44
CA ASP B 190 3.04 -27.12 23.60
C ASP B 190 3.47 -26.38 24.84
N CYS B 191 4.74 -26.01 24.93
CA CYS B 191 5.20 -25.26 26.09
C CYS B 191 5.29 -23.75 25.82
N MET B 192 4.72 -23.25 24.72
CA MET B 192 4.80 -21.79 24.47
C MET B 192 4.05 -21.10 25.61
N VAL B 193 4.42 -19.86 25.90
CA VAL B 193 3.81 -19.11 26.98
C VAL B 193 3.05 -17.86 26.55
N PRO B 194 1.74 -17.95 26.32
CA PRO B 194 0.99 -16.74 25.94
C PRO B 194 0.96 -15.88 27.22
N LEU B 195 1.46 -14.65 27.15
CA LEU B 195 1.51 -13.79 28.33
C LEU B 195 0.21 -13.03 28.60
N VAL B 196 -0.77 -13.72 29.17
CA VAL B 196 -2.07 -13.11 29.45
C VAL B 196 -1.98 -11.85 30.29
N ARG B 197 -1.08 -11.88 31.27
CA ARG B 197 -0.93 -10.76 32.18
C ARG B 197 -0.49 -9.47 31.47
N TYR B 198 0.28 -9.62 30.39
CA TYR B 198 0.83 -8.51 29.63
C TYR B 198 -0.05 -7.95 28.51
N ILE B 199 -1.17 -8.59 28.22
CA ILE B 199 -1.99 -8.10 27.13
C ILE B 199 -2.37 -6.64 27.26
N THR B 200 -2.22 -5.88 26.17
CA THR B 200 -2.68 -4.50 26.22
C THR B 200 -3.48 -4.17 24.97
N VAL B 201 -4.32 -3.13 25.09
CA VAL B 201 -5.15 -2.65 24.00
C VAL B 201 -4.66 -1.20 23.83
N ASN B 202 -3.89 -0.95 22.76
CA ASN B 202 -3.25 0.34 22.54
C ASN B 202 -2.53 0.78 23.83
N GLY B 203 -1.83 -0.17 24.45
CA GLY B 203 -1.07 0.14 25.65
C GLY B 203 -1.88 0.16 26.94
N TYR B 204 -3.20 0.02 26.85
CA TYR B 204 -4.03 0.01 28.05
C TYR B 204 -4.09 -1.42 28.55
N PRO B 205 -3.90 -1.61 29.86
CA PRO B 205 -3.92 -2.94 30.45
C PRO B 205 -5.21 -3.72 30.23
N ILE B 206 -5.07 -5.00 29.87
CA ILE B 206 -6.25 -5.84 29.65
C ILE B 206 -7.10 -5.89 30.94
N GLN B 207 -6.45 -5.73 32.09
CA GLN B 207 -7.17 -5.78 33.35
C GLN B 207 -8.28 -4.73 33.39
N LYS B 208 -8.13 -3.63 32.65
CA LYS B 208 -9.17 -2.61 32.60
C LYS B 208 -10.43 -3.15 31.92
N PHE B 209 -10.25 -3.98 30.90
CA PHE B 209 -11.37 -4.55 30.19
C PHE B 209 -12.03 -5.62 31.00
N ILE B 210 -11.28 -6.28 31.86
CA ILE B 210 -11.87 -7.31 32.73
C ILE B 210 -12.73 -6.55 33.75
N LYS B 211 -12.17 -5.51 34.35
CA LYS B 211 -12.92 -4.73 35.35
C LYS B 211 -14.19 -4.11 34.78
N ASP B 212 -14.11 -3.69 33.52
CA ASP B 212 -15.25 -3.10 32.85
C ASP B 212 -16.33 -4.10 32.47
N GLY B 213 -16.02 -5.40 32.57
CA GLY B 213 -17.01 -6.42 32.23
C GLY B 213 -17.05 -6.84 30.77
N VAL B 214 -16.02 -6.49 30.01
CA VAL B 214 -15.99 -6.84 28.58
C VAL B 214 -15.47 -8.24 28.32
N VAL B 215 -14.54 -8.68 29.14
CA VAL B 215 -13.97 -10.01 28.99
C VAL B 215 -13.63 -10.51 30.40
N THR B 216 -13.52 -11.82 30.60
CA THR B 216 -13.19 -12.37 31.93
C THR B 216 -11.82 -13.03 31.91
N GLU B 217 -11.27 -13.27 33.08
CA GLU B 217 -9.97 -13.92 33.17
C GLU B 217 -10.09 -15.32 32.55
N LYS B 218 -11.20 -16.00 32.85
CA LYS B 218 -11.46 -17.34 32.30
C LYS B 218 -11.41 -17.33 30.76
N GLN B 219 -12.11 -16.38 30.13
CA GLN B 219 -12.10 -16.27 28.66
C GLN B 219 -10.68 -16.10 28.14
N LEU B 220 -9.91 -15.25 28.81
CA LEU B 220 -8.54 -15.00 28.40
C LEU B 220 -7.68 -16.24 28.49
N GLU B 221 -7.88 -17.04 29.55
CA GLU B 221 -7.09 -18.26 29.70
C GLU B 221 -7.49 -19.26 28.61
N GLU B 222 -8.76 -19.27 28.22
CA GLU B 222 -9.22 -20.15 27.14
C GLU B 222 -8.60 -19.70 25.81
N ILE B 223 -8.47 -18.38 25.64
CA ILE B 223 -7.84 -17.87 24.43
C ILE B 223 -6.35 -18.28 24.41
N ALA B 224 -5.70 -18.29 25.58
CA ALA B 224 -4.28 -18.68 25.60
C ALA B 224 -4.16 -20.14 25.22
N GLU B 225 -5.11 -20.95 25.69
CA GLU B 225 -5.07 -22.37 25.38
C GLU B 225 -5.31 -22.56 23.89
N HIS B 226 -6.24 -21.80 23.32
CA HIS B 226 -6.53 -21.91 21.90
C HIS B 226 -5.26 -21.57 21.10
N THR B 227 -4.61 -20.49 21.52
CA THR B 227 -3.39 -20.05 20.89
C THR B 227 -2.38 -21.19 20.85
N LYS B 228 -2.19 -21.85 22.01
CA LYS B 228 -1.25 -22.96 22.07
C LYS B 228 -1.55 -24.08 21.09
N VAL B 229 -2.83 -24.45 20.97
CA VAL B 229 -3.17 -25.54 20.08
C VAL B 229 -3.59 -25.08 18.68
N SER B 230 -3.41 -23.80 18.34
CA SER B 230 -3.86 -23.35 17.02
C SER B 230 -3.17 -24.06 15.84
N GLY B 231 -1.89 -24.38 15.97
CA GLY B 231 -1.23 -25.03 14.85
C GLY B 231 -1.80 -26.41 14.55
N GLY B 232 -1.99 -27.19 15.61
CA GLY B 232 -2.54 -28.54 15.43
C GLY B 232 -3.98 -28.45 14.96
N GLU B 233 -4.69 -27.41 15.42
CA GLU B 233 -6.08 -27.23 15.02
C GLU B 233 -6.18 -27.09 13.49
N ILE B 234 -5.26 -26.31 12.90
CA ILE B 234 -5.29 -26.14 11.45
C ILE B 234 -4.82 -27.43 10.78
N VAL B 235 -3.82 -28.11 11.35
CA VAL B 235 -3.40 -29.37 10.74
C VAL B 235 -4.60 -30.32 10.65
N ARG B 236 -5.38 -30.46 11.74
CA ARG B 236 -6.52 -31.37 11.69
C ARG B 236 -7.62 -30.92 10.71
N PHE B 237 -7.87 -29.61 10.62
CA PHE B 237 -8.87 -29.14 9.67
C PHE B 237 -8.43 -29.30 8.21
N LEU B 238 -7.18 -28.97 7.93
CA LEU B 238 -6.69 -29.07 6.54
C LEU B 238 -6.59 -30.52 6.04
N GLY B 239 -6.20 -31.44 6.91
CA GLY B 239 -6.11 -32.83 6.46
C GLY B 239 -4.74 -33.15 5.93
N GLN B 240 -4.19 -32.26 5.10
CA GLN B 240 -2.84 -32.44 4.56
C GLN B 240 -2.08 -31.14 4.81
N GLY B 241 -0.80 -31.22 5.18
CA GLY B 241 0.00 -30.02 5.43
C GLY B 241 -0.39 -29.21 6.67
N SER B 242 0.18 -28.01 6.81
CA SER B 242 -0.12 -27.17 7.99
C SER B 242 -0.29 -25.74 7.51
N ALA B 243 -0.48 -24.83 8.47
CA ALA B 243 -0.69 -23.41 8.18
C ALA B 243 0.42 -22.80 7.34
N TYR B 244 0.05 -21.87 6.45
CA TYR B 244 1.05 -21.21 5.61
C TYR B 244 0.80 -19.72 5.34
N TYR B 245 -0.47 -19.31 5.31
CA TYR B 245 -0.72 -17.87 5.03
C TYR B 245 -0.14 -16.94 6.11
N ALA B 246 -0.45 -17.20 7.37
CA ALA B 246 0.09 -16.36 8.44
C ALA B 246 1.58 -16.59 8.69
N PRO B 247 2.05 -17.87 8.60
CA PRO B 247 3.49 -18.09 8.82
C PRO B 247 4.26 -17.27 7.78
N ALA B 248 3.79 -17.29 6.53
CA ALA B 248 4.48 -16.54 5.45
C ALA B 248 4.43 -15.05 5.70
N ALA B 249 3.27 -14.52 6.07
CA ALA B 249 3.16 -13.10 6.33
C ALA B 249 4.09 -12.71 7.48
N SER B 250 4.24 -13.57 8.48
CA SER B 250 5.12 -13.26 9.63
C SER B 250 6.58 -13.25 9.24
N ALA B 251 7.01 -14.24 8.49
CA ALA B 251 8.40 -14.27 8.09
C ALA B 251 8.77 -13.07 7.19
N VAL B 252 7.86 -12.70 6.28
CA VAL B 252 8.14 -11.59 5.41
C VAL B 252 8.12 -10.25 6.21
N ALA B 253 7.27 -10.15 7.23
CA ALA B 253 7.27 -8.91 8.01
C ALA B 253 8.62 -8.77 8.68
N MET B 254 9.15 -9.88 9.19
CA MET B 254 10.44 -9.84 9.86
C MET B 254 11.53 -9.46 8.85
N ALA B 255 11.49 -10.06 7.65
CA ALA B 255 12.48 -9.75 6.63
C ALA B 255 12.41 -8.26 6.24
N THR B 256 11.20 -7.74 6.16
CA THR B 256 11.00 -6.34 5.75
C THR B 256 11.56 -5.41 6.82
N SER B 257 11.41 -5.77 8.09
CA SER B 257 11.93 -4.93 9.16
C SER B 257 13.48 -4.88 9.03
N PHE B 258 14.05 -5.98 8.60
CA PHE B 258 15.49 -6.05 8.40
C PHE B 258 15.91 -5.22 7.17
N LEU B 259 15.32 -5.58 6.03
CA LEU B 259 15.64 -4.95 4.77
C LEU B 259 15.44 -3.44 4.73
N ASN B 260 14.43 -2.94 5.46
CA ASN B 260 14.17 -1.49 5.50
C ASN B 260 14.64 -0.83 6.80
N ASP B 261 15.34 -1.60 7.64
CA ASP B 261 15.84 -1.10 8.93
C ASP B 261 14.70 -0.42 9.68
N GLU B 262 13.57 -1.13 9.86
CA GLU B 262 12.39 -0.50 10.50
C GLU B 262 12.49 -0.45 12.03
N LYS B 263 13.20 -1.43 12.59
CA LYS B 263 13.37 -1.54 14.02
C LYS B 263 12.05 -1.88 14.69
N ARG B 264 11.27 -2.74 14.03
CA ARG B 264 10.04 -3.21 14.67
C ARG B 264 10.39 -4.13 15.85
N VAL B 265 9.47 -4.20 16.81
CA VAL B 265 9.63 -5.03 18.01
C VAL B 265 8.77 -6.23 17.70
N ILE B 266 9.43 -7.33 17.36
CA ILE B 266 8.78 -8.56 16.95
C ILE B 266 9.36 -9.74 17.73
N PRO B 267 8.52 -10.49 18.44
CA PRO B 267 9.10 -11.61 19.16
C PRO B 267 9.48 -12.69 18.15
N CYS B 268 10.65 -13.28 18.33
CA CYS B 268 11.14 -14.34 17.44
C CYS B 268 12.21 -15.15 18.20
N SER B 269 12.60 -16.28 17.63
CA SER B 269 13.60 -17.13 18.28
C SER B 269 14.95 -16.50 18.07
N VAL B 270 15.57 -16.02 19.14
CA VAL B 270 16.84 -15.32 19.05
C VAL B 270 17.90 -15.88 20.02
N TYR B 271 19.15 -15.61 19.69
CA TYR B 271 20.29 -16.02 20.51
C TYR B 271 20.31 -15.32 21.87
N CYS B 272 20.45 -16.12 22.91
CA CYS B 272 20.50 -15.64 24.28
C CYS B 272 21.91 -15.75 24.81
N ASN B 273 22.37 -14.65 25.39
CA ASN B 273 23.71 -14.63 25.94
C ASN B 273 23.57 -13.92 27.27
N GLY B 274 22.71 -14.46 28.13
CA GLY B 274 22.53 -13.85 29.43
C GLY B 274 21.11 -13.45 29.77
N GLU B 275 20.31 -13.10 28.76
CA GLU B 275 18.93 -12.70 29.02
C GLU B 275 18.16 -13.83 29.69
N TYR B 276 17.29 -13.45 30.63
CA TYR B 276 16.47 -14.42 31.35
C TYR B 276 17.33 -15.50 31.97
N GLY B 277 18.64 -15.27 32.04
CA GLY B 277 19.55 -16.24 32.62
C GLY B 277 19.99 -17.35 31.68
N LEU B 278 19.65 -17.25 30.40
CA LEU B 278 19.99 -18.28 29.41
C LEU B 278 21.24 -17.99 28.59
N LYS B 279 21.98 -19.03 28.24
CA LYS B 279 23.18 -18.83 27.43
C LYS B 279 23.32 -19.88 26.36
N ASP B 280 23.94 -19.47 25.25
CA ASP B 280 24.23 -20.33 24.11
C ASP B 280 23.05 -21.11 23.56
N MET B 281 21.93 -20.43 23.37
CA MET B 281 20.77 -21.10 22.84
C MET B 281 19.81 -20.06 22.27
N PHE B 282 18.86 -20.54 21.49
CA PHE B 282 17.85 -19.68 20.89
C PHE B 282 16.50 -19.99 21.50
N ILE B 283 15.68 -18.98 21.74
CA ILE B 283 14.34 -19.26 22.23
C ILE B 283 13.52 -18.02 21.90
N GLY B 284 12.19 -18.19 21.79
CA GLY B 284 11.30 -17.10 21.44
C GLY B 284 11.20 -16.01 22.49
N LEU B 285 11.59 -14.79 22.09
CA LEU B 285 11.60 -13.64 22.99
C LEU B 285 11.34 -12.36 22.20
N PRO B 286 10.87 -11.31 22.88
CA PRO B 286 10.64 -10.06 22.15
C PRO B 286 11.98 -9.49 21.71
N ALA B 287 12.07 -9.00 20.47
CA ALA B 287 13.35 -8.46 20.01
C ALA B 287 13.09 -7.32 19.02
N VAL B 288 14.15 -6.55 18.73
CA VAL B 288 14.05 -5.45 17.78
C VAL B 288 14.79 -5.92 16.56
N ILE B 289 14.13 -5.89 15.39
CA ILE B 289 14.75 -6.28 14.13
C ILE B 289 15.02 -5.02 13.28
N GLY B 290 16.29 -4.76 12.98
CA GLY B 290 16.63 -3.60 12.15
C GLY B 290 17.68 -3.96 11.09
N GLY B 291 18.26 -2.96 10.45
CA GLY B 291 19.26 -3.19 9.39
C GLY B 291 20.53 -3.88 9.87
N ALA B 292 20.69 -4.00 11.19
CA ALA B 292 21.86 -4.69 11.77
C ALA B 292 21.38 -6.04 12.30
N GLY B 293 20.23 -6.52 11.81
CA GLY B 293 19.73 -7.81 12.29
C GLY B 293 19.00 -7.67 13.61
N ILE B 294 19.25 -8.61 14.52
CA ILE B 294 18.61 -8.59 15.82
C ILE B 294 19.39 -7.56 16.60
N GLU B 295 18.77 -6.41 16.79
CA GLU B 295 19.42 -5.29 17.44
C GLU B 295 19.27 -5.23 18.96
N ARG B 296 18.27 -5.94 19.49
CA ARG B 296 18.04 -5.95 20.95
C ARG B 296 17.16 -7.14 21.30
N VAL B 297 17.47 -7.80 22.42
CA VAL B 297 16.64 -8.91 22.91
C VAL B 297 16.05 -8.31 24.17
N ILE B 298 14.73 -8.21 24.23
CA ILE B 298 14.07 -7.59 25.37
C ILE B 298 13.80 -8.57 26.52
N GLU B 299 14.19 -8.15 27.74
CA GLU B 299 13.98 -8.99 28.90
C GLU B 299 12.77 -8.47 29.68
N LEU B 300 11.71 -9.27 29.71
CA LEU B 300 10.50 -8.91 30.41
C LEU B 300 10.63 -9.32 31.88
N GLU B 301 10.03 -8.55 32.77
CA GLU B 301 10.06 -8.87 34.19
C GLU B 301 8.95 -9.90 34.35
N LEU B 302 9.29 -11.18 34.44
CA LEU B 302 8.27 -12.23 34.57
C LEU B 302 7.94 -12.52 36.02
N ASN B 303 6.70 -12.87 36.31
CA ASN B 303 6.33 -13.18 37.68
C ASN B 303 6.51 -14.68 37.96
N GLU B 304 6.36 -15.07 39.22
CA GLU B 304 6.56 -16.46 39.59
C GLU B 304 5.96 -17.49 38.64
N GLU B 305 4.67 -17.44 38.35
CA GLU B 305 4.07 -18.42 37.47
C GLU B 305 4.58 -18.32 36.01
N GLU B 306 4.85 -17.11 35.53
CA GLU B 306 5.35 -16.92 34.17
C GLU B 306 6.71 -17.56 34.06
N LYS B 307 7.54 -17.36 35.08
CA LYS B 307 8.88 -17.92 35.09
C LYS B 307 8.83 -19.45 35.08
N LYS B 308 7.84 -19.98 35.76
CA LYS B 308 7.68 -21.43 35.85
C LYS B 308 7.30 -22.01 34.48
N GLN B 309 6.36 -21.36 33.79
CA GLN B 309 5.93 -21.81 32.46
C GLN B 309 7.09 -21.64 31.47
N PHE B 310 7.80 -20.51 31.57
CA PHE B 310 8.93 -20.27 30.68
C PHE B 310 10.07 -21.27 30.96
N GLN B 311 10.32 -21.58 32.23
CA GLN B 311 11.40 -22.52 32.58
C GLN B 311 11.13 -23.89 32.01
N LYS B 312 9.85 -24.26 31.97
CA LYS B 312 9.45 -25.54 31.43
C LYS B 312 9.86 -25.60 29.95
N SER B 313 9.57 -24.50 29.25
CA SER B 313 9.90 -24.39 27.84
C SER B 313 11.41 -24.41 27.68
N VAL B 314 12.14 -23.70 28.55
CA VAL B 314 13.61 -23.69 28.48
C VAL B 314 14.19 -25.09 28.69
N ASP B 315 13.85 -25.71 29.82
CA ASP B 315 14.37 -27.03 30.16
C ASP B 315 14.09 -28.03 29.03
N ASP B 316 12.92 -27.89 28.43
CA ASP B 316 12.56 -28.77 27.35
C ASP B 316 13.43 -28.60 26.11
N VAL B 317 13.57 -27.35 25.64
CA VAL B 317 14.36 -27.12 24.45
C VAL B 317 15.84 -27.39 24.73
N MET B 318 16.28 -27.27 25.98
CA MET B 318 17.68 -27.57 26.25
C MET B 318 17.89 -29.08 26.08
N ALA B 319 16.86 -29.86 26.42
CA ALA B 319 16.94 -31.32 26.31
C ALA B 319 16.97 -31.74 24.84
N LEU B 320 16.11 -31.16 24.01
CA LEU B 320 16.14 -31.51 22.58
C LEU B 320 17.46 -31.08 21.92
N ASN B 321 17.97 -29.90 22.29
CA ASN B 321 19.21 -29.45 21.68
C ASN B 321 20.34 -30.39 22.08
N LYS B 322 20.33 -30.87 23.32
CA LYS B 322 21.40 -31.79 23.74
C LYS B 322 21.26 -33.09 22.94
N ALA B 323 20.03 -33.55 22.77
CA ALA B 323 19.85 -34.79 22.01
C ALA B 323 20.35 -34.62 20.58
N VAL B 324 20.03 -33.47 19.97
CA VAL B 324 20.47 -33.25 18.60
C VAL B 324 22.00 -33.25 18.51
N ALA B 325 22.64 -32.61 19.48
CA ALA B 325 24.10 -32.52 19.51
C ALA B 325 24.68 -33.94 19.68
N ALA B 326 24.02 -34.71 20.54
CA ALA B 326 24.47 -36.08 20.82
C ALA B 326 24.38 -36.98 19.57
N LEU B 327 23.32 -36.79 18.80
CA LEU B 327 23.07 -37.59 17.62
C LEU B 327 23.73 -37.13 16.34
N GLN B 328 24.30 -35.93 16.35
CA GLN B 328 24.88 -35.41 15.12
C GLN B 328 26.10 -36.12 14.56
N ALA B 329 26.12 -36.30 13.24
CA ALA B 329 27.25 -36.93 12.55
C ALA B 329 28.47 -36.04 12.80
N PRO B 330 29.65 -36.64 13.11
CA PRO B 330 30.85 -35.82 13.37
C PRO B 330 31.04 -34.93 12.15
N GLY B 331 30.61 -35.51 11.04
CA GLY B 331 30.68 -34.88 9.75
C GLY B 331 30.35 -36.08 8.88
N PRO C 3 -26.60 1.55 -17.11
CA PRO C 3 -26.16 0.54 -16.10
C PRO C 3 -26.39 1.11 -14.69
N ALA C 4 -27.20 0.44 -13.87
CA ALA C 4 -27.46 0.95 -12.52
C ALA C 4 -26.23 0.82 -11.62
N LEU C 5 -25.88 1.90 -10.91
CA LEU C 5 -24.72 1.90 -10.02
C LEU C 5 -25.00 1.11 -8.73
N VAL C 6 -24.30 0.01 -8.55
CA VAL C 6 -24.50 -0.84 -7.36
C VAL C 6 -23.54 -0.49 -6.22
N GLN C 7 -22.26 -0.27 -6.55
CA GLN C 7 -21.25 0.07 -5.55
C GLN C 7 -20.81 1.51 -5.81
N ARG C 8 -21.11 2.38 -4.87
CA ARG C 8 -20.79 3.81 -4.99
C ARG C 8 -19.56 4.05 -4.14
N ARG C 9 -18.65 4.91 -4.60
CA ARG C 9 -17.49 5.23 -3.81
C ARG C 9 -17.93 6.03 -2.60
N LYS C 10 -17.14 5.96 -1.52
CA LYS C 10 -17.45 6.76 -0.36
C LYS C 10 -17.16 8.19 -0.78
N LYS C 11 -17.76 9.13 -0.06
CA LYS C 11 -17.55 10.56 -0.32
C LYS C 11 -17.20 11.32 0.95
N VAL C 12 -16.08 12.03 0.90
CA VAL C 12 -15.64 12.81 2.02
C VAL C 12 -15.61 14.31 1.69
N ALA C 13 -16.32 15.12 2.50
CA ALA C 13 -16.33 16.57 2.26
C ALA C 13 -15.35 17.28 3.20
N MET C 14 -14.43 18.07 2.64
CA MET C 14 -13.48 18.82 3.46
C MET C 14 -14.05 20.22 3.53
N ILE C 15 -14.61 20.59 4.68
CA ILE C 15 -15.19 21.94 4.78
C ILE C 15 -14.04 22.73 5.35
N GLY C 16 -13.39 23.52 4.47
CA GLY C 16 -12.20 24.26 4.84
C GLY C 16 -11.19 23.60 3.90
N SER C 17 -10.58 24.36 2.99
CA SER C 17 -9.65 23.80 2.03
C SER C 17 -8.29 24.46 2.10
N GLY C 18 -7.91 24.82 3.33
CA GLY C 18 -6.62 25.41 3.57
C GLY C 18 -5.57 24.29 3.65
N MET C 19 -4.53 24.50 4.44
CA MET C 19 -3.46 23.50 4.53
C MET C 19 -3.92 22.10 4.91
N ILE C 20 -4.69 21.98 5.98
CA ILE C 20 -5.11 20.65 6.40
C ILE C 20 -6.16 20.06 5.48
N GLY C 21 -7.15 20.86 5.05
CA GLY C 21 -8.16 20.32 4.13
C GLY C 21 -7.54 19.80 2.82
N GLY C 22 -6.65 20.57 2.21
CA GLY C 22 -6.04 20.09 0.97
C GLY C 22 -5.19 18.81 1.17
N THR C 23 -4.47 18.78 2.27
CA THR C 23 -3.62 17.62 2.60
C THR C 23 -4.44 16.35 2.79
N MET C 24 -5.62 16.47 3.39
CA MET C 24 -6.48 15.31 3.61
C MET C 24 -7.00 14.87 2.23
N GLY C 25 -7.32 15.84 1.38
CA GLY C 25 -7.77 15.48 0.01
C GLY C 25 -6.64 14.72 -0.67
N TYR C 26 -5.40 15.15 -0.44
CA TYR C 26 -4.25 14.44 -1.06
C TYR C 26 -4.23 12.98 -0.60
N LEU C 27 -4.36 12.76 0.72
CA LEU C 27 -4.34 11.38 1.19
C LEU C 27 -5.46 10.57 0.54
N CYS C 28 -6.64 11.16 0.37
CA CYS C 28 -7.75 10.39 -0.25
C CYS C 28 -7.42 10.01 -1.69
N ALA C 29 -6.81 10.91 -2.44
CA ALA C 29 -6.47 10.67 -3.83
C ALA C 29 -5.33 9.64 -3.90
N LEU C 30 -4.34 9.78 -3.03
CA LEU C 30 -3.19 8.87 -3.00
C LEU C 30 -3.60 7.42 -2.69
N ARG C 31 -4.58 7.24 -1.81
CA ARG C 31 -5.01 5.90 -1.41
C ARG C 31 -6.31 5.42 -2.05
N GLU C 32 -6.89 6.23 -2.92
CA GLU C 32 -8.16 5.89 -3.55
C GLU C 32 -9.21 5.60 -2.46
N LEU C 33 -9.18 6.39 -1.38
CA LEU C 33 -10.09 6.19 -0.26
C LEU C 33 -11.53 6.60 -0.52
N ALA C 34 -11.71 7.72 -1.23
CA ALA C 34 -13.05 8.22 -1.45
C ALA C 34 -13.01 9.41 -2.39
N ASP C 35 -14.18 9.74 -2.93
CA ASP C 35 -14.28 10.95 -3.76
C ASP C 35 -14.15 12.06 -2.72
N VAL C 36 -13.65 13.22 -3.16
CA VAL C 36 -13.38 14.37 -2.29
C VAL C 36 -14.06 15.61 -2.80
N VAL C 37 -14.60 16.41 -1.88
CA VAL C 37 -15.17 17.71 -2.22
C VAL C 37 -14.41 18.73 -1.38
N LEU C 38 -13.90 19.78 -2.01
CA LEU C 38 -13.19 20.83 -1.28
C LEU C 38 -14.14 22.03 -1.28
N TYR C 39 -14.45 22.51 -0.09
CA TYR C 39 -15.31 23.68 0.12
C TYR C 39 -14.54 24.76 0.91
N ASP C 40 -14.71 26.03 0.59
CA ASP C 40 -14.02 27.06 1.38
C ASP C 40 -14.76 28.35 1.11
N VAL C 41 -14.50 29.35 1.93
CA VAL C 41 -15.12 30.67 1.73
C VAL C 41 -14.31 31.44 0.68
N VAL C 42 -13.01 31.13 0.58
CA VAL C 42 -12.13 31.78 -0.40
C VAL C 42 -12.42 31.23 -1.80
N LYS C 43 -12.78 32.13 -2.71
CA LYS C 43 -13.08 31.76 -4.10
C LYS C 43 -11.80 31.45 -4.88
N GLY C 44 -11.89 30.47 -5.77
CA GLY C 44 -10.74 30.11 -6.59
C GLY C 44 -9.76 29.08 -6.04
N MET C 45 -9.22 29.34 -4.85
CA MET C 45 -8.24 28.44 -4.27
C MET C 45 -8.68 26.95 -4.24
N PRO C 46 -9.91 26.65 -3.81
CA PRO C 46 -10.33 25.25 -3.79
C PRO C 46 -10.35 24.64 -5.22
N GLU C 47 -10.64 25.45 -6.25
CA GLU C 47 -10.66 24.91 -7.60
C GLU C 47 -9.25 24.57 -8.02
N GLY C 48 -8.31 25.41 -7.59
CA GLY C 48 -6.90 25.18 -7.90
C GLY C 48 -6.41 23.88 -7.26
N LYS C 49 -6.67 23.68 -5.96
CA LYS C 49 -6.25 22.47 -5.28
C LYS C 49 -6.98 21.23 -5.82
N ALA C 50 -8.26 21.37 -6.17
CA ALA C 50 -8.98 20.22 -6.69
C ALA C 50 -8.37 19.75 -8.03
N LEU C 51 -7.97 20.70 -8.89
CA LEU C 51 -7.35 20.34 -10.16
C LEU C 51 -6.04 19.59 -9.90
N ASP C 52 -5.22 20.16 -9.02
CA ASP C 52 -3.90 19.58 -8.65
C ASP C 52 -4.09 18.14 -8.13
N LEU C 53 -5.05 17.97 -7.22
CA LEU C 53 -5.37 16.65 -6.66
C LEU C 53 -5.93 15.72 -7.73
N SER C 54 -6.76 16.23 -8.64
CA SER C 54 -7.29 15.34 -9.69
C SER C 54 -6.11 14.84 -10.51
N HIS C 55 -5.09 15.71 -10.70
CA HIS C 55 -3.92 15.30 -11.49
C HIS C 55 -3.14 14.20 -10.75
N VAL C 56 -3.12 14.27 -9.43
CA VAL C 56 -2.42 13.25 -8.63
C VAL C 56 -3.01 11.83 -8.94
N THR C 57 -4.33 11.71 -9.05
CA THR C 57 -4.89 10.38 -9.32
C THR C 57 -4.27 9.72 -10.56
N SER C 58 -3.99 10.48 -11.62
CA SER C 58 -3.34 9.86 -12.80
C SER C 58 -1.91 9.43 -12.45
N VAL C 59 -1.17 10.33 -11.82
CA VAL C 59 0.24 10.03 -11.51
C VAL C 59 0.37 8.75 -10.66
N VAL C 60 -0.49 8.57 -9.67
CA VAL C 60 -0.38 7.38 -8.81
C VAL C 60 -1.36 6.26 -9.19
N ASP C 61 -1.96 6.38 -10.37
CA ASP C 61 -2.88 5.37 -10.88
C ASP C 61 -4.08 5.01 -10.03
N THR C 62 -4.79 6.00 -9.51
CA THR C 62 -5.97 5.71 -8.75
C THR C 62 -7.13 6.42 -9.45
N ASN C 63 -8.34 6.16 -9.01
CA ASN C 63 -9.46 6.86 -9.63
C ASN C 63 -10.52 7.27 -8.62
N VAL C 64 -10.41 8.54 -8.19
CA VAL C 64 -11.44 9.10 -7.35
C VAL C 64 -11.65 10.48 -7.95
N SER C 65 -12.82 11.02 -7.67
CA SER C 65 -13.19 12.35 -8.15
C SER C 65 -12.82 13.42 -7.11
N VAL C 66 -12.09 14.46 -7.50
CA VAL C 66 -11.82 15.56 -6.56
C VAL C 66 -12.42 16.81 -7.18
N ARG C 67 -13.36 17.45 -6.47
CA ARG C 67 -14.02 18.64 -7.00
C ARG C 67 -14.20 19.72 -5.95
N ALA C 68 -14.19 20.96 -6.42
CA ALA C 68 -14.39 22.10 -5.53
C ALA C 68 -15.89 22.36 -5.64
N GLU C 69 -16.52 22.80 -4.54
CA GLU C 69 -17.93 23.16 -4.56
C GLU C 69 -18.04 24.43 -3.74
N TYR C 70 -18.78 25.42 -4.20
CA TYR C 70 -18.84 26.62 -3.38
C TYR C 70 -20.09 26.78 -2.52
N SER C 71 -21.08 25.90 -2.66
CA SER C 71 -22.24 26.05 -1.80
C SER C 71 -22.29 24.90 -0.77
N TYR C 72 -22.84 25.18 0.41
CA TYR C 72 -22.95 24.14 1.42
C TYR C 72 -23.73 22.93 0.88
N GLU C 73 -24.82 23.20 0.16
CA GLU C 73 -25.62 22.12 -0.38
C GLU C 73 -24.84 21.15 -1.28
N ALA C 74 -24.12 21.69 -2.25
CA ALA C 74 -23.34 20.82 -3.15
C ALA C 74 -22.19 20.11 -2.40
N ALA C 75 -21.56 20.81 -1.47
CA ALA C 75 -20.45 20.22 -0.70
C ALA C 75 -20.87 19.13 0.26
N LEU C 76 -21.96 19.38 0.98
CA LEU C 76 -22.42 18.46 1.99
C LEU C 76 -23.32 17.31 1.56
N THR C 77 -24.13 17.50 0.52
CA THR C 77 -25.03 16.42 0.10
C THR C 77 -24.31 15.13 -0.27
N GLY C 78 -24.74 14.03 0.35
CA GLY C 78 -24.17 12.72 0.07
C GLY C 78 -22.84 12.44 0.76
N ALA C 79 -22.40 13.33 1.64
CA ALA C 79 -21.10 13.08 2.27
C ALA C 79 -21.17 12.01 3.35
N ASP C 80 -20.38 10.94 3.21
CA ASP C 80 -20.34 9.90 4.22
C ASP C 80 -19.68 10.38 5.51
N CYS C 81 -18.74 11.29 5.33
CA CYS C 81 -17.96 11.87 6.41
C CYS C 81 -17.63 13.31 6.05
N VAL C 82 -17.68 14.18 7.04
CA VAL C 82 -17.39 15.59 6.83
C VAL C 82 -16.27 15.92 7.81
N ILE C 83 -15.18 16.46 7.29
CA ILE C 83 -14.03 16.81 8.12
C ILE C 83 -13.93 18.34 8.08
N VAL C 84 -14.03 18.96 9.26
CA VAL C 84 -14.06 20.41 9.35
C VAL C 84 -12.81 21.06 9.88
N THR C 85 -12.12 21.82 9.03
CA THR C 85 -10.90 22.54 9.41
C THR C 85 -11.11 24.06 9.22
N ALA C 86 -12.30 24.48 8.82
CA ALA C 86 -12.58 25.92 8.58
C ALA C 86 -12.30 26.78 9.82
N GLY C 87 -11.61 27.90 9.63
CA GLY C 87 -11.33 28.78 10.75
C GLY C 87 -9.94 29.36 10.67
N LEU C 88 -9.54 30.09 11.71
CA LEU C 88 -8.20 30.69 11.76
C LEU C 88 -7.25 29.80 12.52
N THR C 89 -5.94 29.99 12.27
CA THR C 89 -4.89 29.24 12.97
C THR C 89 -4.15 30.14 13.97
N LYS C 90 -4.23 31.46 13.78
CA LYS C 90 -3.55 32.42 14.63
C LYS C 90 -4.36 33.72 14.71
N VAL C 91 -4.25 34.43 15.84
CA VAL C 91 -4.95 35.70 16.02
C VAL C 91 -4.22 36.77 15.22
N PRO C 92 -4.91 37.44 14.30
CA PRO C 92 -4.24 38.49 13.50
C PRO C 92 -3.48 39.53 14.36
N GLY C 93 -2.30 39.93 13.90
CA GLY C 93 -1.51 40.92 14.60
C GLY C 93 -0.87 40.52 15.92
N LYS C 94 -1.08 39.28 16.34
CA LYS C 94 -0.51 38.77 17.60
C LYS C 94 0.86 38.10 17.37
N PRO C 95 1.81 38.23 18.32
CA PRO C 95 3.17 37.65 18.24
C PRO C 95 3.15 36.11 18.33
N ASP C 96 4.11 35.43 17.67
CA ASP C 96 4.19 33.96 17.69
C ASP C 96 4.39 33.40 19.09
N SER C 97 5.08 34.15 19.93
CA SER C 97 5.33 33.70 21.29
C SER C 97 4.04 33.77 22.10
N GLU C 98 3.07 34.52 21.59
CA GLU C 98 1.80 34.64 22.30
C GLU C 98 0.70 33.77 21.69
N TRP C 99 1.11 32.79 20.88
CA TRP C 99 0.15 31.91 20.24
C TRP C 99 -0.61 31.03 21.25
N SER C 100 -1.93 31.06 21.16
CA SER C 100 -2.78 30.28 22.05
C SER C 100 -4.00 29.81 21.25
N ARG C 101 -4.29 28.51 21.30
CA ARG C 101 -5.45 28.00 20.60
C ARG C 101 -6.73 28.59 21.18
N ASN C 102 -6.71 28.89 22.48
CA ASN C 102 -7.88 29.44 23.16
C ASN C 102 -8.27 30.83 22.65
N ASP C 103 -7.31 31.60 22.17
CA ASP C 103 -7.64 32.93 21.63
C ASP C 103 -8.40 32.84 20.30
N LEU C 104 -8.43 31.65 19.69
CA LEU C 104 -9.15 31.48 18.42
C LEU C 104 -10.67 31.38 18.60
N LEU C 105 -11.13 31.10 19.83
CA LEU C 105 -12.57 30.94 20.14
C LEU C 105 -13.56 31.97 19.53
N PRO C 106 -13.30 33.27 19.74
CA PRO C 106 -14.14 34.36 19.22
C PRO C 106 -14.24 34.33 17.72
N PHE C 107 -13.15 33.96 17.08
CA PHE C 107 -13.17 33.92 15.63
C PHE C 107 -13.81 32.67 15.03
N ASN C 108 -13.46 31.49 15.51
CA ASN C 108 -13.97 30.25 14.93
C ASN C 108 -15.32 29.75 15.41
N SER C 109 -15.78 30.26 16.54
CA SER C 109 -17.06 29.80 17.06
C SER C 109 -18.24 29.93 16.11
N LYS C 110 -18.42 31.09 15.49
CA LYS C 110 -19.56 31.26 14.58
C LYS C 110 -19.40 30.49 13.25
N ILE C 111 -18.17 30.26 12.84
CA ILE C 111 -17.93 29.51 11.61
C ILE C 111 -18.43 28.07 11.87
N ILE C 112 -17.93 27.48 12.94
CA ILE C 112 -18.33 26.11 13.32
C ILE C 112 -19.84 25.98 13.50
N ARG C 113 -20.46 26.94 14.18
CA ARG C 113 -21.91 26.84 14.32
C ARG C 113 -22.63 26.88 12.99
N GLU C 114 -22.18 27.72 12.07
CA GLU C 114 -22.85 27.78 10.78
C GLU C 114 -22.67 26.47 9.99
N ILE C 115 -21.49 25.90 10.02
CA ILE C 115 -21.28 24.67 9.29
C ILE C 115 -22.20 23.56 9.85
N GLY C 116 -22.27 23.43 11.17
CA GLY C 116 -23.14 22.42 11.76
C GLY C 116 -24.60 22.60 11.36
N GLN C 117 -25.07 23.84 11.26
CA GLN C 117 -26.47 24.08 10.87
C GLN C 117 -26.69 23.54 9.46
N ASN C 118 -25.70 23.70 8.60
CA ASN C 118 -25.81 23.23 7.24
C ASN C 118 -25.70 21.72 7.14
N ILE C 119 -24.92 21.12 8.03
CA ILE C 119 -24.82 19.66 8.04
C ILE C 119 -26.19 19.11 8.45
N LYS C 120 -26.82 19.78 9.41
CA LYS C 120 -28.15 19.32 9.87
C LYS C 120 -29.10 19.34 8.69
N LYS C 121 -28.98 20.37 7.87
CA LYS C 121 -29.86 20.52 6.73
C LYS C 121 -29.55 19.58 5.57
N TYR C 122 -28.27 19.39 5.26
CA TYR C 122 -27.90 18.59 4.10
C TYR C 122 -27.38 17.19 4.31
N CYS C 123 -26.78 16.88 5.45
CA CYS C 123 -26.31 15.50 5.63
C CYS C 123 -26.32 15.06 7.08
N PRO C 124 -27.53 15.04 7.68
CA PRO C 124 -27.71 14.65 9.09
C PRO C 124 -27.27 13.25 9.46
N LYS C 125 -27.03 12.39 8.47
CA LYS C 125 -26.60 11.02 8.77
C LYS C 125 -25.09 10.81 8.64
N THR C 126 -24.36 11.89 8.42
CA THR C 126 -22.93 11.79 8.23
C THR C 126 -22.14 11.60 9.53
N PHE C 127 -20.85 11.25 9.41
CA PHE C 127 -19.97 11.11 10.56
C PHE C 127 -19.13 12.40 10.52
N ILE C 128 -19.15 13.16 11.61
CA ILE C 128 -18.42 14.45 11.64
C ILE C 128 -17.11 14.39 12.40
N ILE C 129 -16.04 14.84 11.76
CA ILE C 129 -14.73 14.92 12.40
C ILE C 129 -14.30 16.37 12.41
N VAL C 130 -14.27 16.96 13.61
CA VAL C 130 -13.86 18.33 13.76
C VAL C 130 -12.36 18.48 13.99
N VAL C 131 -11.75 19.49 13.38
CA VAL C 131 -10.30 19.75 13.54
C VAL C 131 -10.06 21.15 14.04
N THR C 132 -10.95 22.05 13.65
CA THR C 132 -10.85 23.47 14.02
C THR C 132 -10.59 23.72 15.50
N ASN C 133 -9.63 24.60 15.80
CA ASN C 133 -9.31 24.96 17.20
C ASN C 133 -10.19 26.12 17.69
N PRO C 134 -10.45 26.22 19.02
CA PRO C 134 -10.01 25.36 20.14
C PRO C 134 -10.81 24.07 20.01
N LEU C 135 -10.11 22.97 19.72
CA LEU C 135 -10.78 21.70 19.43
C LEU C 135 -11.95 21.18 20.26
N ASP C 136 -11.75 20.87 21.53
CA ASP C 136 -12.84 20.28 22.30
C ASP C 136 -14.06 21.15 22.42
N CYS C 137 -13.81 22.45 22.45
CA CYS C 137 -14.89 23.43 22.51
C CYS C 137 -15.65 23.43 21.17
N MET C 138 -14.93 23.49 20.05
CA MET C 138 -15.56 23.47 18.74
C MET C 138 -16.36 22.19 18.45
N VAL C 139 -15.92 21.05 19.00
CA VAL C 139 -16.69 19.82 18.78
C VAL C 139 -18.07 19.96 19.44
N LYS C 140 -18.12 20.57 20.62
CA LYS C 140 -19.41 20.72 21.28
C LYS C 140 -20.33 21.69 20.50
N VAL C 141 -19.76 22.79 20.02
CA VAL C 141 -20.52 23.76 19.23
C VAL C 141 -21.10 23.02 18.02
N MET C 142 -20.26 22.23 17.37
CA MET C 142 -20.69 21.47 16.19
C MET C 142 -21.78 20.47 16.55
N CYS C 143 -21.64 19.81 17.69
CA CYS C 143 -22.65 18.86 18.09
C CYS C 143 -24.01 19.54 18.29
N GLU C 144 -24.00 20.65 19.01
CA GLU C 144 -25.24 21.40 19.25
C GLU C 144 -25.87 21.96 17.98
N ALA C 145 -25.05 22.47 17.06
CA ALA C 145 -25.59 23.04 15.80
C ALA C 145 -26.05 21.99 14.79
N SER C 146 -25.32 20.87 14.69
CA SER C 146 -25.65 19.83 13.73
C SER C 146 -26.75 18.89 14.13
N GLY C 147 -26.94 18.68 15.44
CA GLY C 147 -28.00 17.78 15.88
C GLY C 147 -27.74 16.29 15.63
N VAL C 148 -26.53 15.92 15.23
CA VAL C 148 -26.28 14.50 14.98
C VAL C 148 -26.20 13.68 16.28
N PRO C 149 -26.37 12.35 16.20
CA PRO C 149 -26.29 11.48 17.40
C PRO C 149 -24.89 11.68 17.97
N THR C 150 -24.74 11.54 19.29
CA THR C 150 -23.43 11.80 19.89
C THR C 150 -22.32 10.85 19.48
N ASN C 151 -22.68 9.66 19.02
CA ASN C 151 -21.64 8.71 18.57
C ASN C 151 -21.20 9.02 17.13
N MET C 152 -21.83 10.01 16.50
CA MET C 152 -21.50 10.34 15.10
C MET C 152 -20.68 11.60 14.90
N ILE C 153 -20.09 12.09 16.00
CA ILE C 153 -19.25 13.28 15.96
C ILE C 153 -18.09 13.13 16.94
N CYS C 154 -16.91 13.57 16.54
CA CYS C 154 -15.75 13.52 17.41
C CYS C 154 -14.77 14.58 16.90
N GLY C 155 -13.70 14.80 17.65
CA GLY C 155 -12.73 15.77 17.22
C GLY C 155 -11.35 15.15 17.15
N MET C 156 -10.62 15.45 16.07
CA MET C 156 -9.26 14.94 15.94
C MET C 156 -8.32 15.85 16.74
N ALA C 157 -7.56 15.26 17.64
CA ALA C 157 -6.54 15.99 18.39
C ALA C 157 -5.62 15.01 19.07
N CYS C 158 -6.18 14.15 19.91
CA CYS C 158 -5.33 13.23 20.67
C CYS C 158 -4.50 12.25 19.87
N MET C 159 -4.96 11.88 18.68
CA MET C 159 -4.16 10.96 17.88
C MET C 159 -2.87 11.67 17.42
N LEU C 160 -2.99 12.97 17.13
CA LEU C 160 -1.85 13.80 16.72
C LEU C 160 -0.92 13.98 17.92
N ASP C 161 -1.50 14.41 19.04
CA ASP C 161 -0.70 14.60 20.26
C ASP C 161 -0.02 13.29 20.63
N SER C 162 -0.76 12.18 20.53
CA SER C 162 -0.22 10.85 20.83
C SER C 162 0.85 10.50 19.78
N GLY C 163 0.64 10.91 18.55
CA GLY C 163 1.61 10.58 17.53
C GLY C 163 2.93 11.27 17.83
N ARG C 164 2.86 12.51 18.31
CA ARG C 164 4.09 13.23 18.68
C ARG C 164 4.81 12.49 19.82
N PHE C 165 4.05 12.20 20.87
CA PHE C 165 4.51 11.48 22.06
C PHE C 165 5.24 10.18 21.61
N ARG C 166 4.60 9.42 20.73
CA ARG C 166 5.14 8.15 20.21
C ARG C 166 6.42 8.33 19.41
N ARG C 167 6.48 9.38 18.60
CA ARG C 167 7.70 9.60 17.81
C ARG C 167 8.89 9.90 18.73
N TYR C 168 8.66 10.67 19.78
CA TYR C 168 9.76 11.02 20.68
C TYR C 168 10.26 9.79 21.45
N VAL C 169 9.32 9.01 21.95
CA VAL C 169 9.67 7.78 22.68
C VAL C 169 10.35 6.80 21.72
N ALA C 170 9.83 6.66 20.50
CA ALA C 170 10.43 5.74 19.50
C ALA C 170 11.89 6.12 19.25
N ASP C 171 12.13 7.42 19.12
CA ASP C 171 13.50 7.87 18.92
C ASP C 171 14.38 7.53 20.14
N ALA C 172 13.85 7.73 21.34
CA ALA C 172 14.64 7.46 22.55
C ALA C 172 14.98 5.98 22.67
N LEU C 173 14.06 5.13 22.25
CA LEU C 173 14.26 3.68 22.34
C LEU C 173 14.84 3.01 21.12
N SER C 174 14.90 3.72 20.01
CA SER C 174 15.39 3.15 18.76
C SER C 174 14.52 2.02 18.26
N VAL C 175 13.22 2.28 18.21
CA VAL C 175 12.28 1.30 17.72
C VAL C 175 11.33 2.03 16.80
N SER C 176 10.60 1.26 15.99
CA SER C 176 9.59 1.86 15.11
C SER C 176 8.43 2.44 15.95
N PRO C 177 7.94 3.65 15.62
CA PRO C 177 6.82 4.17 16.42
C PRO C 177 5.57 3.24 16.30
N ARG C 178 5.53 2.37 15.29
CA ARG C 178 4.41 1.42 15.19
C ARG C 178 4.31 0.65 16.49
N ASP C 179 5.47 0.38 17.09
CA ASP C 179 5.51 -0.41 18.31
C ASP C 179 5.58 0.35 19.64
N VAL C 180 5.28 1.64 19.60
CA VAL C 180 5.24 2.40 20.83
C VAL C 180 3.76 2.78 21.01
N GLN C 181 3.17 2.34 22.12
CA GLN C 181 1.79 2.73 22.40
C GLN C 181 1.92 3.85 23.47
N ALA C 182 1.59 5.07 23.11
CA ALA C 182 1.67 6.17 24.10
C ALA C 182 0.45 7.02 23.80
N THR C 183 -0.24 7.41 24.85
CA THR C 183 -1.45 8.19 24.71
C THR C 183 -1.49 9.51 25.45
N VAL C 184 -2.08 10.50 24.79
CA VAL C 184 -2.34 11.78 25.41
C VAL C 184 -3.88 11.86 25.53
N ILE C 185 -4.38 12.23 26.71
CA ILE C 185 -5.83 12.44 26.89
C ILE C 185 -6.04 13.85 27.43
N GLY C 186 -7.30 14.31 27.46
CA GLY C 186 -7.59 15.65 27.93
C GLY C 186 -7.94 16.63 26.83
N THR C 187 -7.72 17.91 27.10
CA THR C 187 -8.04 18.93 26.11
C THR C 187 -6.81 19.24 25.28
N HIS C 188 -7.01 19.40 23.98
CA HIS C 188 -5.92 19.70 23.08
C HIS C 188 -5.38 21.09 23.38
N GLY C 189 -4.44 21.18 24.32
CA GLY C 189 -3.88 22.47 24.69
C GLY C 189 -2.75 22.33 25.68
N ASP C 190 -2.38 23.43 26.30
CA ASP C 190 -1.30 23.43 27.28
C ASP C 190 -1.58 22.47 28.43
N CYS C 191 -2.86 22.15 28.64
CA CYS C 191 -3.23 21.24 29.72
C CYS C 191 -3.45 19.78 29.34
N MET C 192 -3.09 19.40 28.10
CA MET C 192 -3.23 17.99 27.68
C MET C 192 -2.43 17.07 28.63
N VAL C 193 -2.78 15.78 28.67
CA VAL C 193 -2.17 14.86 29.60
C VAL C 193 -1.50 13.66 28.99
N PRO C 194 -0.19 13.72 28.80
CA PRO C 194 0.53 12.57 28.22
C PRO C 194 0.59 11.53 29.32
N LEU C 195 0.09 10.31 29.06
CA LEU C 195 0.11 9.25 30.07
C LEU C 195 1.41 8.47 30.05
N VAL C 196 2.45 9.05 30.67
CA VAL C 196 3.77 8.42 30.72
C VAL C 196 3.71 7.01 31.33
N ARG C 197 2.94 6.89 32.40
CA ARG C 197 2.76 5.64 33.14
C ARG C 197 2.25 4.51 32.25
N TYR C 198 1.43 4.86 31.27
CA TYR C 198 0.85 3.90 30.36
C TYR C 198 1.65 3.58 29.10
N ILE C 199 2.82 4.22 28.91
CA ILE C 199 3.60 3.92 27.70
C ILE C 199 3.98 2.46 27.63
N THR C 200 3.79 1.85 26.45
CA THR C 200 4.22 0.47 26.29
C THR C 200 4.98 0.29 24.98
N VAL C 201 5.82 -0.71 24.95
CA VAL C 201 6.63 -1.02 23.76
C VAL C 201 6.11 -2.38 23.34
N ASN C 202 5.30 -2.41 22.30
CA ASN C 202 4.62 -3.67 21.90
C ASN C 202 3.96 -4.32 23.12
N GLY C 203 3.29 -3.51 23.94
CA GLY C 203 2.61 -4.01 25.11
C GLY C 203 3.48 -4.28 26.32
N TYR C 204 4.79 -4.10 26.20
CA TYR C 204 5.70 -4.29 27.34
C TYR C 204 5.82 -2.94 28.06
N PRO C 205 5.64 -2.93 29.38
CA PRO C 205 5.69 -1.72 30.21
C PRO C 205 6.97 -0.94 30.04
N ILE C 206 6.85 0.37 29.95
CA ILE C 206 8.01 1.22 29.83
C ILE C 206 8.91 1.09 31.10
N GLN C 207 8.31 0.81 32.25
CA GLN C 207 9.06 0.69 33.51
C GLN C 207 10.33 -0.19 33.39
N LYS C 208 10.19 -1.34 32.76
CA LYS C 208 11.34 -2.25 32.64
C LYS C 208 12.47 -1.65 31.78
N PHE C 209 12.10 -0.85 30.78
CA PHE C 209 13.11 -0.23 29.92
C PHE C 209 13.83 0.84 30.71
N ILE C 210 13.14 1.39 31.71
CA ILE C 210 13.79 2.40 32.56
C ILE C 210 14.80 1.63 33.43
N LYS C 211 14.34 0.57 34.09
CA LYS C 211 15.23 -0.25 34.92
C LYS C 211 16.43 -0.75 34.13
N ASP C 212 16.22 -1.12 32.87
CA ASP C 212 17.32 -1.61 32.03
C ASP C 212 18.23 -0.51 31.50
N GLY C 213 17.95 0.74 31.86
CA GLY C 213 18.78 1.84 31.41
C GLY C 213 18.67 2.30 29.96
N VAL C 214 17.62 1.89 29.27
CA VAL C 214 17.46 2.33 27.88
C VAL C 214 17.00 3.78 27.87
N VAL C 215 16.12 4.14 28.79
CA VAL C 215 15.65 5.51 28.87
C VAL C 215 15.57 5.85 30.38
N THR C 216 15.67 7.13 30.72
CA THR C 216 15.61 7.52 32.14
C THR C 216 14.26 8.16 32.44
N GLU C 217 13.92 8.24 33.71
CA GLU C 217 12.64 8.85 34.10
C GLU C 217 12.63 10.34 33.72
N LYS C 218 13.75 11.04 33.92
CA LYS C 218 13.88 12.46 33.57
C LYS C 218 13.64 12.66 32.04
N GLN C 219 14.20 11.74 31.27
CA GLN C 219 14.06 11.77 29.82
C GLN C 219 12.58 11.59 29.43
N LEU C 220 11.88 10.67 30.09
CA LEU C 220 10.46 10.50 29.75
C LEU C 220 9.67 11.76 30.12
N GLU C 221 10.01 12.36 31.25
CA GLU C 221 9.31 13.59 31.66
C GLU C 221 9.53 14.68 30.62
N GLU C 222 10.75 14.79 30.10
CA GLU C 222 11.06 15.81 29.09
C GLU C 222 10.27 15.51 27.81
N ILE C 223 10.10 14.24 27.48
CA ILE C 223 9.33 13.89 26.29
C ILE C 223 7.87 14.30 26.43
N ALA C 224 7.32 14.11 27.62
CA ALA C 224 5.94 14.48 27.88
C ALA C 224 5.81 15.98 27.75
N GLU C 225 6.76 16.72 28.29
CA GLU C 225 6.70 18.16 28.20
C GLU C 225 6.82 18.61 26.75
N HIS C 226 7.71 17.96 26.01
CA HIS C 226 7.90 18.33 24.59
C HIS C 226 6.59 18.07 23.84
N THR C 227 5.95 16.98 24.20
CA THR C 227 4.68 16.64 23.57
C THR C 227 3.68 17.78 23.75
N LYS C 228 3.56 18.27 24.97
CA LYS C 228 2.63 19.37 25.25
C LYS C 228 2.86 20.65 24.43
N VAL C 229 4.11 21.02 24.21
CA VAL C 229 4.37 22.24 23.46
C VAL C 229 4.78 22.06 22.00
N SER C 230 4.53 20.88 21.43
CA SER C 230 4.91 20.60 20.04
C SER C 230 4.15 21.38 18.98
N GLY C 231 2.90 21.75 19.27
CA GLY C 231 2.11 22.51 18.30
C GLY C 231 2.71 23.91 18.18
N GLY C 232 2.95 24.52 19.34
CA GLY C 232 3.54 25.86 19.41
C GLY C 232 4.96 25.88 18.87
N GLU C 233 5.65 24.76 19.00
CA GLU C 233 7.01 24.66 18.50
C GLU C 233 6.98 24.77 16.96
N ILE C 234 6.05 24.06 16.33
CA ILE C 234 5.93 24.10 14.86
C ILE C 234 5.45 25.48 14.43
N VAL C 235 4.53 26.07 15.17
CA VAL C 235 4.05 27.41 14.81
C VAL C 235 5.23 28.37 14.74
N ARG C 236 6.06 28.34 15.77
CA ARG C 236 7.22 29.22 15.81
C ARG C 236 8.22 28.95 14.68
N PHE C 237 8.52 27.68 14.41
CA PHE C 237 9.43 27.35 13.33
C PHE C 237 8.88 27.74 11.96
N LEU C 238 7.60 27.48 11.71
CA LEU C 238 7.03 27.80 10.41
C LEU C 238 6.90 29.30 10.14
N GLY C 239 6.57 30.12 11.16
CA GLY C 239 6.47 31.55 10.90
C GLY C 239 5.07 31.94 10.46
N GLN C 240 4.47 31.13 9.61
CA GLN C 240 3.08 31.35 9.20
C GLN C 240 2.36 30.01 9.33
N GLY C 241 1.10 30.07 9.78
CA GLY C 241 0.33 28.87 9.93
C GLY C 241 0.81 27.90 11.01
N SER C 242 0.24 26.70 10.97
CA SER C 242 0.57 25.69 11.95
C SER C 242 0.72 24.32 11.30
N ALA C 243 0.88 23.28 12.11
CA ALA C 243 1.08 21.91 11.60
C ALA C 243 -0.06 21.47 10.69
N TYR C 244 0.25 20.65 9.67
CA TYR C 244 -0.80 20.18 8.79
C TYR C 244 -0.61 18.75 8.27
N TYR C 245 0.63 18.30 8.14
CA TYR C 245 0.86 16.94 7.65
C TYR C 245 0.34 15.85 8.61
N ALA C 246 0.74 15.91 9.87
CA ALA C 246 0.33 14.90 10.84
C ALA C 246 -1.13 15.11 11.21
N PRO C 247 -1.58 16.37 11.29
CA PRO C 247 -3.00 16.54 11.64
C PRO C 247 -3.88 15.93 10.53
N ALA C 248 -3.54 16.16 9.26
CA ALA C 248 -4.34 15.56 8.19
C ALA C 248 -4.26 14.03 8.24
N ALA C 249 -3.06 13.49 8.44
CA ALA C 249 -2.97 12.03 8.49
C ALA C 249 -3.79 11.45 9.65
N SER C 250 -3.87 12.19 10.75
CA SER C 250 -4.61 11.69 11.90
C SER C 250 -6.10 11.71 11.60
N ALA C 251 -6.61 12.81 11.05
CA ALA C 251 -8.04 12.91 10.73
C ALA C 251 -8.45 11.86 9.70
N VAL C 252 -7.58 11.60 8.72
CA VAL C 252 -7.91 10.62 7.70
C VAL C 252 -7.87 9.20 8.28
N ALA C 253 -6.96 8.96 9.23
CA ALA C 253 -6.88 7.65 9.85
C ALA C 253 -8.23 7.38 10.57
N MET C 254 -8.75 8.41 11.23
CA MET C 254 -10.02 8.27 11.93
C MET C 254 -11.18 8.03 10.94
N ALA C 255 -11.19 8.79 9.86
CA ALA C 255 -12.22 8.68 8.85
C ALA C 255 -12.21 7.28 8.25
N THR C 256 -11.00 6.77 8.02
CA THR C 256 -10.85 5.43 7.45
C THR C 256 -11.35 4.31 8.41
N SER C 257 -11.14 4.48 9.72
CA SER C 257 -11.59 3.49 10.71
C SER C 257 -13.11 3.43 10.69
N PHE C 258 -13.72 4.58 10.41
CA PHE C 258 -15.20 4.65 10.32
C PHE C 258 -15.68 4.03 9.00
N LEU C 259 -15.14 4.53 7.89
CA LEU C 259 -15.57 4.06 6.56
C LEU C 259 -15.40 2.58 6.30
N ASN C 260 -14.32 1.99 6.82
CA ASN C 260 -14.06 0.55 6.66
C ASN C 260 -14.41 -0.25 7.92
N ASP C 261 -15.06 0.39 8.89
CA ASP C 261 -15.45 -0.28 10.14
C ASP C 261 -14.27 -1.08 10.70
N GLU C 262 -13.12 -0.40 10.87
CA GLU C 262 -11.92 -1.09 11.33
C GLU C 262 -11.89 -1.31 12.83
N LYS C 263 -12.55 -0.43 13.58
CA LYS C 263 -12.58 -0.58 15.04
C LYS C 263 -11.21 -0.38 15.65
N ARG C 264 -10.49 0.61 15.13
CA ARG C 264 -9.22 0.98 15.71
C ARG C 264 -9.46 1.71 17.02
N VAL C 265 -8.49 1.60 17.92
CA VAL C 265 -8.54 2.27 19.24
C VAL C 265 -7.76 3.54 19.01
N ILE C 266 -8.49 4.65 18.97
CA ILE C 266 -7.86 5.93 18.70
C ILE C 266 -8.36 7.00 19.64
N PRO C 267 -7.44 7.63 20.38
CA PRO C 267 -7.95 8.68 21.27
C PRO C 267 -8.40 9.91 20.45
N CYS C 268 -9.54 10.46 20.81
CA CYS C 268 -10.10 11.61 20.13
C CYS C 268 -11.08 12.32 21.07
N SER C 269 -11.60 13.47 20.64
CA SER C 269 -12.48 14.24 21.52
C SER C 269 -13.84 13.63 21.34
N VAL C 270 -14.37 13.02 22.41
CA VAL C 270 -15.64 12.32 22.31
C VAL C 270 -16.67 12.79 23.33
N TYR C 271 -17.94 12.49 23.06
CA TYR C 271 -19.02 12.91 23.97
C TYR C 271 -18.97 12.12 25.27
N CYS C 272 -19.00 12.83 26.40
CA CYS C 272 -18.98 12.23 27.72
C CYS C 272 -20.39 11.97 28.25
N ASN C 273 -20.67 10.69 28.49
CA ASN C 273 -21.96 10.21 29.00
C ASN C 273 -21.79 9.78 30.45
N GLY C 274 -21.08 10.57 31.26
CA GLY C 274 -20.88 10.19 32.66
C GLY C 274 -19.48 9.71 33.03
N GLU C 275 -18.62 9.45 32.03
CA GLU C 275 -17.27 9.01 32.32
C GLU C 275 -16.56 10.07 33.19
N TYR C 276 -15.84 9.62 34.22
CA TYR C 276 -15.14 10.54 35.12
C TYR C 276 -16.09 11.57 35.75
N GLY C 277 -17.39 11.28 35.74
CA GLY C 277 -18.35 12.21 36.28
C GLY C 277 -18.67 13.36 35.33
N LEU C 278 -18.18 13.30 34.09
CA LEU C 278 -18.44 14.36 33.11
C LEU C 278 -19.65 14.08 32.22
N LYS C 279 -20.43 15.11 31.96
CA LYS C 279 -21.59 14.96 31.10
C LYS C 279 -21.76 16.22 30.25
N ASP C 280 -22.46 16.06 29.14
CA ASP C 280 -22.74 17.12 28.19
C ASP C 280 -21.55 17.98 27.75
N MET C 281 -20.46 17.31 27.37
CA MET C 281 -19.28 18.03 26.91
C MET C 281 -18.42 17.01 26.18
N PHE C 282 -17.45 17.50 25.42
CA PHE C 282 -16.52 16.63 24.70
C PHE C 282 -15.12 16.83 25.26
N ILE C 283 -14.38 15.75 25.39
CA ILE C 283 -12.97 15.85 25.83
C ILE C 283 -12.21 14.66 25.22
N GLY C 284 -10.89 14.81 25.08
CA GLY C 284 -10.09 13.73 24.51
C GLY C 284 -9.97 12.50 25.39
N LEU C 285 -10.41 11.34 24.88
CA LEU C 285 -10.32 10.07 25.62
C LEU C 285 -10.03 8.96 24.62
N PRO C 286 -9.54 7.80 25.10
CA PRO C 286 -9.26 6.71 24.15
C PRO C 286 -10.63 6.21 23.70
N ALA C 287 -10.79 5.90 22.42
CA ALA C 287 -12.06 5.42 21.92
C ALA C 287 -11.91 4.41 20.81
N VAL C 288 -13.00 3.76 20.45
CA VAL C 288 -12.94 2.83 19.33
C VAL C 288 -13.81 3.44 18.25
N ILE C 289 -13.26 3.53 17.05
CA ILE C 289 -14.00 4.09 15.91
C ILE C 289 -14.32 2.96 14.94
N GLY C 290 -15.60 2.78 14.65
CA GLY C 290 -16.04 1.76 13.73
C GLY C 290 -17.17 2.29 12.83
N GLY C 291 -17.81 1.39 12.10
CA GLY C 291 -18.90 1.71 11.19
C GLY C 291 -20.11 2.38 11.88
N ALA C 292 -20.18 2.28 13.20
CA ALA C 292 -21.27 2.94 13.95
C ALA C 292 -20.69 4.17 14.66
N GLY C 293 -19.54 4.64 14.17
CA GLY C 293 -18.95 5.81 14.79
C GLY C 293 -18.19 5.47 16.05
N ILE C 294 -18.32 6.31 17.07
CA ILE C 294 -17.64 6.05 18.33
C ILE C 294 -18.40 4.90 18.98
N GLU C 295 -17.74 3.76 19.08
CA GLU C 295 -18.37 2.57 19.64
C GLU C 295 -17.94 2.25 21.08
N ARG C 296 -16.95 2.96 21.60
CA ARG C 296 -16.46 2.68 22.96
C ARG C 296 -15.66 3.88 23.41
N VAL C 297 -15.71 4.19 24.70
CA VAL C 297 -14.95 5.30 25.25
C VAL C 297 -14.32 4.69 26.50
N ILE C 298 -12.98 4.69 26.54
CA ILE C 298 -12.23 4.10 27.63
C ILE C 298 -11.93 5.03 28.81
N GLU C 299 -12.29 4.56 30.00
CA GLU C 299 -12.15 5.31 31.22
C GLU C 299 -10.95 4.76 32.01
N LEU C 300 -9.75 5.11 31.58
CA LEU C 300 -8.54 4.61 32.24
C LEU C 300 -8.46 5.03 33.71
N GLU C 301 -7.86 4.17 34.54
CA GLU C 301 -7.64 4.48 35.94
C GLU C 301 -6.46 5.50 35.98
N LEU C 302 -6.64 6.63 36.64
CA LEU C 302 -5.58 7.64 36.66
C LEU C 302 -4.88 7.69 38.01
N ASN C 303 -3.58 7.95 38.02
CA ASN C 303 -2.91 8.08 39.30
C ASN C 303 -3.11 9.53 39.78
N GLU C 304 -2.57 9.86 40.95
CA GLU C 304 -2.74 11.20 41.54
C GLU C 304 -2.35 12.35 40.62
N GLU C 305 -1.17 12.27 40.01
CA GLU C 305 -0.73 13.32 39.12
C GLU C 305 -1.62 13.43 37.88
N GLU C 306 -2.02 12.29 37.30
CA GLU C 306 -2.87 12.31 36.11
C GLU C 306 -4.23 12.90 36.38
N LYS C 307 -4.80 12.57 37.55
CA LYS C 307 -6.11 13.09 37.92
C LYS C 307 -6.03 14.61 38.01
N LYS C 308 -4.94 15.08 38.60
CA LYS C 308 -4.75 16.51 38.76
C LYS C 308 -4.60 17.19 37.39
N GLN C 309 -3.83 16.58 36.51
CA GLN C 309 -3.66 17.18 35.19
C GLN C 309 -4.97 17.07 34.40
N PHE C 310 -5.66 15.95 34.52
CA PHE C 310 -6.91 15.77 33.79
C PHE C 310 -7.98 16.79 34.25
N GLN C 311 -8.04 17.06 35.56
CA GLN C 311 -8.98 18.05 36.07
C GLN C 311 -8.65 19.43 35.48
N LYS C 312 -7.36 19.78 35.36
CA LYS C 312 -7.02 21.07 34.75
C LYS C 312 -7.49 21.06 33.29
N SER C 313 -7.34 19.92 32.62
CA SER C 313 -7.82 19.79 31.24
C SER C 313 -9.33 20.06 31.20
N VAL C 314 -10.05 19.43 32.13
CA VAL C 314 -11.50 19.58 32.24
C VAL C 314 -11.87 21.03 32.53
N ASP C 315 -11.14 21.65 33.45
CA ASP C 315 -11.42 23.04 33.78
C ASP C 315 -11.26 23.90 32.54
N ASP C 316 -10.21 23.63 31.77
CA ASP C 316 -9.94 24.39 30.54
C ASP C 316 -11.13 24.29 29.57
N VAL C 317 -11.57 23.08 29.27
CA VAL C 317 -12.69 22.94 28.33
C VAL C 317 -14.00 23.51 28.89
N MET C 318 -14.26 23.36 30.18
CA MET C 318 -15.52 23.90 30.68
C MET C 318 -15.50 25.42 30.63
N ALA C 319 -14.35 26.02 30.85
CA ALA C 319 -14.25 27.48 30.79
C ALA C 319 -14.50 27.92 29.36
N LEU C 320 -13.96 27.18 28.40
CA LEU C 320 -14.17 27.57 27.00
C LEU C 320 -15.63 27.41 26.62
N ASN C 321 -16.29 26.35 27.12
CA ASN C 321 -17.68 26.11 26.76
C ASN C 321 -18.55 27.19 27.41
N LYS C 322 -18.15 27.63 28.60
CA LYS C 322 -18.86 28.69 29.31
C LYS C 322 -18.72 29.92 28.41
N ALA C 323 -17.50 30.20 27.98
CA ALA C 323 -17.17 31.33 27.11
C ALA C 323 -18.00 31.38 25.83
N VAL C 324 -18.13 30.25 25.15
CA VAL C 324 -18.92 30.25 23.92
C VAL C 324 -20.37 30.51 24.28
N ALA C 325 -20.81 29.95 25.41
CA ALA C 325 -22.17 30.12 25.87
C ALA C 325 -22.50 31.60 26.00
N ALA C 326 -21.57 32.39 26.51
CA ALA C 326 -21.76 33.82 26.66
C ALA C 326 -21.84 34.47 25.27
N LEU C 327 -21.27 33.79 24.27
CA LEU C 327 -21.25 34.29 22.88
C LEU C 327 -22.36 33.75 21.98
N GLN C 328 -22.84 32.52 22.21
CA GLN C 328 -23.90 31.96 21.36
C GLN C 328 -25.12 32.85 21.34
N PRO D 3 -24.22 2.89 18.02
CA PRO D 3 -24.98 1.62 18.11
C PRO D 3 -25.31 1.06 16.72
N ALA D 4 -26.14 1.77 15.95
CA ALA D 4 -26.51 1.32 14.60
C ALA D 4 -25.35 1.40 13.59
N LEU D 5 -25.02 0.30 12.93
CA LEU D 5 -23.93 0.34 11.95
C LEU D 5 -24.33 1.22 10.74
N VAL D 6 -23.49 2.17 10.35
CA VAL D 6 -23.79 3.03 9.20
C VAL D 6 -22.94 2.64 8.00
N GLN D 7 -21.67 2.32 8.26
CA GLN D 7 -20.73 1.90 7.21
C GLN D 7 -20.43 0.42 7.45
N ARG D 8 -20.80 -0.41 6.49
CA ARG D 8 -20.61 -1.85 6.65
C ARG D 8 -19.48 -2.25 5.71
N ARG D 9 -18.61 -3.14 6.15
CA ARG D 9 -17.53 -3.59 5.26
C ARG D 9 -18.14 -4.33 4.08
N LYS D 10 -17.40 -4.38 2.98
CA LYS D 10 -17.86 -5.12 1.80
C LYS D 10 -17.71 -6.61 2.20
N LYS D 11 -18.46 -7.47 1.52
CA LYS D 11 -18.33 -8.90 1.79
C LYS D 11 -18.13 -9.64 0.46
N VAL D 12 -17.10 -10.48 0.40
CA VAL D 12 -16.82 -11.26 -0.81
C VAL D 12 -16.89 -12.73 -0.43
N ALA D 13 -17.68 -13.50 -1.18
CA ALA D 13 -17.80 -14.93 -0.89
C ALA D 13 -17.02 -15.71 -1.93
N MET D 14 -16.14 -16.59 -1.44
CA MET D 14 -15.35 -17.46 -2.31
C MET D 14 -16.10 -18.79 -2.30
N ILE D 15 -16.71 -19.13 -3.43
CA ILE D 15 -17.44 -20.39 -3.51
C ILE D 15 -16.45 -21.28 -4.18
N GLY D 16 -15.80 -22.10 -3.35
CA GLY D 16 -14.72 -22.96 -3.81
C GLY D 16 -13.59 -22.44 -2.94
N SER D 17 -12.98 -23.27 -2.09
CA SER D 17 -11.92 -22.81 -1.18
C SER D 17 -10.61 -23.56 -1.35
N GLY D 18 -10.35 -24.00 -2.58
CA GLY D 18 -9.13 -24.69 -2.90
C GLY D 18 -8.01 -23.69 -3.08
N MET D 19 -7.07 -23.98 -3.97
CA MET D 19 -5.92 -23.11 -4.16
C MET D 19 -6.30 -21.66 -4.51
N ILE D 20 -7.12 -21.47 -5.54
CA ILE D 20 -7.46 -20.09 -5.88
C ILE D 20 -8.34 -19.39 -4.85
N GLY D 21 -9.37 -20.07 -4.33
CA GLY D 21 -10.22 -19.45 -3.35
C GLY D 21 -9.46 -19.02 -2.11
N GLY D 22 -8.60 -19.89 -1.57
CA GLY D 22 -7.85 -19.49 -0.39
C GLY D 22 -6.93 -18.31 -0.67
N THR D 23 -6.31 -18.35 -1.84
CA THR D 23 -5.43 -17.26 -2.24
C THR D 23 -6.15 -15.91 -2.38
N MET D 24 -7.37 -15.89 -2.90
CA MET D 24 -8.08 -14.61 -3.02
C MET D 24 -8.45 -14.14 -1.62
N GLY D 25 -8.77 -15.09 -0.72
CA GLY D 25 -9.11 -14.71 0.64
C GLY D 25 -7.89 -14.03 1.25
N TYR D 26 -6.71 -14.53 0.94
CA TYR D 26 -5.46 -13.98 1.46
C TYR D 26 -5.33 -12.51 0.99
N LEU D 27 -5.59 -12.28 -0.31
CA LEU D 27 -5.49 -10.92 -0.83
C LEU D 27 -6.47 -10.00 -0.08
N CYS D 28 -7.68 -10.49 0.20
CA CYS D 28 -8.66 -9.65 0.91
C CYS D 28 -8.19 -9.30 2.31
N ALA D 29 -7.64 -10.28 3.02
CA ALA D 29 -7.16 -10.06 4.38
C ALA D 29 -5.92 -9.14 4.37
N LEU D 30 -5.03 -9.38 3.41
CA LEU D 30 -3.81 -8.59 3.31
C LEU D 30 -4.03 -7.07 3.07
N ARG D 31 -5.04 -6.75 2.25
CA ARG D 31 -5.37 -5.37 1.85
C ARG D 31 -6.56 -4.79 2.59
N GLU D 32 -7.12 -5.56 3.51
CA GLU D 32 -8.32 -5.11 4.23
C GLU D 32 -9.41 -4.72 3.25
N LEU D 33 -9.54 -5.52 2.19
CA LEU D 33 -10.50 -5.23 1.15
C LEU D 33 -11.96 -5.51 1.50
N ALA D 34 -12.20 -6.59 2.25
CA ALA D 34 -13.57 -7.00 2.54
C ALA D 34 -13.59 -8.19 3.48
N ASP D 35 -14.72 -8.36 4.18
CA ASP D 35 -14.90 -9.56 5.00
C ASP D 35 -14.92 -10.69 3.99
N VAL D 36 -14.47 -11.87 4.40
CA VAL D 36 -14.35 -13.02 3.51
C VAL D 36 -15.12 -14.24 4.04
N VAL D 37 -15.78 -14.94 3.11
CA VAL D 37 -16.45 -16.18 3.47
C VAL D 37 -15.84 -17.25 2.56
N LEU D 38 -15.47 -18.38 3.17
CA LEU D 38 -14.90 -19.49 2.41
C LEU D 38 -15.95 -20.60 2.50
N TYR D 39 -16.30 -21.15 1.37
CA TYR D 39 -17.31 -22.21 1.28
C TYR D 39 -16.73 -23.27 0.36
N ASP D 40 -16.99 -24.53 0.68
CA ASP D 40 -16.50 -25.64 -0.15
C ASP D 40 -17.34 -26.91 0.14
N VAL D 41 -17.28 -27.91 -0.73
CA VAL D 41 -18.02 -29.13 -0.50
C VAL D 41 -17.18 -29.93 0.51
N VAL D 42 -15.87 -29.68 0.53
CA VAL D 42 -14.99 -30.37 1.46
C VAL D 42 -15.13 -29.73 2.84
N LYS D 43 -15.38 -30.57 3.82
CA LYS D 43 -15.52 -30.08 5.17
C LYS D 43 -14.16 -30.08 5.83
N GLY D 44 -14.01 -29.18 6.79
CA GLY D 44 -12.78 -29.05 7.53
C GLY D 44 -11.81 -28.07 6.90
N MET D 45 -11.35 -28.38 5.70
CA MET D 45 -10.37 -27.54 5.05
C MET D 45 -10.70 -26.02 5.05
N PRO D 46 -11.93 -25.63 4.70
CA PRO D 46 -12.28 -24.19 4.70
C PRO D 46 -12.13 -23.58 6.09
N GLU D 47 -12.47 -24.32 7.15
CA GLU D 47 -12.31 -23.80 8.51
C GLU D 47 -10.82 -23.64 8.81
N GLY D 48 -10.00 -24.56 8.31
CA GLY D 48 -8.56 -24.47 8.52
C GLY D 48 -7.97 -23.24 7.86
N LYS D 49 -8.31 -23.01 6.59
CA LYS D 49 -7.81 -21.82 5.89
C LYS D 49 -8.40 -20.53 6.48
N ALA D 50 -9.68 -20.57 6.88
CA ALA D 50 -10.28 -19.36 7.51
C ALA D 50 -9.52 -18.96 8.79
N LEU D 51 -9.10 -19.96 9.58
CA LEU D 51 -8.35 -19.71 10.80
C LEU D 51 -7.00 -19.11 10.40
N ASP D 52 -6.34 -19.77 9.46
CA ASP D 52 -5.02 -19.28 9.01
C ASP D 52 -5.14 -17.82 8.55
N LEU D 53 -6.15 -17.54 7.71
CA LEU D 53 -6.37 -16.19 7.16
C LEU D 53 -6.74 -15.19 8.23
N SER D 54 -7.48 -15.60 9.26
CA SER D 54 -7.85 -14.66 10.31
C SER D 54 -6.55 -14.27 11.03
N HIS D 55 -5.62 -15.21 11.18
CA HIS D 55 -4.36 -14.93 11.86
C HIS D 55 -3.54 -13.91 11.06
N VAL D 56 -3.67 -13.95 9.73
CA VAL D 56 -2.97 -13.00 8.87
C VAL D 56 -3.33 -11.55 9.22
N THR D 57 -4.61 -11.31 9.52
CA THR D 57 -5.05 -9.96 9.81
C THR D 57 -4.25 -9.33 10.95
N SER D 58 -3.99 -10.07 12.01
CA SER D 58 -3.20 -9.54 13.10
C SER D 58 -1.80 -9.25 12.63
N VAL D 59 -1.23 -10.23 11.93
CA VAL D 59 0.15 -10.11 11.50
C VAL D 59 0.36 -8.85 10.65
N VAL D 60 -0.58 -8.57 9.73
CA VAL D 60 -0.43 -7.39 8.86
C VAL D 60 -1.25 -6.17 9.31
N ASP D 61 -1.75 -6.21 10.53
CA ASP D 61 -2.48 -5.08 11.07
C ASP D 61 -3.71 -4.62 10.31
N THR D 62 -4.54 -5.57 9.88
CA THR D 62 -5.78 -5.18 9.21
C THR D 62 -6.91 -5.78 10.00
N ASN D 63 -8.14 -5.38 9.68
CA ASN D 63 -9.27 -5.97 10.40
C ASN D 63 -10.44 -6.27 9.48
N VAL D 64 -10.47 -7.52 9.02
CA VAL D 64 -11.61 -8.02 8.26
C VAL D 64 -11.91 -9.37 8.91
N SER D 65 -13.14 -9.83 8.72
CA SER D 65 -13.59 -11.10 9.25
C SER D 65 -13.43 -12.17 8.19
N VAL D 66 -12.77 -13.28 8.52
CA VAL D 66 -12.65 -14.38 7.58
C VAL D 66 -13.32 -15.60 8.25
N ARG D 67 -14.34 -16.13 7.58
CA ARG D 67 -15.06 -17.28 8.12
C ARG D 67 -15.37 -18.35 7.08
N ALA D 68 -15.45 -19.59 7.55
CA ALA D 68 -15.86 -20.70 6.69
C ALA D 68 -17.39 -20.77 6.91
N GLU D 69 -18.14 -21.11 5.89
CA GLU D 69 -19.59 -21.24 6.04
C GLU D 69 -19.96 -22.57 5.42
N TYR D 70 -20.81 -23.30 6.11
CA TYR D 70 -21.23 -24.63 5.68
C TYR D 70 -22.29 -24.66 4.59
N SER D 71 -23.27 -23.79 4.70
CA SER D 71 -24.37 -23.76 3.77
C SER D 71 -24.29 -22.65 2.72
N TYR D 72 -24.96 -22.86 1.59
CA TYR D 72 -25.02 -21.82 0.56
C TYR D 72 -25.68 -20.59 1.18
N GLU D 73 -26.73 -20.80 1.96
CA GLU D 73 -27.41 -19.65 2.54
C GLU D 73 -26.46 -18.76 3.36
N ALA D 74 -25.70 -19.38 4.26
CA ALA D 74 -24.78 -18.59 5.09
C ALA D 74 -23.62 -17.97 4.27
N ALA D 75 -23.14 -18.71 3.26
CA ALA D 75 -22.03 -18.24 2.43
C ALA D 75 -22.43 -17.09 1.51
N LEU D 76 -23.60 -17.19 0.90
CA LEU D 76 -24.04 -16.22 -0.06
C LEU D 76 -24.81 -14.98 0.43
N THR D 77 -25.59 -15.13 1.49
CA THR D 77 -26.38 -14.00 1.95
C THR D 77 -25.51 -12.79 2.24
N GLY D 78 -25.85 -11.67 1.62
CA GLY D 78 -25.12 -10.42 1.86
C GLY D 78 -23.82 -10.21 1.09
N ALA D 79 -23.49 -11.14 0.21
CA ALA D 79 -22.25 -11.01 -0.54
C ALA D 79 -22.34 -9.92 -1.63
N ASP D 80 -21.45 -8.94 -1.57
CA ASP D 80 -21.41 -7.86 -2.57
C ASP D 80 -20.84 -8.45 -3.85
N CYS D 81 -19.95 -9.43 -3.69
CA CYS D 81 -19.34 -10.08 -4.83
C CYS D 81 -19.12 -11.56 -4.51
N VAL D 82 -19.35 -12.42 -5.51
CA VAL D 82 -19.17 -13.87 -5.35
C VAL D 82 -18.17 -14.29 -6.41
N ILE D 83 -17.09 -14.96 -6.00
CA ILE D 83 -16.07 -15.39 -6.95
C ILE D 83 -16.10 -16.91 -6.92
N VAL D 84 -16.32 -17.51 -8.07
CA VAL D 84 -16.53 -18.94 -8.12
C VAL D 84 -15.39 -19.71 -8.73
N THR D 85 -14.78 -20.57 -7.94
CA THR D 85 -13.67 -21.38 -8.41
C THR D 85 -13.99 -22.86 -8.21
N ALA D 86 -15.19 -23.15 -7.72
CA ALA D 86 -15.58 -24.52 -7.45
C ALA D 86 -15.45 -25.43 -8.69
N GLY D 87 -14.86 -26.61 -8.53
CA GLY D 87 -14.73 -27.50 -9.67
C GLY D 87 -13.41 -28.22 -9.72
N LEU D 88 -13.18 -28.99 -10.79
CA LEU D 88 -11.93 -29.73 -10.95
C LEU D 88 -10.93 -28.95 -11.77
N THR D 89 -9.65 -29.27 -11.62
CA THR D 89 -8.58 -28.60 -12.38
C THR D 89 -8.07 -29.49 -13.51
N LYS D 90 -8.22 -30.80 -13.34
CA LYS D 90 -7.80 -31.74 -14.38
C LYS D 90 -8.59 -33.04 -14.26
N VAL D 91 -8.68 -33.78 -15.37
CA VAL D 91 -9.43 -35.04 -15.40
C VAL D 91 -8.68 -36.18 -14.73
N PRO D 92 -9.28 -36.76 -13.69
CA PRO D 92 -8.67 -37.87 -12.94
C PRO D 92 -8.14 -38.94 -13.88
N GLY D 93 -6.92 -39.41 -13.61
CA GLY D 93 -6.33 -40.46 -14.42
C GLY D 93 -5.86 -40.10 -15.82
N LYS D 94 -6.05 -38.85 -16.26
CA LYS D 94 -5.61 -38.43 -17.58
C LYS D 94 -4.18 -37.91 -17.47
N PRO D 95 -3.30 -38.25 -18.43
CA PRO D 95 -1.89 -37.79 -18.41
C PRO D 95 -1.74 -36.27 -18.49
N ASP D 96 -0.74 -35.71 -17.82
CA ASP D 96 -0.50 -34.25 -17.86
C ASP D 96 -0.32 -33.74 -19.29
N SER D 97 0.32 -34.54 -20.15
CA SER D 97 0.57 -34.14 -21.51
C SER D 97 -0.73 -34.06 -22.30
N GLU D 98 -1.80 -34.58 -21.70
CA GLU D 98 -3.11 -34.57 -22.33
C GLU D 98 -4.10 -33.60 -21.64
N TRP D 99 -3.56 -32.74 -20.78
CA TRP D 99 -4.39 -31.76 -20.06
C TRP D 99 -5.13 -30.81 -21.00
N SER D 100 -6.44 -30.69 -20.81
CA SER D 100 -7.24 -29.79 -21.62
C SER D 100 -8.37 -29.21 -20.76
N ARG D 101 -8.55 -27.90 -20.79
CA ARG D 101 -9.63 -27.30 -20.00
C ARG D 101 -10.99 -27.81 -20.49
N ASN D 102 -11.09 -28.04 -21.79
CA ASN D 102 -12.36 -28.49 -22.37
C ASN D 102 -12.87 -29.80 -21.80
N ASP D 103 -11.96 -30.68 -21.38
CA ASP D 103 -12.38 -31.95 -20.82
C ASP D 103 -13.06 -31.81 -19.47
N LEU D 104 -12.89 -30.66 -18.82
CA LEU D 104 -13.46 -30.45 -17.49
C LEU D 104 -14.95 -30.18 -17.54
N LEU D 105 -15.44 -29.91 -18.74
CA LEU D 105 -16.85 -29.57 -18.97
C LEU D 105 -17.90 -30.43 -18.28
N PRO D 106 -17.86 -31.76 -18.52
CA PRO D 106 -18.82 -32.71 -17.92
C PRO D 106 -18.79 -32.69 -16.40
N PHE D 107 -17.61 -32.43 -15.84
CA PHE D 107 -17.49 -32.42 -14.37
C PHE D 107 -17.94 -31.13 -13.69
N ASN D 108 -17.60 -30.00 -14.30
CA ASN D 108 -17.90 -28.71 -13.69
C ASN D 108 -19.20 -28.03 -14.02
N SER D 109 -19.80 -28.37 -15.15
CA SER D 109 -21.04 -27.74 -15.56
C SER D 109 -22.18 -27.85 -14.54
N LYS D 110 -22.29 -29.00 -13.88
CA LYS D 110 -23.36 -29.18 -12.91
C LYS D 110 -23.10 -28.41 -11.62
N ILE D 111 -21.83 -28.36 -11.25
CA ILE D 111 -21.44 -27.65 -10.04
C ILE D 111 -21.77 -26.18 -10.25
N ILE D 112 -21.40 -25.64 -11.40
CA ILE D 112 -21.67 -24.23 -11.70
C ILE D 112 -23.15 -23.89 -11.77
N ARG D 113 -23.95 -24.79 -12.37
CA ARG D 113 -25.38 -24.53 -12.46
C ARG D 113 -25.98 -24.49 -11.06
N GLU D 114 -25.58 -25.45 -10.20
CA GLU D 114 -26.11 -25.48 -8.83
C GLU D 114 -25.79 -24.17 -8.07
N ILE D 115 -24.54 -23.74 -8.17
CA ILE D 115 -24.12 -22.49 -7.50
C ILE D 115 -24.95 -21.32 -8.03
N GLY D 116 -25.14 -21.28 -9.35
CA GLY D 116 -25.92 -20.21 -9.96
C GLY D 116 -27.33 -20.17 -9.40
N GLN D 117 -27.97 -21.33 -9.28
CA GLN D 117 -29.31 -21.35 -8.72
C GLN D 117 -29.34 -20.81 -7.30
N ASN D 118 -28.30 -21.07 -6.52
CA ASN D 118 -28.24 -20.62 -5.12
C ASN D 118 -27.99 -19.12 -5.00
N ILE D 119 -27.23 -18.58 -5.94
CA ILE D 119 -26.98 -17.14 -5.99
C ILE D 119 -28.34 -16.48 -6.30
N LYS D 120 -29.08 -17.04 -7.25
CA LYS D 120 -30.40 -16.44 -7.55
C LYS D 120 -31.23 -16.38 -6.27
N LYS D 121 -31.17 -17.45 -5.48
CA LYS D 121 -31.95 -17.49 -4.25
C LYS D 121 -31.47 -16.55 -3.13
N TYR D 122 -30.19 -16.58 -2.82
CA TYR D 122 -29.64 -15.81 -1.69
C TYR D 122 -28.99 -14.44 -1.89
N CYS D 123 -28.44 -14.19 -3.09
CA CYS D 123 -27.84 -12.88 -3.37
C CYS D 123 -27.97 -12.52 -4.85
N PRO D 124 -29.21 -12.32 -5.31
CA PRO D 124 -29.43 -11.97 -6.72
C PRO D 124 -28.86 -10.62 -7.14
N LYS D 125 -28.53 -9.76 -6.18
CA LYS D 125 -27.96 -8.45 -6.53
C LYS D 125 -26.42 -8.42 -6.47
N THR D 126 -25.78 -9.57 -6.38
CA THR D 126 -24.33 -9.62 -6.29
C THR D 126 -23.63 -9.48 -7.63
N PHE D 127 -22.33 -9.24 -7.59
CA PHE D 127 -21.53 -9.18 -8.83
C PHE D 127 -20.85 -10.55 -8.87
N ILE D 128 -21.10 -11.31 -9.91
CA ILE D 128 -20.51 -12.66 -10.02
C ILE D 128 -19.25 -12.70 -10.90
N ILE D 129 -18.15 -13.23 -10.36
CA ILE D 129 -16.93 -13.42 -11.14
C ILE D 129 -16.65 -14.91 -11.15
N VAL D 130 -16.81 -15.52 -12.33
CA VAL D 130 -16.57 -16.95 -12.48
C VAL D 130 -15.09 -17.19 -12.83
N VAL D 131 -14.51 -18.29 -12.30
CA VAL D 131 -13.13 -18.65 -12.58
C VAL D 131 -13.04 -20.07 -13.12
N THR D 132 -13.90 -20.94 -12.57
CA THR D 132 -13.96 -22.35 -12.98
C THR D 132 -13.87 -22.59 -14.50
N ASN D 133 -13.01 -23.53 -14.89
CA ASN D 133 -12.84 -23.89 -16.31
C ASN D 133 -13.85 -24.96 -16.75
N PRO D 134 -14.16 -25.03 -18.07
CA PRO D 134 -13.66 -24.19 -19.15
C PRO D 134 -14.44 -22.86 -19.02
N LEU D 135 -13.68 -21.80 -18.74
CA LEU D 135 -14.23 -20.49 -18.42
C LEU D 135 -15.41 -19.87 -19.18
N ASP D 136 -15.23 -19.55 -20.45
CA ASP D 136 -16.31 -18.88 -21.16
C ASP D 136 -17.61 -19.66 -21.18
N CYS D 137 -17.50 -20.98 -21.24
CA CYS D 137 -18.66 -21.84 -21.21
C CYS D 137 -19.28 -21.77 -19.82
N MET D 138 -18.46 -21.89 -18.78
CA MET D 138 -18.99 -21.85 -17.42
C MET D 138 -19.67 -20.50 -17.09
N VAL D 139 -19.21 -19.41 -17.69
CA VAL D 139 -19.88 -18.14 -17.38
C VAL D 139 -21.30 -18.21 -17.93
N LYS D 140 -21.45 -18.78 -19.12
CA LYS D 140 -22.78 -18.92 -19.72
C LYS D 140 -23.67 -19.78 -18.82
N VAL D 141 -23.15 -20.92 -18.34
CA VAL D 141 -23.92 -21.78 -17.45
C VAL D 141 -24.38 -20.99 -16.23
N MET D 142 -23.45 -20.23 -15.66
CA MET D 142 -23.74 -19.41 -14.49
C MET D 142 -24.78 -18.32 -14.75
N CYS D 143 -24.70 -17.68 -15.92
CA CYS D 143 -25.66 -16.61 -16.27
C CYS D 143 -27.05 -17.20 -16.35
N GLU D 144 -27.19 -18.28 -17.11
CA GLU D 144 -28.49 -18.94 -17.25
C GLU D 144 -29.08 -19.38 -15.92
N ALA D 145 -28.29 -20.05 -15.08
CA ALA D 145 -28.77 -20.50 -13.77
C ALA D 145 -29.03 -19.39 -12.75
N SER D 146 -28.19 -18.36 -12.71
CA SER D 146 -28.36 -17.29 -11.71
C SER D 146 -29.37 -16.23 -12.08
N GLY D 147 -29.55 -15.98 -13.37
CA GLY D 147 -30.52 -14.97 -13.82
C GLY D 147 -30.19 -13.50 -13.52
N VAL D 148 -28.96 -13.22 -13.11
CA VAL D 148 -28.62 -11.84 -12.77
C VAL D 148 -28.57 -10.94 -14.02
N PRO D 149 -28.55 -9.62 -13.82
CA PRO D 149 -28.47 -8.66 -14.94
C PRO D 149 -27.21 -8.98 -15.74
N THR D 150 -27.28 -8.86 -17.06
CA THR D 150 -26.15 -9.20 -17.93
C THR D 150 -24.85 -8.45 -17.64
N ASN D 151 -24.95 -7.29 -17.04
CA ASN D 151 -23.76 -6.50 -16.67
C ASN D 151 -23.20 -6.90 -15.30
N MET D 152 -23.85 -7.83 -14.60
CA MET D 152 -23.40 -8.21 -13.25
C MET D 152 -22.73 -9.57 -13.13
N ILE D 153 -22.30 -10.12 -14.27
CA ILE D 153 -21.61 -11.41 -14.29
C ILE D 153 -20.53 -11.34 -15.34
N CYS D 154 -19.38 -11.95 -15.06
CA CYS D 154 -18.30 -11.97 -16.03
C CYS D 154 -17.38 -13.11 -15.62
N GLY D 155 -16.42 -13.42 -16.49
CA GLY D 155 -15.51 -14.48 -16.13
C GLY D 155 -14.10 -13.94 -16.14
N MET D 156 -13.29 -14.34 -15.16
CA MET D 156 -11.89 -13.91 -15.13
C MET D 156 -11.07 -14.90 -15.98
N ALA D 157 -10.33 -14.37 -16.95
CA ALA D 157 -9.39 -15.18 -17.73
C ALA D 157 -8.44 -14.30 -18.51
N CYS D 158 -8.97 -13.44 -19.38
CA CYS D 158 -8.09 -12.63 -20.21
C CYS D 158 -7.16 -11.67 -19.43
N MET D 159 -7.50 -11.31 -18.20
CA MET D 159 -6.58 -10.40 -17.48
C MET D 159 -5.35 -11.23 -17.14
N LEU D 160 -5.60 -12.51 -16.83
CA LEU D 160 -4.51 -13.45 -16.49
C LEU D 160 -3.68 -13.74 -17.74
N ASP D 161 -4.35 -14.08 -18.83
CA ASP D 161 -3.65 -14.35 -20.10
C ASP D 161 -2.92 -13.08 -20.55
N SER D 162 -3.55 -11.92 -20.38
CA SER D 162 -2.90 -10.67 -20.77
C SER D 162 -1.71 -10.40 -19.82
N GLY D 163 -1.85 -10.80 -18.56
CA GLY D 163 -0.78 -10.57 -17.60
C GLY D 163 0.47 -11.36 -18.02
N ARG D 164 0.23 -12.58 -18.45
CA ARG D 164 1.30 -13.45 -18.93
C ARG D 164 1.99 -12.78 -20.12
N PHE D 165 1.17 -12.37 -21.07
CA PHE D 165 1.57 -11.69 -22.30
C PHE D 165 2.45 -10.47 -21.95
N ARG D 166 1.96 -9.63 -21.02
CA ARG D 166 2.69 -8.44 -20.59
C ARG D 166 4.02 -8.75 -19.88
N ARG D 167 4.02 -9.81 -19.08
CA ARG D 167 5.25 -10.17 -18.38
C ARG D 167 6.37 -10.55 -19.37
N TYR D 168 6.01 -11.35 -20.38
CA TYR D 168 7.01 -11.78 -21.37
C TYR D 168 7.53 -10.59 -22.21
N VAL D 169 6.62 -9.71 -22.61
CA VAL D 169 7.01 -8.53 -23.37
C VAL D 169 7.84 -7.60 -22.47
N ALA D 170 7.42 -7.46 -21.21
CA ALA D 170 8.16 -6.60 -20.25
C ALA D 170 9.60 -7.12 -20.17
N ASP D 171 9.76 -8.44 -20.06
CA ASP D 171 11.12 -9.01 -19.98
C ASP D 171 11.94 -8.76 -21.26
N ALA D 172 11.32 -8.94 -22.43
CA ALA D 172 12.01 -8.73 -23.70
C ALA D 172 12.48 -7.27 -23.86
N LEU D 173 11.69 -6.33 -23.36
CA LEU D 173 11.99 -4.91 -23.49
C LEU D 173 12.76 -4.29 -22.33
N SER D 174 12.85 -5.01 -21.22
CA SER D 174 13.50 -4.51 -20.01
C SER D 174 12.77 -3.30 -19.43
N VAL D 175 11.45 -3.41 -19.30
CA VAL D 175 10.65 -2.34 -18.69
C VAL D 175 9.68 -2.98 -17.67
N SER D 176 9.09 -2.17 -16.81
CA SER D 176 8.13 -2.72 -15.88
C SER D 176 6.85 -3.15 -16.63
N PRO D 177 6.22 -4.26 -16.23
CA PRO D 177 5.00 -4.66 -16.94
C PRO D 177 3.87 -3.66 -16.71
N ARG D 178 4.01 -2.80 -15.70
CA ARG D 178 3.01 -1.73 -15.48
C ARG D 178 2.91 -0.95 -16.78
N ASP D 179 4.04 -0.78 -17.44
CA ASP D 179 4.02 -0.01 -18.69
C ASP D 179 3.93 -0.77 -20.02
N VAL D 180 3.46 -2.02 -19.96
CA VAL D 180 3.24 -2.75 -21.19
C VAL D 180 1.73 -2.98 -21.23
N GLN D 181 1.08 -2.56 -22.31
CA GLN D 181 -0.35 -2.82 -22.49
C GLN D 181 -0.38 -3.93 -23.56
N ALA D 182 -0.78 -5.13 -23.18
CA ALA D 182 -0.87 -6.24 -24.14
C ALA D 182 -2.17 -6.93 -23.77
N THR D 183 -2.94 -7.28 -24.77
CA THR D 183 -4.24 -7.86 -24.56
C THR D 183 -4.43 -9.19 -25.28
N VAL D 184 -5.08 -10.12 -24.59
CA VAL D 184 -5.48 -11.39 -25.15
C VAL D 184 -7.01 -11.33 -25.18
N ILE D 185 -7.61 -11.64 -26.31
CA ILE D 185 -9.09 -11.66 -26.35
C ILE D 185 -9.47 -13.04 -26.81
N GLY D 186 -10.75 -13.35 -26.73
CA GLY D 186 -11.20 -14.66 -27.17
C GLY D 186 -11.53 -15.63 -26.07
N THR D 187 -11.45 -16.92 -26.40
CA THR D 187 -11.73 -17.98 -25.45
C THR D 187 -10.48 -18.39 -24.69
N HIS D 188 -10.61 -18.52 -23.37
CA HIS D 188 -9.47 -18.91 -22.56
C HIS D 188 -9.18 -20.39 -22.82
N GLY D 189 -8.30 -20.64 -23.80
CA GLY D 189 -7.89 -21.98 -24.17
C GLY D 189 -6.81 -21.89 -25.23
N ASP D 190 -6.51 -22.99 -25.93
CA ASP D 190 -5.45 -22.99 -26.95
C ASP D 190 -5.77 -22.06 -28.11
N CYS D 191 -7.03 -21.65 -28.21
CA CYS D 191 -7.41 -20.75 -29.29
C CYS D 191 -7.52 -19.27 -28.89
N MET D 192 -6.99 -18.91 -27.71
CA MET D 192 -7.01 -17.51 -27.27
C MET D 192 -6.22 -16.65 -28.27
N VAL D 193 -6.52 -15.36 -28.34
CA VAL D 193 -5.87 -14.48 -29.29
C VAL D 193 -5.02 -13.37 -28.70
N PRO D 194 -3.69 -13.55 -28.65
CA PRO D 194 -2.86 -12.47 -28.09
C PRO D 194 -2.76 -11.45 -29.22
N LEU D 195 -3.14 -10.20 -28.96
CA LEU D 195 -3.12 -9.19 -30.00
C LEU D 195 -1.77 -8.49 -30.11
N VAL D 196 -0.85 -9.10 -30.83
CA VAL D 196 0.49 -8.54 -30.99
C VAL D 196 0.46 -7.14 -31.57
N ARG D 197 -0.40 -6.93 -32.56
CA ARG D 197 -0.48 -5.63 -33.22
C ARG D 197 -0.90 -4.52 -32.27
N TYR D 198 -1.58 -4.88 -31.20
CA TYR D 198 -2.08 -3.89 -30.23
C TYR D 198 -1.17 -3.71 -29.01
N ILE D 199 0.02 -4.30 -29.04
CA ILE D 199 0.92 -4.16 -27.90
C ILE D 199 1.44 -2.71 -27.84
N THR D 200 1.40 -2.07 -26.66
CA THR D 200 1.98 -0.74 -26.58
C THR D 200 2.86 -0.66 -25.33
N VAL D 201 3.82 0.27 -25.35
CA VAL D 201 4.74 0.50 -24.24
C VAL D 201 4.37 1.92 -23.82
N ASN D 202 3.67 2.04 -22.70
CA ASN D 202 3.12 3.33 -22.27
C ASN D 202 2.46 4.06 -23.44
N GLY D 203 1.65 3.32 -24.20
CA GLY D 203 0.95 3.92 -25.33
C GLY D 203 1.72 4.12 -26.62
N TYR D 204 3.00 3.74 -26.63
CA TYR D 204 3.84 3.88 -27.82
C TYR D 204 3.78 2.54 -28.56
N PRO D 205 3.51 2.57 -29.87
CA PRO D 205 3.39 1.38 -30.70
C PRO D 205 4.60 0.46 -30.60
N ILE D 206 4.34 -0.84 -30.48
CA ILE D 206 5.42 -1.81 -30.40
C ILE D 206 6.23 -1.78 -31.70
N GLN D 207 5.58 -1.39 -32.80
CA GLN D 207 6.27 -1.37 -34.10
C GLN D 207 7.60 -0.59 -34.09
N LYS D 208 7.62 0.59 -33.46
CA LYS D 208 8.87 1.38 -33.41
C LYS D 208 9.96 0.65 -32.61
N PHE D 209 9.56 -0.15 -31.61
CA PHE D 209 10.55 -0.89 -30.85
C PHE D 209 11.13 -2.01 -31.71
N ILE D 210 10.33 -2.53 -32.63
CA ILE D 210 10.84 -3.55 -33.53
C ILE D 210 11.87 -2.87 -34.41
N LYS D 211 11.49 -1.72 -34.97
CA LYS D 211 12.41 -0.99 -35.86
C LYS D 211 13.66 -0.56 -35.14
N ASP D 212 13.54 -0.28 -33.84
CA ASP D 212 14.72 0.14 -33.13
C ASP D 212 15.55 -1.08 -32.73
N GLY D 213 15.07 -2.28 -33.03
CA GLY D 213 15.80 -3.49 -32.73
C GLY D 213 15.76 -3.96 -31.28
N VAL D 214 14.81 -3.46 -30.50
CA VAL D 214 14.70 -3.87 -29.10
C VAL D 214 14.18 -5.30 -29.05
N VAL D 215 13.27 -5.61 -29.97
CA VAL D 215 12.68 -6.95 -30.04
C VAL D 215 12.37 -7.24 -31.52
N THR D 216 12.36 -8.51 -31.92
CA THR D 216 12.10 -8.84 -33.32
C THR D 216 10.67 -9.29 -33.52
N GLU D 217 10.24 -9.29 -34.78
CA GLU D 217 8.88 -9.74 -35.03
C GLU D 217 8.83 -11.22 -34.63
N LYS D 218 9.86 -11.97 -34.98
CA LYS D 218 9.84 -13.39 -34.63
C LYS D 218 9.70 -13.56 -33.11
N GLN D 219 10.42 -12.74 -32.33
CA GLN D 219 10.32 -12.84 -30.87
C GLN D 219 8.91 -12.55 -30.36
N LEU D 220 8.26 -11.53 -30.90
CA LEU D 220 6.91 -11.21 -30.46
C LEU D 220 6.00 -12.39 -30.80
N GLU D 221 6.18 -12.99 -31.97
CA GLU D 221 5.33 -14.12 -32.31
C GLU D 221 5.58 -15.30 -31.33
N GLU D 222 6.84 -15.55 -30.97
CA GLU D 222 7.10 -16.64 -30.02
C GLU D 222 6.47 -16.29 -28.64
N ILE D 223 6.45 -15.00 -28.31
CA ILE D 223 5.86 -14.60 -27.04
C ILE D 223 4.37 -14.86 -27.09
N ALA D 224 3.74 -14.56 -28.22
CA ALA D 224 2.31 -14.82 -28.33
C ALA D 224 2.05 -16.31 -28.14
N GLU D 225 2.91 -17.18 -28.69
CA GLU D 225 2.70 -18.63 -28.53
C GLU D 225 2.90 -19.05 -27.09
N HIS D 226 3.93 -18.52 -26.42
CA HIS D 226 4.19 -18.84 -25.02
C HIS D 226 2.94 -18.48 -24.20
N THR D 227 2.39 -17.30 -24.48
CA THR D 227 1.18 -16.86 -23.80
C THR D 227 0.07 -17.92 -23.88
N LYS D 228 -0.20 -18.40 -25.10
CA LYS D 228 -1.27 -19.38 -25.28
C LYS D 228 -1.09 -20.65 -24.47
N VAL D 229 0.12 -21.14 -24.39
CA VAL D 229 0.36 -22.37 -23.67
C VAL D 229 0.88 -22.24 -22.25
N SER D 230 0.75 -21.04 -21.65
CA SER D 230 1.27 -20.82 -20.29
C SER D 230 0.53 -21.60 -19.21
N GLY D 231 -0.79 -21.76 -19.33
CA GLY D 231 -1.53 -22.53 -18.33
C GLY D 231 -1.01 -23.97 -18.26
N GLY D 232 -0.83 -24.59 -19.42
CA GLY D 232 -0.36 -25.97 -19.48
C GLY D 232 1.08 -26.08 -19.04
N GLU D 233 1.87 -25.06 -19.36
CA GLU D 233 3.27 -25.09 -18.95
C GLU D 233 3.31 -25.23 -17.41
N ILE D 234 2.53 -24.41 -16.74
CA ILE D 234 2.49 -24.45 -15.29
C ILE D 234 1.94 -25.78 -14.79
N VAL D 235 0.87 -26.29 -15.43
CA VAL D 235 0.32 -27.58 -15.02
C VAL D 235 1.46 -28.62 -15.08
N ARG D 236 2.22 -28.60 -16.15
CA ARG D 236 3.29 -29.59 -16.30
C ARG D 236 4.37 -29.50 -15.24
N PHE D 237 4.80 -28.28 -14.92
CA PHE D 237 5.83 -28.07 -13.91
C PHE D 237 5.34 -28.39 -12.53
N LEU D 238 4.10 -28.04 -12.22
CA LEU D 238 3.59 -28.30 -10.90
C LEU D 238 3.39 -29.78 -10.59
N GLY D 239 2.93 -30.56 -11.57
CA GLY D 239 2.68 -31.97 -11.32
C GLY D 239 1.26 -32.22 -10.84
N GLN D 240 0.83 -31.41 -9.89
CA GLN D 240 -0.52 -31.50 -9.37
C GLN D 240 -1.15 -30.13 -9.41
N GLY D 241 -2.44 -30.09 -9.76
CA GLY D 241 -3.13 -28.81 -9.82
C GLY D 241 -2.62 -27.89 -10.92
N SER D 242 -3.07 -26.65 -10.86
CA SER D 242 -2.69 -25.65 -11.86
C SER D 242 -2.39 -24.27 -11.23
N ALA D 243 -2.08 -23.28 -12.06
CA ALA D 243 -1.75 -21.94 -11.59
C ALA D 243 -2.79 -21.36 -10.63
N TYR D 244 -2.34 -20.61 -9.62
CA TYR D 244 -3.30 -19.98 -8.70
C TYR D 244 -2.95 -18.59 -8.16
N TYR D 245 -1.68 -18.24 -8.14
CA TYR D 245 -1.32 -16.91 -7.63
C TYR D 245 -1.78 -15.78 -8.57
N ALA D 246 -1.46 -15.88 -9.87
CA ALA D 246 -1.87 -14.82 -10.78
C ALA D 246 -3.38 -14.91 -11.03
N PRO D 247 -3.94 -16.14 -11.10
CA PRO D 247 -5.39 -16.21 -11.32
C PRO D 247 -6.11 -15.47 -10.17
N ALA D 248 -5.67 -15.71 -8.93
CA ALA D 248 -6.29 -15.06 -7.77
C ALA D 248 -6.16 -13.54 -7.83
N ALA D 249 -4.94 -13.05 -8.13
CA ALA D 249 -4.70 -11.62 -8.18
C ALA D 249 -5.56 -10.97 -9.25
N SER D 250 -5.76 -11.67 -10.36
CA SER D 250 -6.57 -11.18 -11.47
C SER D 250 -8.04 -11.06 -11.05
N ALA D 251 -8.58 -12.10 -10.40
CA ALA D 251 -9.98 -12.06 -9.98
C ALA D 251 -10.25 -10.99 -8.93
N VAL D 252 -9.32 -10.83 -8.00
CA VAL D 252 -9.48 -9.80 -6.97
C VAL D 252 -9.33 -8.40 -7.54
N ALA D 253 -8.46 -8.23 -8.53
CA ALA D 253 -8.32 -6.91 -9.16
C ALA D 253 -9.69 -6.57 -9.82
N MET D 254 -10.33 -7.56 -10.44
CA MET D 254 -11.63 -7.32 -11.07
C MET D 254 -12.67 -6.95 -10.04
N ALA D 255 -12.66 -7.70 -8.94
CA ALA D 255 -13.62 -7.44 -7.87
C ALA D 255 -13.42 -6.07 -7.26
N THR D 256 -12.15 -5.66 -7.13
CA THR D 256 -11.82 -4.35 -6.55
C THR D 256 -12.29 -3.19 -7.44
N SER D 257 -12.13 -3.35 -8.74
CA SER D 257 -12.56 -2.33 -9.72
C SER D 257 -14.07 -2.16 -9.62
N PHE D 258 -14.79 -3.26 -9.34
CA PHE D 258 -16.25 -3.20 -9.12
C PHE D 258 -16.54 -2.52 -7.74
N LEU D 259 -15.97 -3.04 -6.66
CA LEU D 259 -16.26 -2.54 -5.31
C LEU D 259 -15.94 -1.08 -5.02
N ASN D 260 -14.87 -0.58 -5.63
CA ASN D 260 -14.48 0.81 -5.47
C ASN D 260 -14.83 1.62 -6.70
N ASP D 261 -15.59 1.03 -7.60
CA ASP D 261 -16.01 1.74 -8.84
C ASP D 261 -14.80 2.43 -9.52
N GLU D 262 -13.75 1.66 -9.80
CA GLU D 262 -12.51 2.21 -10.39
C GLU D 262 -12.57 2.48 -11.88
N LYS D 263 -13.42 1.74 -12.58
CA LYS D 263 -13.57 1.87 -14.02
C LYS D 263 -12.30 1.50 -14.75
N ARG D 264 -11.63 0.47 -14.25
CA ARG D 264 -10.45 -0.04 -14.93
C ARG D 264 -10.90 -0.72 -16.23
N VAL D 265 -9.99 -0.77 -17.20
CA VAL D 265 -10.23 -1.42 -18.50
C VAL D 265 -9.52 -2.76 -18.37
N ILE D 266 -10.29 -3.80 -18.16
CA ILE D 266 -9.77 -5.15 -17.94
C ILE D 266 -10.45 -6.14 -18.89
N PRO D 267 -9.68 -6.85 -19.70
CA PRO D 267 -10.33 -7.81 -20.60
C PRO D 267 -10.88 -8.92 -19.72
N CYS D 268 -12.12 -9.35 -19.97
CA CYS D 268 -12.71 -10.44 -19.21
C CYS D 268 -13.84 -11.06 -20.03
N SER D 269 -14.33 -12.21 -19.61
CA SER D 269 -15.39 -12.86 -20.36
C SER D 269 -16.72 -12.15 -20.05
N VAL D 270 -17.30 -11.48 -21.06
CA VAL D 270 -18.54 -10.71 -20.86
C VAL D 270 -19.70 -11.07 -21.81
N TYR D 271 -20.91 -10.72 -21.39
CA TYR D 271 -22.11 -11.00 -22.17
C TYR D 271 -22.12 -10.21 -23.47
N CYS D 272 -22.28 -10.92 -24.60
CA CYS D 272 -22.31 -10.30 -25.93
C CYS D 272 -23.71 -9.99 -26.43
N ASN D 273 -23.92 -8.72 -26.78
CA ASN D 273 -25.18 -8.18 -27.30
C ASN D 273 -24.98 -7.80 -28.78
N GLY D 274 -24.18 -8.56 -29.51
CA GLY D 274 -23.94 -8.25 -30.92
C GLY D 274 -22.49 -7.99 -31.36
N GLU D 275 -21.57 -7.88 -30.42
CA GLU D 275 -20.17 -7.64 -30.80
C GLU D 275 -19.69 -8.78 -31.69
N TYR D 276 -19.13 -8.45 -32.86
CA TYR D 276 -18.64 -9.46 -33.82
C TYR D 276 -19.76 -10.39 -34.26
N GLY D 277 -20.98 -9.91 -34.08
CA GLY D 277 -22.13 -10.69 -34.46
C GLY D 277 -22.38 -11.77 -33.44
N LEU D 278 -21.78 -11.63 -32.26
CA LEU D 278 -21.98 -12.63 -31.22
C LEU D 278 -23.18 -12.26 -30.37
N LYS D 279 -24.02 -13.24 -30.05
CA LYS D 279 -25.17 -12.95 -29.22
C LYS D 279 -25.44 -14.11 -28.28
N ASP D 280 -26.04 -13.82 -27.14
CA ASP D 280 -26.39 -14.89 -26.19
C ASP D 280 -25.21 -15.79 -25.80
N MET D 281 -24.04 -15.18 -25.60
CA MET D 281 -22.91 -15.99 -25.16
C MET D 281 -21.90 -15.07 -24.50
N PHE D 282 -20.90 -15.67 -23.87
CA PHE D 282 -19.82 -14.92 -23.22
C PHE D 282 -18.52 -15.25 -23.92
N ILE D 283 -17.66 -14.24 -24.08
CA ILE D 283 -16.34 -14.46 -24.64
C ILE D 283 -15.45 -13.32 -24.13
N GLY D 284 -14.14 -13.58 -24.09
CA GLY D 284 -13.20 -12.60 -23.57
C GLY D 284 -13.02 -11.39 -24.46
N LEU D 285 -13.36 -10.22 -23.92
CA LEU D 285 -13.23 -8.95 -24.63
C LEU D 285 -12.79 -7.84 -23.63
N PRO D 286 -12.21 -6.76 -24.14
CA PRO D 286 -11.77 -5.63 -23.32
C PRO D 286 -13.07 -5.02 -22.79
N ALA D 287 -13.11 -4.73 -21.50
CA ALA D 287 -14.32 -4.16 -20.87
C ALA D 287 -13.92 -3.19 -19.78
N VAL D 288 -14.88 -2.38 -19.36
CA VAL D 288 -14.68 -1.40 -18.28
C VAL D 288 -15.50 -1.96 -17.12
N ILE D 289 -14.86 -2.19 -15.99
CA ILE D 289 -15.53 -2.73 -14.82
C ILE D 289 -15.63 -1.58 -13.81
N GLY D 290 -16.85 -1.25 -13.42
CA GLY D 290 -17.04 -0.20 -12.43
C GLY D 290 -18.13 -0.55 -11.40
N GLY D 291 -18.56 0.45 -10.65
CA GLY D 291 -19.58 0.20 -9.63
C GLY D 291 -20.89 -0.31 -10.19
N ALA D 292 -21.09 -0.21 -11.52
CA ALA D 292 -22.32 -0.75 -12.14
C ALA D 292 -22.01 -2.06 -12.90
N GLY D 293 -20.89 -2.69 -12.51
CA GLY D 293 -20.47 -3.94 -13.13
C GLY D 293 -19.81 -3.70 -14.47
N ILE D 294 -20.17 -4.49 -15.47
CA ILE D 294 -19.57 -4.29 -16.78
C ILE D 294 -20.24 -3.05 -17.38
N GLU D 295 -19.47 -1.97 -17.50
CA GLU D 295 -19.98 -0.69 -17.97
C GLU D 295 -19.77 -0.41 -19.43
N ARG D 296 -18.83 -1.10 -20.06
CA ARG D 296 -18.64 -0.93 -21.50
C ARG D 296 -17.92 -2.15 -22.04
N VAL D 297 -18.25 -2.55 -23.27
CA VAL D 297 -17.53 -3.68 -23.87
C VAL D 297 -16.91 -3.05 -25.07
N ILE D 298 -15.62 -3.29 -25.26
CA ILE D 298 -14.90 -2.68 -26.36
C ILE D 298 -14.74 -3.67 -27.52
N GLU D 299 -15.13 -3.23 -28.72
CA GLU D 299 -15.07 -4.07 -29.93
C GLU D 299 -14.01 -3.58 -30.92
N LEU D 300 -12.77 -4.01 -30.68
CA LEU D 300 -11.61 -3.62 -31.47
C LEU D 300 -11.70 -4.01 -32.93
N GLU D 301 -11.10 -3.20 -33.77
CA GLU D 301 -11.00 -3.48 -35.19
C GLU D 301 -9.94 -4.58 -35.32
N LEU D 302 -10.25 -5.69 -35.97
CA LEU D 302 -9.28 -6.78 -36.15
C LEU D 302 -8.79 -6.89 -37.61
N ASN D 303 -7.51 -7.23 -37.80
CA ASN D 303 -7.00 -7.38 -39.17
C ASN D 303 -7.33 -8.82 -39.62
N GLU D 304 -6.89 -9.20 -40.81
CA GLU D 304 -7.24 -10.52 -41.33
C GLU D 304 -6.83 -11.70 -40.46
N GLU D 305 -5.59 -11.71 -40.03
CA GLU D 305 -5.05 -12.79 -39.18
C GLU D 305 -5.79 -12.83 -37.84
N GLU D 306 -5.99 -11.66 -37.23
CA GLU D 306 -6.69 -11.60 -35.95
C GLU D 306 -8.10 -12.17 -36.11
N LYS D 307 -8.78 -11.80 -37.20
CA LYS D 307 -10.13 -12.32 -37.40
C LYS D 307 -10.13 -13.84 -37.51
N LYS D 308 -9.16 -14.36 -38.24
CA LYS D 308 -9.05 -15.80 -38.42
C LYS D 308 -8.88 -16.48 -37.05
N GLN D 309 -7.96 -15.93 -36.26
CA GLN D 309 -7.71 -16.50 -34.96
C GLN D 309 -8.92 -16.32 -34.04
N PHE D 310 -9.58 -15.17 -34.12
CA PHE D 310 -10.76 -14.96 -33.25
C PHE D 310 -11.90 -15.90 -33.61
N GLN D 311 -12.09 -16.17 -34.90
CA GLN D 311 -13.17 -17.09 -35.30
C GLN D 311 -12.92 -18.48 -34.70
N LYS D 312 -11.65 -18.90 -34.64
CA LYS D 312 -11.37 -20.21 -34.05
C LYS D 312 -11.74 -20.16 -32.57
N SER D 313 -11.47 -19.01 -31.95
CA SER D 313 -11.81 -18.84 -30.54
C SER D 313 -13.34 -18.97 -30.42
N VAL D 314 -14.07 -18.25 -31.27
CA VAL D 314 -15.53 -18.31 -31.25
C VAL D 314 -16.02 -19.76 -31.49
N ASP D 315 -15.45 -20.43 -32.50
CA ASP D 315 -15.86 -21.81 -32.80
C ASP D 315 -15.67 -22.69 -31.54
N ASP D 316 -14.55 -22.52 -30.84
CA ASP D 316 -14.25 -23.30 -29.63
C ASP D 316 -15.37 -23.18 -28.58
N VAL D 317 -15.71 -21.96 -28.19
CA VAL D 317 -16.75 -21.82 -27.15
C VAL D 317 -18.14 -22.15 -27.63
N MET D 318 -18.42 -21.90 -28.90
CA MET D 318 -19.74 -22.26 -29.39
C MET D 318 -19.89 -23.79 -29.32
N ALA D 319 -18.84 -24.52 -29.65
CA ALA D 319 -18.94 -25.98 -29.55
C ALA D 319 -19.17 -26.40 -28.09
N LEU D 320 -18.52 -25.71 -27.15
CA LEU D 320 -18.68 -26.05 -25.75
C LEU D 320 -20.10 -25.76 -25.29
N ASN D 321 -20.61 -24.58 -25.64
CA ASN D 321 -21.95 -24.25 -25.24
C ASN D 321 -22.97 -25.24 -25.83
N LYS D 322 -22.70 -25.73 -27.05
CA LYS D 322 -23.61 -26.69 -27.68
C LYS D 322 -23.53 -27.97 -26.88
N ALA D 323 -22.31 -28.33 -26.48
CA ALA D 323 -22.07 -29.54 -25.69
C ALA D 323 -22.79 -29.52 -24.33
N VAL D 324 -22.78 -28.35 -23.67
CA VAL D 324 -23.43 -28.20 -22.38
C VAL D 324 -24.91 -28.35 -22.56
N ALA D 325 -25.44 -27.70 -23.58
CA ALA D 325 -26.85 -27.75 -23.87
C ALA D 325 -27.30 -29.22 -23.96
N ALA D 326 -26.50 -30.06 -24.62
CA ALA D 326 -26.82 -31.47 -24.76
C ALA D 326 -26.85 -32.20 -23.42
N LEU D 327 -26.03 -31.73 -22.48
CA LEU D 327 -25.92 -32.34 -21.15
C LEU D 327 -26.97 -31.96 -20.10
N GLN D 328 -27.48 -30.73 -20.14
CA GLN D 328 -28.45 -30.28 -19.14
C GLN D 328 -29.37 -29.17 -19.66
#